data_7ZD1
#
_entry.id   7ZD1
#
_cell.length_a   177.418
_cell.length_b   134.199
_cell.length_c   108.729
_cell.angle_alpha   90.000
_cell.angle_beta   105.950
_cell.angle_gamma   90.000
#
_symmetry.space_group_name_H-M   'C 1 2 1'
#
loop_
_entity.id
_entity.type
_entity.pdbx_description
1 polymer Adenosylhomocysteinase
2 non-polymer NICOTINAMIDE-ADENINE-DINUCLEOTIDE
3 non-polymer ADENOSINE
4 non-polymer 1,4-BUTANEDIOL
5 non-polymer 1,3-PROPANDIOL
6 non-polymer 'POTASSIUM ION'
7 non-polymer 'MERCURY (II) ION'
8 non-polymer 'CHLORIDE ION'
9 water water
#
_entity_poly.entity_id   1
_entity_poly.type   'polypeptide(L)'
_entity_poly.pdbx_seq_one_letter_code
;SNAMSAVMTPAGFTDYKVADITLAAWGRRELIIAESEMPALMGLRRKYAGQQPLKGAKILGCIHMTIQTGVLIETLVALG
AEVRWSSCNIFSTQDQAAAAIAAAGIPVFAWKGETEEEYEWCIEQTILKDGQPWDANMVLDDGGDLTEILHKKYPQMLER
IHGITEETTTGVHRLLDMLKNGTLKVPAINVNDSVTKSKNDNKYGCRHSLNDAIKRGTDHLLSGKQALVIGYGDVGKGSS
QSLRQEGMIVKVAEVDPICAMQACMDGFEVVSPYKNGINDGTEASIDAALLGKIDLIVTTTGNVNVCDANMLKALKKRAV
VCNIGHFDNEIDTAFMRKNWAWEEVKPQVHKIHRTGKDGFDAHNDDYLILLAEGRLVNLGNATGHPSRIMDGSFANQVLA
QIHLFEQKYADLPAAEKAKRLSVEVLPKKLDEEVALEMVKGFGGVVTQLTPKQAEYIGVSVEGPFKPDTYRY
;
_entity_poly.pdbx_strand_id   A,B,C,D
#
loop_
_chem_comp.id
_chem_comp.type
_chem_comp.name
_chem_comp.formula
ADN non-polymer ADENOSINE 'C10 H13 N5 O4'
BU1 non-polymer 1,4-BUTANEDIOL 'C4 H10 O2'
CL non-polymer 'CHLORIDE ION' 'Cl -1'
HG non-polymer 'MERCURY (II) ION' 'Hg 2'
K non-polymer 'POTASSIUM ION' 'K 1'
NAD non-polymer NICOTINAMIDE-ADENINE-DINUCLEOTIDE 'C21 H27 N7 O14 P2'
PDO non-polymer 1,3-PROPANDIOL 'C3 H8 O2'
#
# COMPACT_ATOMS: atom_id res chain seq x y z
N GLY A 12 2.80 -8.01 -54.07
CA GLY A 12 2.07 -9.32 -54.08
C GLY A 12 2.61 -10.25 -53.02
N PHE A 13 3.01 -9.74 -51.85
CA PHE A 13 3.36 -10.64 -50.71
C PHE A 13 2.08 -11.36 -50.25
N THR A 14 2.09 -12.71 -50.14
CA THR A 14 0.92 -13.50 -49.66
C THR A 14 1.29 -14.56 -48.61
N ASP A 15 2.54 -14.61 -48.19
CA ASP A 15 3.08 -15.69 -47.30
C ASP A 15 2.76 -15.38 -45.84
N TYR A 16 1.47 -15.35 -45.48
CA TYR A 16 0.96 -14.98 -44.14
C TYR A 16 -0.45 -15.47 -44.01
N LYS A 17 -0.92 -15.48 -42.77
CA LYS A 17 -2.35 -15.62 -42.54
C LYS A 17 -2.65 -14.89 -41.23
N VAL A 18 -3.52 -13.89 -41.35
CA VAL A 18 -3.94 -13.03 -40.21
C VAL A 18 -5.46 -12.85 -40.30
N ALA A 19 -6.07 -12.36 -39.24
CA ALA A 19 -7.53 -12.15 -39.16
C ALA A 19 -7.98 -11.15 -40.22
N ASP A 20 -7.25 -10.05 -40.39
CA ASP A 20 -7.75 -8.88 -41.15
C ASP A 20 -6.57 -7.94 -41.41
N ILE A 21 -6.03 -8.01 -42.63
CA ILE A 21 -4.86 -7.19 -43.06
C ILE A 21 -5.18 -5.68 -42.96
N THR A 22 -6.46 -5.28 -42.98
CA THR A 22 -6.88 -3.85 -42.96
C THR A 22 -6.62 -3.26 -41.57
N LEU A 23 -6.25 -4.09 -40.59
CA LEU A 23 -5.92 -3.59 -39.23
C LEU A 23 -4.46 -3.15 -39.18
N ALA A 24 -3.71 -3.26 -40.27
CA ALA A 24 -2.27 -2.97 -40.30
C ALA A 24 -2.00 -1.54 -39.86
N ALA A 25 -2.72 -0.55 -40.37
CA ALA A 25 -2.37 0.86 -40.09
C ALA A 25 -2.52 1.10 -38.58
N TRP A 26 -3.59 0.57 -37.98
CA TRP A 26 -3.81 0.65 -36.49
C TRP A 26 -2.63 -0.03 -35.78
N GLY A 27 -2.25 -1.24 -36.18
CA GLY A 27 -1.06 -1.91 -35.61
C GLY A 27 0.18 -1.09 -35.74
N ARG A 28 0.36 -0.45 -36.88
CA ARG A 28 1.59 0.37 -37.07
C ARG A 28 1.56 1.56 -36.10
N ARG A 29 0.42 2.22 -35.95
CA ARG A 29 0.34 3.37 -34.99
C ARG A 29 0.73 2.89 -33.60
N GLU A 30 0.24 1.72 -33.20
CA GLU A 30 0.58 1.15 -31.86
C GLU A 30 2.04 0.71 -31.78
N LEU A 31 2.64 0.16 -32.84
CA LEU A 31 4.08 -0.13 -32.85
C LEU A 31 4.91 1.13 -32.64
N ILE A 32 4.55 2.23 -33.31
CA ILE A 32 5.31 3.48 -33.16
C ILE A 32 5.22 3.97 -31.71
N ILE A 33 4.08 3.89 -31.07
CA ILE A 33 4.00 4.22 -29.61
C ILE A 33 4.87 3.24 -28.80
N ALA A 34 4.81 1.96 -29.13
CA ALA A 34 5.53 0.92 -28.34
C ALA A 34 7.04 1.17 -28.42
N GLU A 35 7.57 1.54 -29.59
CA GLU A 35 9.01 1.86 -29.74
C GLU A 35 9.41 2.88 -28.67
N SER A 36 8.56 3.87 -28.41
CA SER A 36 8.91 4.92 -27.42
C SER A 36 8.87 4.39 -25.99
N GLU A 37 8.21 3.25 -25.76
CA GLU A 37 8.13 2.59 -24.44
C GLU A 37 9.12 1.46 -24.26
N MET A 38 9.99 1.21 -25.26
CA MET A 38 10.94 0.08 -25.20
C MET A 38 12.34 0.55 -25.48
N PRO A 39 12.95 1.30 -24.53
CA PRO A 39 14.25 1.89 -24.80
C PRO A 39 15.40 0.86 -24.84
N ALA A 40 15.34 -0.23 -24.08
CA ALA A 40 16.41 -1.27 -24.12
C ALA A 40 16.40 -1.90 -25.51
N LEU A 41 15.24 -2.26 -26.02
CA LEU A 41 15.15 -2.92 -27.33
C LEU A 41 15.49 -1.92 -28.46
N MET A 42 14.92 -0.72 -28.38
N MET A 42 15.06 -0.69 -28.38
CA MET A 42 15.31 0.43 -29.25
CA MET A 42 15.41 0.29 -29.43
C MET A 42 16.83 0.54 -29.28
C MET A 42 16.86 0.74 -29.29
N GLY A 43 17.44 0.69 -28.10
CA GLY A 43 18.87 0.92 -27.93
C GLY A 43 19.68 -0.14 -28.63
N LEU A 44 19.26 -1.41 -28.52
CA LEU A 44 19.91 -2.51 -29.29
C LEU A 44 19.80 -2.30 -30.79
N ARG A 45 18.63 -1.95 -31.29
CA ARG A 45 18.43 -1.63 -32.71
C ARG A 45 19.48 -0.59 -33.13
N ARG A 46 19.66 0.49 -32.38
CA ARG A 46 20.60 1.60 -32.71
C ARG A 46 22.04 1.12 -32.56
N LYS A 47 22.37 0.40 -31.50
CA LYS A 47 23.77 -0.04 -31.23
C LYS A 47 24.24 -0.97 -32.35
N TYR A 48 23.40 -1.89 -32.81
CA TYR A 48 23.83 -3.03 -33.65
C TYR A 48 23.44 -2.91 -35.11
N ALA A 49 22.64 -1.92 -35.53
CA ALA A 49 22.12 -1.82 -36.92
C ALA A 49 23.29 -1.80 -37.90
N GLY A 50 24.38 -1.07 -37.60
CA GLY A 50 25.52 -0.90 -38.52
C GLY A 50 26.22 -2.23 -38.74
N GLN A 51 26.31 -3.04 -37.68
CA GLN A 51 27.11 -4.29 -37.71
C GLN A 51 26.26 -5.49 -38.20
N GLN A 52 24.93 -5.38 -38.25
CA GLN A 52 24.06 -6.47 -38.76
C GLN A 52 24.49 -7.81 -38.17
N PRO A 53 24.48 -7.97 -36.85
CA PRO A 53 24.95 -9.21 -36.24
C PRO A 53 24.06 -10.44 -36.53
N LEU A 54 22.83 -10.26 -37.00
CA LEU A 54 21.93 -11.36 -37.35
C LEU A 54 21.78 -11.49 -38.86
N LYS A 55 22.69 -10.90 -39.64
CA LYS A 55 22.76 -11.14 -41.10
C LYS A 55 22.93 -12.67 -41.32
N GLY A 56 22.01 -13.28 -42.07
CA GLY A 56 22.03 -14.72 -42.37
C GLY A 56 21.22 -15.52 -41.37
N ALA A 57 20.75 -14.92 -40.26
CA ALA A 57 19.91 -15.67 -39.28
C ALA A 57 18.52 -15.85 -39.87
N LYS A 58 17.97 -17.04 -39.68
CA LYS A 58 16.65 -17.43 -40.18
C LYS A 58 15.93 -17.99 -38.98
N ILE A 59 15.12 -17.17 -38.36
CA ILE A 59 14.53 -17.44 -37.02
C ILE A 59 13.10 -17.92 -37.16
N LEU A 60 12.86 -19.12 -36.65
CA LEU A 60 11.50 -19.59 -36.35
C LEU A 60 11.13 -18.97 -35.00
N GLY A 61 10.02 -18.20 -34.98
CA GLY A 61 9.54 -17.59 -33.75
C GLY A 61 8.16 -18.06 -33.42
N CYS A 62 7.93 -18.40 -32.15
CA CYS A 62 6.62 -18.88 -31.62
C CYS A 62 6.43 -18.18 -30.28
N ILE A 63 5.79 -17.06 -30.31
CA ILE A 63 5.55 -16.24 -29.07
C ILE A 63 4.39 -15.32 -29.38
N HIS A 64 3.50 -15.17 -28.41
CA HIS A 64 2.29 -14.31 -28.44
C HIS A 64 2.47 -13.14 -29.41
N MET A 65 1.63 -13.08 -30.41
CA MET A 65 1.76 -12.09 -31.52
C MET A 65 1.05 -10.79 -31.12
N THR A 66 1.69 -10.12 -30.17
CA THR A 66 1.25 -8.84 -29.59
C THR A 66 2.00 -7.71 -30.29
N ILE A 67 1.63 -6.49 -29.95
CA ILE A 67 2.39 -5.29 -30.35
C ILE A 67 3.83 -5.41 -29.84
N GLN A 68 4.05 -5.92 -28.64
CA GLN A 68 5.39 -5.95 -28.05
C GLN A 68 6.22 -6.89 -28.89
N THR A 69 5.65 -8.06 -29.21
CA THR A 69 6.32 -9.06 -30.05
C THR A 69 6.67 -8.42 -31.43
N GLY A 70 5.83 -7.58 -31.95
CA GLY A 70 6.05 -6.83 -33.18
C GLY A 70 7.32 -6.02 -33.09
N VAL A 71 7.52 -5.32 -31.97
CA VAL A 71 8.76 -4.52 -31.84
C VAL A 71 9.96 -5.48 -31.79
N LEU A 72 9.84 -6.61 -31.10
CA LEU A 72 10.92 -7.63 -31.06
C LEU A 72 11.21 -8.10 -32.49
N ILE A 73 10.18 -8.50 -33.23
CA ILE A 73 10.35 -9.04 -34.62
C ILE A 73 11.07 -7.98 -35.47
N GLU A 74 10.62 -6.74 -35.42
CA GLU A 74 11.21 -5.67 -36.26
C GLU A 74 12.62 -5.35 -35.80
N THR A 75 12.97 -5.58 -34.54
CA THR A 75 14.37 -5.43 -34.07
C THR A 75 15.24 -6.56 -34.65
N LEU A 76 14.79 -7.81 -34.57
CA LEU A 76 15.54 -8.94 -35.18
C LEU A 76 15.79 -8.64 -36.68
N VAL A 77 14.76 -8.22 -37.40
CA VAL A 77 14.83 -7.91 -38.86
C VAL A 77 15.79 -6.73 -39.07
N ALA A 78 15.73 -5.69 -38.22
CA ALA A 78 16.61 -4.52 -38.38
C ALA A 78 18.07 -4.90 -38.21
N LEU A 79 18.34 -5.97 -37.46
CA LEU A 79 19.72 -6.43 -37.17
C LEU A 79 20.12 -7.48 -38.21
N GLY A 80 19.28 -7.77 -39.19
CA GLY A 80 19.68 -8.63 -40.33
C GLY A 80 18.89 -9.91 -40.49
N ALA A 81 18.09 -10.29 -39.53
CA ALA A 81 17.40 -11.60 -39.54
C ALA A 81 16.26 -11.61 -40.54
N GLU A 82 15.92 -12.80 -41.03
CA GLU A 82 14.62 -13.16 -41.61
C GLU A 82 13.92 -14.01 -40.55
N VAL A 83 12.61 -13.91 -40.46
CA VAL A 83 11.81 -14.71 -39.53
C VAL A 83 10.61 -15.32 -40.24
N ARG A 84 10.08 -16.36 -39.60
CA ARG A 84 8.73 -16.87 -39.86
C ARG A 84 8.07 -17.05 -38.48
N TRP A 85 6.89 -16.48 -38.31
CA TRP A 85 6.30 -16.30 -36.96
C TRP A 85 4.92 -16.94 -36.78
N SER A 86 4.69 -17.47 -35.57
CA SER A 86 3.37 -17.92 -35.08
C SER A 86 3.16 -17.45 -33.64
N SER A 87 1.93 -17.48 -33.15
CA SER A 87 1.67 -17.19 -31.70
C SER A 87 1.81 -18.52 -30.96
N CYS A 88 2.11 -18.45 -29.67
CA CYS A 88 2.18 -19.64 -28.81
C CYS A 88 0.90 -19.83 -28.03
N ASN A 89 -0.17 -19.12 -28.35
CA ASN A 89 -1.45 -19.34 -27.64
C ASN A 89 -2.58 -18.97 -28.59
N ILE A 90 -3.66 -19.71 -28.49
CA ILE A 90 -4.86 -19.51 -29.35
C ILE A 90 -5.53 -18.16 -29.12
N PHE A 91 -5.37 -17.52 -27.95
CA PHE A 91 -6.10 -16.27 -27.68
C PHE A 91 -5.19 -15.06 -27.49
N SER A 92 -3.89 -15.19 -27.62
CA SER A 92 -2.95 -14.11 -27.20
C SER A 92 -2.65 -13.13 -28.33
N THR A 93 -2.91 -13.48 -29.58
CA THR A 93 -2.62 -12.58 -30.72
C THR A 93 -3.42 -11.26 -30.55
N GLN A 94 -2.76 -10.13 -30.80
CA GLN A 94 -3.45 -8.87 -31.12
C GLN A 94 -3.55 -8.78 -32.63
N ASP A 95 -4.74 -8.80 -33.20
CA ASP A 95 -4.88 -8.94 -34.68
C ASP A 95 -4.29 -7.72 -35.42
N GLN A 96 -4.25 -6.55 -34.78
CA GLN A 96 -3.66 -5.36 -35.41
C GLN A 96 -2.15 -5.55 -35.47
N ALA A 97 -1.54 -6.20 -34.48
CA ALA A 97 -0.08 -6.41 -34.50
C ALA A 97 0.26 -7.39 -35.61
N ALA A 98 -0.44 -8.51 -35.67
CA ALA A 98 -0.22 -9.53 -36.72
C ALA A 98 -0.36 -8.87 -38.08
N ALA A 99 -1.43 -8.08 -38.29
CA ALA A 99 -1.65 -7.37 -39.57
C ALA A 99 -0.44 -6.48 -39.92
N ALA A 100 0.05 -5.66 -38.96
CA ALA A 100 1.18 -4.76 -39.23
C ALA A 100 2.44 -5.55 -39.65
N ILE A 101 2.71 -6.69 -39.01
CA ILE A 101 3.90 -7.49 -39.37
C ILE A 101 3.72 -8.08 -40.79
N ALA A 102 2.54 -8.61 -41.12
CA ALA A 102 2.27 -9.15 -42.46
C ALA A 102 2.41 -8.02 -43.49
N ALA A 103 1.97 -6.82 -43.16
CA ALA A 103 2.00 -5.67 -44.09
C ALA A 103 3.44 -5.19 -44.32
N ALA A 104 4.38 -5.54 -43.44
CA ALA A 104 5.82 -5.22 -43.54
C ALA A 104 6.52 -6.30 -44.35
N GLY A 105 5.77 -7.30 -44.82
CA GLY A 105 6.35 -8.34 -45.69
C GLY A 105 7.00 -9.44 -44.89
N ILE A 106 6.53 -9.68 -43.69
CA ILE A 106 7.16 -10.67 -42.77
C ILE A 106 6.15 -11.79 -42.65
N PRO A 107 6.54 -13.06 -42.89
CA PRO A 107 5.61 -14.17 -42.71
C PRO A 107 5.20 -14.38 -41.24
N VAL A 108 3.90 -14.28 -41.04
CA VAL A 108 3.23 -14.46 -39.74
C VAL A 108 1.93 -15.19 -39.98
N PHE A 109 1.72 -16.17 -39.12
CA PHE A 109 0.49 -17.01 -39.08
C PHE A 109 -0.07 -16.94 -37.67
N ALA A 110 -1.07 -16.08 -37.46
CA ALA A 110 -1.58 -15.81 -36.11
C ALA A 110 -2.88 -14.99 -36.16
N TRP A 111 -3.84 -15.43 -35.37
CA TRP A 111 -5.08 -14.63 -35.11
C TRP A 111 -5.60 -14.97 -33.73
N LYS A 112 -6.33 -14.04 -33.18
CA LYS A 112 -6.99 -14.25 -31.89
C LYS A 112 -8.20 -15.16 -32.09
N GLY A 113 -8.24 -16.21 -31.31
CA GLY A 113 -9.38 -17.16 -31.26
C GLY A 113 -9.15 -18.31 -32.24
N GLU A 114 -7.93 -18.77 -32.39
CA GLU A 114 -7.60 -19.98 -33.19
C GLU A 114 -8.29 -21.18 -32.53
N THR A 115 -8.66 -22.20 -33.32
CA THR A 115 -8.87 -23.56 -32.79
C THR A 115 -7.50 -24.22 -32.51
N GLU A 116 -7.49 -25.34 -31.78
CA GLU A 116 -6.23 -26.12 -31.57
C GLU A 116 -5.67 -26.58 -32.93
N GLU A 117 -6.53 -27.00 -33.85
CA GLU A 117 -6.12 -27.48 -35.20
C GLU A 117 -5.46 -26.29 -35.94
N GLU A 118 -6.06 -25.09 -35.85
CA GLU A 118 -5.49 -23.90 -36.52
C GLU A 118 -4.14 -23.52 -35.89
N TYR A 119 -4.02 -23.64 -34.58
CA TYR A 119 -2.78 -23.37 -33.83
C TYR A 119 -1.64 -24.20 -34.40
N GLU A 120 -1.86 -25.49 -34.56
CA GLU A 120 -0.81 -26.46 -35.00
C GLU A 120 -0.46 -26.11 -36.45
N TRP A 121 -1.47 -25.77 -37.25
CA TRP A 121 -1.30 -25.41 -38.68
C TRP A 121 -0.40 -24.20 -38.77
N CYS A 122 -0.64 -23.17 -37.93
CA CYS A 122 0.17 -21.93 -37.97
C CYS A 122 1.62 -22.29 -37.69
N ILE A 123 1.89 -23.10 -36.67
CA ILE A 123 3.31 -23.44 -36.37
C ILE A 123 3.91 -24.14 -37.59
N GLU A 124 3.19 -25.06 -38.20
CA GLU A 124 3.71 -25.80 -39.36
C GLU A 124 3.94 -24.83 -40.52
N GLN A 125 3.14 -23.76 -40.66
CA GLN A 125 3.39 -22.78 -41.74
C GLN A 125 4.69 -22.01 -41.48
N THR A 126 5.20 -21.87 -40.25
CA THR A 126 6.53 -21.25 -40.04
C THR A 126 7.64 -22.25 -40.46
N ILE A 127 7.47 -23.49 -40.07
CA ILE A 127 8.50 -24.58 -40.26
C ILE A 127 8.70 -24.85 -41.76
N LEU A 128 7.62 -24.86 -42.52
CA LEU A 128 7.63 -25.18 -43.96
C LEU A 128 7.49 -23.89 -44.76
N LYS A 129 8.31 -23.69 -45.79
CA LYS A 129 8.13 -22.65 -46.82
C LYS A 129 7.91 -23.32 -48.17
N ASP A 130 6.81 -23.01 -48.84
CA ASP A 130 6.44 -23.64 -50.15
C ASP A 130 6.48 -25.17 -49.99
N GLY A 131 5.95 -25.71 -48.89
CA GLY A 131 5.68 -27.15 -48.66
C GLY A 131 6.90 -27.96 -48.25
N GLN A 132 8.08 -27.36 -48.09
CA GLN A 132 9.30 -28.05 -47.64
C GLN A 132 9.92 -27.32 -46.46
N PRO A 133 10.78 -27.97 -45.67
CA PRO A 133 11.45 -27.29 -44.54
C PRO A 133 12.09 -25.99 -44.97
N TRP A 134 11.78 -24.91 -44.25
CA TRP A 134 12.52 -23.63 -44.38
C TRP A 134 13.98 -23.86 -43.94
N ASP A 135 14.88 -23.02 -44.46
CA ASP A 135 16.32 -23.05 -44.10
C ASP A 135 16.48 -22.28 -42.79
N ALA A 136 15.76 -22.72 -41.75
CA ALA A 136 15.83 -22.12 -40.40
C ALA A 136 17.24 -22.38 -39.83
N ASN A 137 17.75 -21.48 -39.03
CA ASN A 137 18.98 -21.74 -38.29
C ASN A 137 18.92 -21.22 -36.86
N MET A 138 17.78 -20.71 -36.41
CA MET A 138 17.62 -20.21 -35.01
C MET A 138 16.17 -20.46 -34.62
N VAL A 139 15.93 -20.58 -33.31
CA VAL A 139 14.57 -20.75 -32.75
C VAL A 139 14.41 -19.74 -31.61
N LEU A 140 13.24 -19.08 -31.59
CA LEU A 140 12.82 -18.20 -30.47
C LEU A 140 11.45 -18.72 -30.05
N ASP A 141 11.37 -19.25 -28.83
CA ASP A 141 10.18 -19.99 -28.35
C ASP A 141 9.70 -19.41 -27.02
N ASP A 142 8.44 -19.62 -26.76
CA ASP A 142 7.80 -19.25 -25.49
C ASP A 142 6.89 -20.42 -25.16
N GLY A 143 7.35 -21.29 -24.27
CA GLY A 143 6.58 -22.41 -23.72
C GLY A 143 7.03 -23.75 -24.27
N GLY A 144 7.86 -23.79 -25.31
CA GLY A 144 8.45 -25.05 -25.80
C GLY A 144 7.67 -25.80 -26.88
N ASP A 145 6.51 -25.33 -27.35
CA ASP A 145 5.67 -26.12 -28.32
C ASP A 145 6.41 -26.25 -29.66
N LEU A 146 7.02 -25.17 -30.14
CA LEU A 146 7.82 -25.18 -31.40
C LEU A 146 9.03 -26.09 -31.19
N THR A 147 9.72 -25.94 -30.06
CA THR A 147 10.92 -26.73 -29.72
C THR A 147 10.57 -28.24 -29.78
N GLU A 148 9.44 -28.61 -29.20
CA GLU A 148 9.00 -30.02 -29.12
C GLU A 148 8.73 -30.52 -30.54
N ILE A 149 7.98 -29.76 -31.34
CA ILE A 149 7.60 -30.19 -32.72
C ILE A 149 8.87 -30.44 -33.51
N LEU A 150 9.85 -29.55 -33.42
CA LEU A 150 11.10 -29.69 -34.18
C LEU A 150 11.82 -30.96 -33.75
N HIS A 151 11.90 -31.24 -32.46
CA HIS A 151 12.61 -32.43 -31.94
C HIS A 151 11.88 -33.71 -32.39
N LYS A 152 10.55 -33.73 -32.36
CA LYS A 152 9.76 -34.97 -32.60
C LYS A 152 9.59 -35.17 -34.09
N LYS A 153 9.42 -34.11 -34.87
CA LYS A 153 8.92 -34.27 -36.27
C LYS A 153 9.95 -33.76 -37.30
N TYR A 154 10.89 -32.90 -36.92
CA TYR A 154 11.82 -32.28 -37.88
C TYR A 154 13.26 -32.35 -37.42
N PRO A 155 13.79 -33.52 -36.95
CA PRO A 155 15.18 -33.60 -36.51
C PRO A 155 16.23 -33.14 -37.54
N GLN A 156 15.96 -33.37 -38.83
CA GLN A 156 16.94 -32.95 -39.87
C GLN A 156 17.07 -31.42 -39.84
N MET A 157 15.99 -30.70 -39.56
CA MET A 157 16.06 -29.20 -39.45
C MET A 157 16.92 -28.78 -38.24
N LEU A 158 16.89 -29.53 -37.12
CA LEU A 158 17.70 -29.15 -35.94
C LEU A 158 19.18 -29.27 -36.23
N GLU A 159 19.59 -30.12 -37.18
CA GLU A 159 21.02 -30.26 -37.51
C GLU A 159 21.62 -28.91 -37.86
N ARG A 160 20.86 -28.03 -38.55
CA ARG A 160 21.36 -26.75 -39.10
C ARG A 160 20.89 -25.58 -38.23
N ILE A 161 20.33 -25.85 -37.07
CA ILE A 161 19.92 -24.78 -36.10
C ILE A 161 21.03 -24.58 -35.05
N HIS A 162 21.40 -23.33 -34.79
CA HIS A 162 22.50 -22.98 -33.87
C HIS A 162 22.02 -22.87 -32.42
N GLY A 163 20.71 -22.74 -32.17
CA GLY A 163 20.28 -22.49 -30.80
C GLY A 163 18.81 -22.15 -30.70
N ILE A 164 18.34 -22.27 -29.45
CA ILE A 164 16.97 -21.92 -29.02
C ILE A 164 17.09 -20.84 -27.95
N THR A 165 16.25 -19.81 -28.03
CA THR A 165 16.13 -18.83 -26.95
C THR A 165 14.72 -18.92 -26.40
N GLU A 166 14.60 -19.33 -25.14
CA GLU A 166 13.32 -19.69 -24.54
C GLU A 166 12.90 -18.63 -23.53
N GLU A 167 11.66 -18.16 -23.72
CA GLU A 167 11.08 -17.04 -22.97
C GLU A 167 10.66 -17.39 -21.54
N THR A 168 10.04 -18.55 -21.27
CA THR A 168 9.16 -18.66 -20.10
C THR A 168 9.53 -19.87 -19.22
N THR A 169 9.19 -19.78 -17.95
CA THR A 169 9.50 -20.76 -16.92
C THR A 169 9.13 -22.16 -17.42
N THR A 170 7.91 -22.34 -17.93
CA THR A 170 7.45 -23.67 -18.39
C THR A 170 8.36 -24.19 -19.53
N GLY A 171 8.71 -23.34 -20.49
CA GLY A 171 9.59 -23.76 -21.59
C GLY A 171 10.96 -24.16 -21.10
N VAL A 172 11.52 -23.43 -20.13
CA VAL A 172 12.85 -23.75 -19.59
C VAL A 172 12.75 -25.12 -18.89
N HIS A 173 11.72 -25.38 -18.14
CA HIS A 173 11.52 -26.69 -17.46
C HIS A 173 11.61 -27.77 -18.55
N ARG A 174 10.91 -27.56 -19.68
CA ARG A 174 10.86 -28.57 -20.80
C ARG A 174 12.26 -28.77 -21.35
N LEU A 175 13.03 -27.69 -21.53
CA LEU A 175 14.41 -27.82 -22.06
C LEU A 175 15.25 -28.63 -21.09
N LEU A 176 15.15 -28.30 -19.79
CA LEU A 176 16.01 -28.93 -18.77
C LEU A 176 15.68 -30.44 -18.72
N ASP A 177 14.41 -30.82 -18.89
CA ASP A 177 14.01 -32.25 -18.94
C ASP A 177 14.70 -32.90 -20.14
N MET A 178 14.68 -32.24 -21.31
CA MET A 178 15.32 -32.81 -22.54
C MET A 178 16.84 -32.93 -22.32
N LEU A 179 17.48 -31.95 -21.74
CA LEU A 179 18.94 -31.99 -21.52
C LEU A 179 19.23 -33.15 -20.54
N LYS A 180 18.44 -33.33 -19.49
CA LYS A 180 18.76 -34.39 -18.49
C LYS A 180 18.58 -35.76 -19.18
N ASN A 181 17.65 -35.87 -20.13
CA ASN A 181 17.36 -37.14 -20.84
C ASN A 181 18.23 -37.30 -22.09
N GLY A 182 19.13 -36.37 -22.36
CA GLY A 182 20.04 -36.45 -23.53
C GLY A 182 19.31 -36.27 -24.86
N THR A 183 18.10 -35.70 -24.88
CA THR A 183 17.30 -35.57 -26.11
C THR A 183 17.37 -34.14 -26.66
N LEU A 184 17.92 -33.18 -25.92
CA LEU A 184 18.08 -31.81 -26.47
C LEU A 184 19.14 -31.81 -27.59
N LYS A 185 18.82 -31.31 -28.78
CA LYS A 185 19.72 -31.40 -29.95
C LYS A 185 20.49 -30.12 -30.21
N VAL A 186 20.08 -28.97 -29.66
CA VAL A 186 20.80 -27.69 -29.88
C VAL A 186 20.86 -26.96 -28.55
N PRO A 187 21.88 -26.09 -28.33
CA PRO A 187 22.00 -25.36 -27.06
C PRO A 187 20.86 -24.34 -26.95
N ALA A 188 20.60 -23.93 -25.72
CA ALA A 188 19.54 -22.97 -25.42
C ALA A 188 20.07 -21.90 -24.47
N ILE A 189 19.49 -20.72 -24.63
CA ILE A 189 19.54 -19.67 -23.60
C ILE A 189 18.21 -19.64 -22.88
N ASN A 190 18.28 -19.80 -21.57
CA ASN A 190 17.18 -19.56 -20.61
C ASN A 190 17.05 -18.03 -20.46
N VAL A 191 16.18 -17.44 -21.26
CA VAL A 191 15.95 -15.97 -21.22
C VAL A 191 15.18 -15.67 -19.93
N ASN A 192 14.28 -16.54 -19.55
CA ASN A 192 13.39 -16.35 -18.38
C ASN A 192 14.21 -15.89 -17.18
N ASP A 193 15.36 -16.51 -16.91
CA ASP A 193 16.11 -16.31 -15.65
C ASP A 193 17.12 -15.17 -15.72
N SER A 194 17.08 -14.29 -16.71
CA SER A 194 17.68 -12.94 -16.53
C SER A 194 16.84 -12.28 -15.43
N VAL A 195 17.46 -11.49 -14.56
CA VAL A 195 16.70 -10.74 -13.52
C VAL A 195 15.75 -9.76 -14.21
N THR A 196 16.21 -9.14 -15.29
CA THR A 196 15.39 -8.22 -16.12
C THR A 196 14.30 -8.94 -16.92
N LYS A 197 14.13 -10.26 -16.73
CA LYS A 197 13.01 -11.03 -17.28
C LYS A 197 12.22 -11.51 -16.08
N SER A 198 12.66 -12.59 -15.41
CA SER A 198 11.95 -13.24 -14.29
C SER A 198 11.48 -12.23 -13.25
N LYS A 199 12.30 -11.28 -12.84
CA LYS A 199 11.89 -10.37 -11.71
C LYS A 199 11.37 -9.02 -12.19
N ASN A 200 10.97 -8.97 -13.44
CA ASN A 200 10.42 -7.82 -14.16
C ASN A 200 9.12 -8.29 -14.77
N ASP A 201 9.21 -9.02 -15.88
CA ASP A 201 8.05 -9.55 -16.63
C ASP A 201 7.19 -10.41 -15.72
N ASN A 202 7.76 -11.46 -15.13
CA ASN A 202 6.90 -12.51 -14.55
C ASN A 202 6.14 -11.89 -13.38
N LYS A 203 6.81 -11.00 -12.63
CA LYS A 203 6.22 -10.39 -11.42
C LYS A 203 5.45 -9.13 -11.80
N TYR A 204 6.15 -8.08 -12.24
CA TYR A 204 5.45 -6.77 -12.45
C TYR A 204 4.54 -6.81 -13.68
N GLY A 205 4.80 -7.67 -14.69
CA GLY A 205 3.88 -7.80 -15.81
C GLY A 205 2.52 -8.28 -15.35
N CYS A 206 2.52 -9.32 -14.49
CA CYS A 206 1.27 -9.88 -14.00
C CYS A 206 0.62 -8.87 -13.04
N ARG A 207 1.42 -8.13 -12.28
CA ARG A 207 0.86 -7.05 -11.40
C ARG A 207 0.01 -6.09 -12.30
N HIS A 208 0.57 -5.66 -13.43
CA HIS A 208 -0.11 -4.77 -14.39
C HIS A 208 -1.34 -5.44 -14.98
N SER A 209 -1.16 -6.67 -15.50
CA SER A 209 -2.09 -7.22 -16.50
C SER A 209 -3.16 -8.13 -15.89
N LEU A 210 -3.01 -8.68 -14.68
CA LEU A 210 -4.06 -9.59 -14.16
C LEU A 210 -5.34 -8.82 -13.88
N ASN A 211 -5.25 -7.79 -13.04
CA ASN A 211 -6.47 -7.01 -12.71
CA ASN A 211 -6.45 -6.98 -12.72
C ASN A 211 -7.01 -6.40 -14.01
N ASP A 212 -6.15 -6.03 -14.94
CA ASP A 212 -6.56 -5.44 -16.25
C ASP A 212 -7.50 -6.43 -16.97
N ALA A 213 -7.06 -7.67 -17.13
CA ALA A 213 -7.83 -8.72 -17.82
C ALA A 213 -9.13 -8.99 -17.07
N ILE A 214 -9.09 -9.05 -15.74
CA ILE A 214 -10.34 -9.33 -14.97
C ILE A 214 -11.34 -8.19 -15.19
N LYS A 215 -10.91 -6.94 -15.12
CA LYS A 215 -11.81 -5.79 -15.37
C LYS A 215 -12.36 -5.81 -16.80
N ARG A 216 -11.52 -6.09 -17.82
CA ARG A 216 -12.01 -6.12 -19.21
C ARG A 216 -13.06 -7.22 -19.36
N GLY A 217 -12.85 -8.37 -18.75
CA GLY A 217 -13.74 -9.53 -18.95
C GLY A 217 -15.06 -9.39 -18.23
N THR A 218 -15.02 -8.86 -17.00
CA THR A 218 -16.18 -8.91 -16.08
C THR A 218 -16.64 -7.53 -15.64
N ASP A 219 -15.75 -6.54 -15.68
CA ASP A 219 -15.97 -5.21 -15.03
C ASP A 219 -16.39 -5.36 -13.57
N HIS A 220 -15.99 -6.42 -12.89
CA HIS A 220 -16.24 -6.59 -11.46
C HIS A 220 -15.39 -5.65 -10.62
N LEU A 221 -16.05 -5.02 -9.66
CA LEU A 221 -15.34 -4.44 -8.49
C LEU A 221 -14.53 -5.56 -7.83
N LEU A 222 -13.25 -5.31 -7.59
CA LEU A 222 -12.36 -6.22 -6.83
C LEU A 222 -12.25 -5.81 -5.38
N SER A 223 -12.28 -4.52 -5.08
CA SER A 223 -12.13 -4.01 -3.69
C SER A 223 -13.14 -4.72 -2.80
N GLY A 224 -12.68 -5.22 -1.67
CA GLY A 224 -13.53 -5.79 -0.63
C GLY A 224 -13.96 -7.22 -0.84
N LYS A 225 -13.56 -7.79 -1.97
CA LYS A 225 -13.90 -9.20 -2.32
C LYS A 225 -12.76 -10.12 -1.95
N GLN A 226 -13.03 -11.43 -1.96
CA GLN A 226 -12.10 -12.46 -1.47
CA GLN A 226 -12.09 -12.47 -1.48
C GLN A 226 -11.48 -13.19 -2.68
N ALA A 227 -10.18 -13.26 -2.73
CA ALA A 227 -9.41 -13.97 -3.77
C ALA A 227 -8.57 -15.07 -3.13
N LEU A 228 -8.34 -16.11 -3.95
CA LEU A 228 -7.31 -17.13 -3.65
C LEU A 228 -6.37 -17.25 -4.83
N VAL A 229 -5.12 -16.97 -4.59
CA VAL A 229 -4.07 -17.13 -5.60
C VAL A 229 -3.36 -18.43 -5.28
N ILE A 230 -3.37 -19.34 -6.27
CA ILE A 230 -2.61 -20.62 -6.15
C ILE A 230 -1.23 -20.41 -6.75
N GLY A 231 -0.24 -20.38 -5.85
CA GLY A 231 1.18 -20.20 -6.12
C GLY A 231 1.68 -18.81 -5.75
N TYR A 232 2.93 -18.74 -5.38
CA TYR A 232 3.64 -17.52 -4.91
C TYR A 232 5.04 -17.54 -5.38
N GLY A 233 5.23 -17.99 -6.63
CA GLY A 233 6.52 -17.72 -7.28
C GLY A 233 6.49 -16.36 -7.94
N ASP A 234 7.19 -16.15 -9.03
CA ASP A 234 7.24 -14.77 -9.63
C ASP A 234 5.87 -14.32 -10.11
N VAL A 235 5.12 -15.19 -10.77
CA VAL A 235 3.79 -14.87 -11.33
C VAL A 235 2.81 -14.77 -10.15
N GLY A 236 2.90 -15.64 -9.16
CA GLY A 236 1.95 -15.54 -8.04
C GLY A 236 2.22 -14.32 -7.16
N LYS A 237 3.47 -13.92 -7.00
CA LYS A 237 3.78 -12.67 -6.29
C LYS A 237 3.16 -11.47 -7.04
N GLY A 238 3.34 -11.40 -8.35
CA GLY A 238 2.81 -10.26 -9.13
C GLY A 238 1.30 -10.27 -9.08
N SER A 239 0.72 -11.45 -9.30
CA SER A 239 -0.74 -11.66 -9.29
C SER A 239 -1.34 -11.23 -7.96
N SER A 240 -0.78 -11.69 -6.85
CA SER A 240 -1.28 -11.36 -5.52
C SER A 240 -1.28 -9.84 -5.37
N GLN A 241 -0.21 -9.19 -5.77
CA GLN A 241 -0.17 -7.71 -5.66
C GLN A 241 -1.16 -7.03 -6.59
N SER A 242 -1.38 -7.55 -7.81
CA SER A 242 -2.40 -6.99 -8.74
C SER A 242 -3.71 -6.88 -7.99
N LEU A 243 -4.07 -7.94 -7.23
CA LEU A 243 -5.36 -8.04 -6.57
C LEU A 243 -5.36 -7.23 -5.27
N ARG A 244 -4.35 -7.40 -4.45
CA ARG A 244 -4.26 -6.72 -3.14
C ARG A 244 -4.28 -5.20 -3.36
N GLN A 245 -3.57 -4.68 -4.36
CA GLN A 245 -3.52 -3.22 -4.56
C GLN A 245 -4.89 -2.66 -4.93
N GLU A 246 -5.81 -3.48 -5.47
CA GLU A 246 -7.17 -3.10 -5.79
C GLU A 246 -8.04 -3.16 -4.54
N GLY A 247 -7.56 -3.72 -3.43
CA GLY A 247 -8.38 -3.81 -2.23
C GLY A 247 -8.95 -5.19 -2.04
N MET A 248 -8.53 -6.18 -2.83
CA MET A 248 -9.03 -7.55 -2.53
C MET A 248 -8.43 -8.03 -1.21
N ILE A 249 -9.17 -8.89 -0.55
CA ILE A 249 -8.66 -9.72 0.58
C ILE A 249 -8.11 -11.00 -0.07
N VAL A 250 -6.80 -11.10 -0.17
CA VAL A 250 -6.11 -12.18 -0.89
C VAL A 250 -5.58 -13.19 0.11
N LYS A 251 -5.90 -14.44 -0.19
CA LYS A 251 -5.25 -15.59 0.46
C LYS A 251 -4.39 -16.29 -0.60
N VAL A 252 -3.30 -16.92 -0.14
CA VAL A 252 -2.30 -17.54 -1.03
C VAL A 252 -2.17 -19.01 -0.65
N ALA A 253 -2.10 -19.87 -1.69
CA ALA A 253 -1.72 -21.27 -1.52
C ALA A 253 -0.34 -21.51 -2.08
N GLU A 254 0.43 -22.37 -1.44
CA GLU A 254 1.76 -22.77 -1.93
C GLU A 254 2.07 -24.18 -1.48
N VAL A 255 2.93 -24.84 -2.23
CA VAL A 255 3.59 -26.09 -1.77
C VAL A 255 5.00 -25.85 -1.28
N ASP A 256 5.61 -24.69 -1.62
CA ASP A 256 7.00 -24.36 -1.30
C ASP A 256 6.95 -23.49 -0.06
N PRO A 257 7.42 -23.98 1.10
CA PRO A 257 7.29 -23.22 2.36
C PRO A 257 8.09 -21.91 2.34
N ILE A 258 9.14 -21.83 1.54
CA ILE A 258 9.96 -20.57 1.44
C ILE A 258 9.10 -19.51 0.72
N CYS A 259 8.43 -19.89 -0.36
CA CYS A 259 7.45 -18.99 -1.05
C CYS A 259 6.30 -18.64 -0.11
N ALA A 260 5.83 -19.61 0.68
CA ALA A 260 4.74 -19.38 1.63
C ALA A 260 5.20 -18.38 2.71
N MET A 261 6.38 -18.54 3.26
N MET A 261 6.43 -18.48 3.18
CA MET A 261 6.95 -17.56 4.22
CA MET A 261 7.01 -17.58 4.23
C MET A 261 6.85 -16.16 3.62
C MET A 261 7.08 -16.14 3.69
N GLN A 262 7.35 -16.01 2.40
CA GLN A 262 7.29 -14.71 1.69
C GLN A 262 5.86 -14.18 1.67
N ALA A 263 4.88 -15.04 1.40
CA ALA A 263 3.49 -14.61 1.37
C ALA A 263 3.07 -14.07 2.75
N CYS A 264 3.38 -14.78 3.82
CA CYS A 264 3.01 -14.42 5.19
C CYS A 264 3.61 -13.03 5.43
N MET A 265 4.92 -12.85 5.19
CA MET A 265 5.67 -11.59 5.49
C MET A 265 5.16 -10.43 4.62
N ASP A 266 4.59 -10.71 3.47
CA ASP A 266 4.00 -9.73 2.53
C ASP A 266 2.56 -9.37 2.95
N GLY A 267 2.01 -10.03 3.99
CA GLY A 267 0.71 -9.69 4.55
C GLY A 267 -0.44 -10.49 4.07
N PHE A 268 -0.16 -11.68 3.53
CA PHE A 268 -1.25 -12.60 3.14
C PHE A 268 -1.40 -13.77 4.12
N GLU A 269 -2.64 -14.25 4.22
CA GLU A 269 -2.96 -15.49 4.92
C GLU A 269 -2.66 -16.63 3.93
N VAL A 270 -1.92 -17.64 4.36
CA VAL A 270 -1.54 -18.80 3.53
C VAL A 270 -2.47 -19.95 3.91
N VAL A 271 -3.20 -20.46 2.91
CA VAL A 271 -4.28 -21.46 3.09
C VAL A 271 -4.11 -22.51 2.00
N SER A 272 -4.76 -23.65 2.22
CA SER A 272 -4.81 -24.75 1.24
C SER A 272 -6.26 -25.00 0.88
N PRO A 273 -6.57 -25.32 -0.40
CA PRO A 273 -7.91 -25.78 -0.78
C PRO A 273 -8.28 -27.08 -0.10
N TYR A 274 -7.30 -27.81 0.38
CA TYR A 274 -7.51 -29.10 1.07
C TYR A 274 -7.29 -28.97 2.57
N LYS A 275 -8.09 -29.71 3.31
CA LYS A 275 -7.95 -29.82 4.77
C LYS A 275 -6.53 -30.31 5.11
N ASN A 276 -5.83 -29.54 5.95
CA ASN A 276 -4.44 -29.75 6.36
C ASN A 276 -3.53 -29.81 5.16
N GLY A 277 -3.98 -29.31 4.02
CA GLY A 277 -3.16 -29.37 2.81
C GLY A 277 -3.11 -30.71 2.13
N ILE A 278 -3.95 -31.66 2.52
CA ILE A 278 -3.80 -33.05 2.02
C ILE A 278 -5.04 -33.42 1.21
N ASN A 279 -4.82 -33.76 -0.05
CA ASN A 279 -5.84 -34.26 -0.97
C ASN A 279 -5.96 -35.76 -0.69
N ASP A 280 -7.10 -36.19 -0.20
CA ASP A 280 -7.33 -37.64 0.12
C ASP A 280 -7.99 -38.35 -1.04
N GLY A 281 -8.13 -37.73 -2.23
CA GLY A 281 -8.84 -38.39 -3.34
C GLY A 281 -10.33 -38.18 -3.38
N THR A 282 -10.90 -37.55 -2.38
CA THR A 282 -12.38 -37.39 -2.25
C THR A 282 -12.73 -35.92 -2.04
N GLU A 283 -14.01 -35.64 -2.25
CA GLU A 283 -14.61 -34.31 -1.94
C GLU A 283 -14.50 -33.95 -0.45
N ALA A 284 -14.46 -34.91 0.46
CA ALA A 284 -14.46 -34.65 1.91
C ALA A 284 -13.17 -33.92 2.30
N SER A 285 -12.11 -34.01 1.52
CA SER A 285 -10.80 -33.38 1.90
C SER A 285 -10.77 -31.92 1.41
N ILE A 286 -11.75 -31.49 0.65
CA ILE A 286 -11.83 -30.06 0.20
C ILE A 286 -12.29 -29.21 1.39
N ASP A 287 -11.60 -28.10 1.64
CA ASP A 287 -12.05 -27.10 2.66
C ASP A 287 -13.19 -26.31 2.01
N ALA A 288 -14.39 -26.83 2.14
CA ALA A 288 -15.62 -26.29 1.53
C ALA A 288 -15.95 -24.92 2.19
N ALA A 289 -15.65 -24.74 3.46
CA ALA A 289 -15.90 -23.46 4.18
C ALA A 289 -15.02 -22.38 3.55
N LEU A 290 -13.74 -22.66 3.30
CA LEU A 290 -12.82 -21.70 2.68
C LEU A 290 -13.30 -21.38 1.27
N LEU A 291 -13.48 -22.40 0.43
CA LEU A 291 -13.74 -22.14 -1.00
C LEU A 291 -15.11 -21.50 -1.19
N GLY A 292 -16.03 -21.75 -0.27
CA GLY A 292 -17.38 -21.15 -0.36
C GLY A 292 -17.41 -19.68 -0.06
N LYS A 293 -16.27 -19.09 0.29
CA LYS A 293 -16.16 -17.62 0.54
C LYS A 293 -15.36 -16.92 -0.57
N ILE A 294 -14.82 -17.66 -1.53
CA ILE A 294 -13.83 -17.14 -2.52
C ILE A 294 -14.63 -16.60 -3.71
N ASP A 295 -14.36 -15.35 -4.07
CA ASP A 295 -14.99 -14.66 -5.24
C ASP A 295 -14.16 -14.82 -6.51
N LEU A 296 -12.90 -15.14 -6.37
CA LEU A 296 -11.91 -15.13 -7.47
C LEU A 296 -10.79 -16.12 -7.11
N ILE A 297 -10.50 -17.03 -8.03
CA ILE A 297 -9.33 -17.94 -7.91
C ILE A 297 -8.48 -17.72 -9.15
N VAL A 298 -7.18 -17.60 -8.93
CA VAL A 298 -6.18 -17.40 -9.99
C VAL A 298 -5.09 -18.46 -9.83
N THR A 299 -4.81 -19.25 -10.88
CA THR A 299 -3.69 -20.21 -10.84
C THR A 299 -2.43 -19.59 -11.46
N THR A 300 -1.26 -19.79 -10.84
CA THR A 300 0.02 -19.18 -11.22
C THR A 300 1.18 -20.17 -11.22
N THR A 301 0.92 -21.49 -11.32
CA THR A 301 1.92 -22.46 -10.83
C THR A 301 2.84 -23.04 -11.92
N GLY A 302 2.36 -23.15 -13.15
CA GLY A 302 3.01 -24.00 -14.14
C GLY A 302 2.88 -25.48 -13.83
N ASN A 303 2.01 -25.86 -12.95
CA ASN A 303 1.71 -27.26 -12.54
C ASN A 303 0.35 -27.70 -13.09
N VAL A 304 -0.06 -28.93 -12.78
CA VAL A 304 -1.27 -29.50 -13.38
C VAL A 304 -2.31 -29.67 -12.29
N ASN A 305 -3.55 -29.32 -12.63
CA ASN A 305 -4.74 -29.61 -11.79
C ASN A 305 -4.57 -29.03 -10.39
N VAL A 306 -4.15 -27.76 -10.31
CA VAL A 306 -4.03 -27.09 -8.98
C VAL A 306 -5.37 -26.45 -8.62
N CYS A 307 -6.27 -26.33 -9.57
CA CYS A 307 -7.72 -25.98 -9.34
C CYS A 307 -8.54 -27.11 -9.94
N ASP A 308 -8.80 -28.11 -9.10
CA ASP A 308 -9.32 -29.40 -9.57
C ASP A 308 -10.85 -29.40 -9.55
N ALA A 309 -11.45 -30.48 -10.03
CA ALA A 309 -12.90 -30.61 -10.15
C ALA A 309 -13.55 -30.34 -8.80
N ASN A 310 -13.06 -30.99 -7.73
CA ASN A 310 -13.71 -30.88 -6.41
C ASN A 310 -13.59 -29.45 -5.88
N MET A 311 -12.50 -28.77 -6.17
CA MET A 311 -12.39 -27.31 -5.82
C MET A 311 -13.45 -26.52 -6.60
N LEU A 312 -13.60 -26.79 -7.89
CA LEU A 312 -14.59 -26.08 -8.74
C LEU A 312 -16.01 -26.32 -8.24
N LYS A 313 -16.30 -27.51 -7.71
CA LYS A 313 -17.65 -27.82 -7.19
C LYS A 313 -17.93 -27.06 -5.90
N ALA A 314 -16.88 -26.75 -5.12
CA ALA A 314 -16.98 -26.12 -3.80
C ALA A 314 -16.93 -24.58 -3.86
N LEU A 315 -16.52 -24.01 -4.95
CA LEU A 315 -16.34 -22.53 -5.03
C LEU A 315 -17.67 -21.83 -4.82
N LYS A 316 -17.62 -20.68 -4.16
CA LYS A 316 -18.76 -19.80 -4.01
C LYS A 316 -19.50 -19.60 -5.35
N LYS A 317 -20.83 -19.59 -5.33
CA LYS A 317 -21.63 -19.22 -6.51
C LYS A 317 -21.07 -17.90 -7.06
N ARG A 318 -20.93 -17.85 -8.37
CA ARG A 318 -20.66 -16.64 -9.17
C ARG A 318 -19.19 -16.25 -9.07
N ALA A 319 -18.34 -17.10 -8.48
CA ALA A 319 -16.87 -16.90 -8.47
C ALA A 319 -16.31 -16.85 -9.89
N VAL A 320 -15.28 -16.02 -10.07
CA VAL A 320 -14.46 -15.96 -11.29
C VAL A 320 -13.28 -16.91 -11.14
N VAL A 321 -13.02 -17.64 -12.21
CA VAL A 321 -11.92 -18.63 -12.30
C VAL A 321 -11.02 -18.23 -13.45
N CYS A 322 -9.72 -18.16 -13.22
CA CYS A 322 -8.77 -17.88 -14.28
C CYS A 322 -7.39 -18.40 -13.96
N ASN A 323 -6.62 -18.49 -15.04
CA ASN A 323 -5.25 -18.99 -15.02
C ASN A 323 -4.35 -18.00 -15.71
N ILE A 324 -3.19 -17.77 -15.12
CA ILE A 324 -2.16 -16.89 -15.73
C ILE A 324 -0.84 -17.64 -15.88
N GLY A 325 -0.79 -18.94 -15.52
CA GLY A 325 0.37 -19.76 -15.86
C GLY A 325 0.32 -20.09 -17.33
N HIS A 326 1.34 -20.68 -17.88
CA HIS A 326 1.47 -20.87 -19.36
C HIS A 326 0.38 -21.76 -19.98
N PHE A 327 -0.07 -22.84 -19.31
CA PHE A 327 -0.99 -23.80 -19.97
C PHE A 327 -2.30 -23.87 -19.21
N ASP A 328 -3.41 -24.11 -19.93
CA ASP A 328 -4.78 -24.17 -19.36
C ASP A 328 -5.03 -25.34 -18.39
N ASN A 329 -4.21 -26.38 -18.41
CA ASN A 329 -4.42 -27.58 -17.53
C ASN A 329 -4.15 -27.33 -16.02
N GLU A 330 -3.79 -26.12 -15.60
CA GLU A 330 -3.79 -25.76 -14.17
C GLU A 330 -5.17 -25.98 -13.59
N ILE A 331 -6.16 -25.62 -14.39
CA ILE A 331 -7.59 -25.76 -14.00
C ILE A 331 -8.17 -26.98 -14.72
N ASP A 332 -9.04 -27.73 -14.03
CA ASP A 332 -9.69 -28.91 -14.69
C ASP A 332 -10.86 -28.43 -15.56
N THR A 333 -10.55 -27.74 -16.66
CA THR A 333 -11.61 -27.29 -17.58
C THR A 333 -12.22 -28.49 -18.31
N ALA A 334 -11.49 -29.59 -18.49
CA ALA A 334 -12.05 -30.80 -19.15
C ALA A 334 -13.25 -31.31 -18.32
N PHE A 335 -13.12 -31.36 -16.99
CA PHE A 335 -14.27 -31.70 -16.11
C PHE A 335 -15.46 -30.76 -16.41
N MET A 336 -15.22 -29.45 -16.55
CA MET A 336 -16.36 -28.50 -16.70
C MET A 336 -17.02 -28.69 -18.08
N ARG A 337 -16.22 -28.96 -19.09
CA ARG A 337 -16.74 -29.20 -20.47
C ARG A 337 -17.57 -30.49 -20.47
N LYS A 338 -17.17 -31.50 -19.71
CA LYS A 338 -17.87 -32.83 -19.71
C LYS A 338 -19.19 -32.70 -18.93
N ASN A 339 -19.25 -31.88 -17.88
CA ASN A 339 -20.31 -31.98 -16.86
C ASN A 339 -21.22 -30.78 -16.83
N TRP A 340 -20.81 -29.59 -17.27
CA TRP A 340 -21.57 -28.34 -16.96
C TRP A 340 -21.84 -27.58 -18.25
N ALA A 341 -22.87 -26.74 -18.25
CA ALA A 341 -23.30 -25.98 -19.45
C ALA A 341 -22.58 -24.64 -19.53
N TRP A 342 -21.99 -24.37 -20.69
CA TRP A 342 -21.16 -23.16 -20.96
C TRP A 342 -22.03 -22.17 -21.72
N GLU A 343 -22.18 -20.99 -21.16
CA GLU A 343 -22.88 -19.86 -21.78
C GLU A 343 -21.82 -18.81 -22.07
N GLU A 344 -21.66 -18.47 -23.33
CA GLU A 344 -20.71 -17.40 -23.71
C GLU A 344 -21.37 -16.07 -23.28
N VAL A 345 -20.66 -15.30 -22.47
CA VAL A 345 -21.11 -13.91 -22.16
C VAL A 345 -20.71 -13.01 -23.34
N LYS A 346 -19.43 -13.10 -23.67
CA LYS A 346 -18.79 -12.44 -24.81
C LYS A 346 -17.50 -13.20 -25.03
N PRO A 347 -16.72 -12.90 -26.11
CA PRO A 347 -15.51 -13.68 -26.35
C PRO A 347 -14.62 -13.78 -25.12
N GLN A 348 -14.13 -15.01 -24.84
CA GLN A 348 -13.20 -15.32 -23.73
C GLN A 348 -13.85 -15.05 -22.36
N VAL A 349 -15.17 -15.01 -22.25
CA VAL A 349 -15.89 -14.97 -20.96
C VAL A 349 -17.04 -15.96 -21.05
N HIS A 350 -17.01 -16.99 -20.20
CA HIS A 350 -18.09 -17.97 -20.15
C HIS A 350 -18.65 -18.07 -18.74
N LYS A 351 -19.96 -18.14 -18.64
CA LYS A 351 -20.64 -18.63 -17.42
C LYS A 351 -20.78 -20.13 -17.54
N ILE A 352 -20.33 -20.83 -16.52
CA ILE A 352 -20.31 -22.32 -16.45
CA ILE A 352 -20.38 -22.30 -16.51
C ILE A 352 -21.38 -22.70 -15.44
N HIS A 353 -22.51 -23.24 -15.90
CA HIS A 353 -23.68 -23.48 -15.03
C HIS A 353 -23.52 -24.86 -14.41
N ARG A 354 -23.44 -24.90 -13.09
CA ARG A 354 -23.10 -26.12 -12.33
C ARG A 354 -24.38 -26.94 -12.11
N THR A 355 -25.51 -26.51 -12.64
CA THR A 355 -26.83 -27.20 -12.59
C THR A 355 -26.92 -28.35 -13.58
N GLY A 356 -25.91 -28.61 -14.41
CA GLY A 356 -25.97 -29.73 -15.39
C GLY A 356 -25.49 -29.38 -16.78
N LYS A 357 -25.37 -30.38 -17.65
CA LYS A 357 -24.66 -30.23 -18.95
C LYS A 357 -25.60 -29.72 -20.03
N ASP A 358 -26.85 -30.17 -20.07
CA ASP A 358 -27.70 -30.13 -21.31
C ASP A 358 -28.07 -28.69 -21.65
N GLY A 359 -28.65 -27.94 -20.71
CA GLY A 359 -28.93 -26.50 -20.84
C GLY A 359 -28.79 -25.79 -19.50
N PHE A 360 -29.45 -24.64 -19.34
CA PHE A 360 -29.45 -23.84 -18.09
C PHE A 360 -30.60 -22.83 -18.13
N ASP A 361 -31.03 -22.36 -16.94
CA ASP A 361 -31.91 -21.18 -16.76
C ASP A 361 -31.06 -19.91 -16.93
N ALA A 362 -31.54 -18.93 -17.71
CA ALA A 362 -30.82 -17.64 -17.95
C ALA A 362 -30.49 -16.95 -16.62
N HIS A 363 -31.37 -17.06 -15.61
CA HIS A 363 -31.22 -16.39 -14.29
C HIS A 363 -30.70 -17.38 -13.22
N ASN A 364 -30.18 -18.54 -13.61
CA ASN A 364 -29.47 -19.46 -12.67
C ASN A 364 -28.45 -18.65 -11.87
N ASP A 365 -28.38 -18.86 -10.56
CA ASP A 365 -27.39 -18.22 -9.66
C ASP A 365 -26.14 -19.10 -9.48
N ASP A 366 -26.20 -20.38 -9.87
CA ASP A 366 -25.20 -21.43 -9.56
C ASP A 366 -24.32 -21.59 -10.78
N TYR A 367 -23.43 -20.64 -11.00
CA TYR A 367 -22.49 -20.66 -12.13
C TYR A 367 -21.15 -20.12 -11.62
N LEU A 368 -20.12 -20.44 -12.37
CA LEU A 368 -18.78 -19.84 -12.31
C LEU A 368 -18.54 -19.02 -13.58
N ILE A 369 -17.70 -18.00 -13.47
CA ILE A 369 -17.27 -17.26 -14.68
C ILE A 369 -15.82 -17.64 -14.97
N LEU A 370 -15.59 -18.27 -16.11
CA LEU A 370 -14.24 -18.70 -16.55
C LEU A 370 -13.77 -17.69 -17.58
N LEU A 371 -12.54 -17.22 -17.41
CA LEU A 371 -11.95 -16.31 -18.39
C LEU A 371 -11.00 -17.09 -19.31
N ALA A 372 -11.03 -16.71 -20.58
CA ALA A 372 -10.13 -17.20 -21.65
C ALA A 372 -10.11 -18.75 -21.71
N GLU A 373 -11.21 -19.40 -21.37
CA GLU A 373 -11.28 -20.88 -21.37
C GLU A 373 -10.11 -21.45 -20.57
N GLY A 374 -9.65 -20.75 -19.54
CA GLY A 374 -8.52 -21.23 -18.70
C GLY A 374 -7.13 -21.00 -19.30
N ARG A 375 -7.01 -20.38 -20.48
CA ARG A 375 -5.73 -20.04 -21.12
C ARG A 375 -5.23 -18.76 -20.46
N LEU A 376 -3.96 -18.45 -20.59
CA LEU A 376 -3.35 -17.31 -19.88
C LEU A 376 -4.24 -16.06 -20.00
N VAL A 377 -4.71 -15.58 -18.86
CA VAL A 377 -5.87 -14.62 -18.85
C VAL A 377 -5.38 -13.21 -19.22
N ASN A 378 -4.16 -12.85 -18.86
CA ASN A 378 -3.67 -11.48 -19.18
C ASN A 378 -3.68 -11.25 -20.69
N LEU A 379 -3.20 -12.25 -21.45
CA LEU A 379 -3.15 -12.14 -22.89
C LEU A 379 -4.50 -12.47 -23.51
N GLY A 380 -5.33 -13.31 -22.90
CA GLY A 380 -6.59 -13.74 -23.50
C GLY A 380 -7.69 -12.70 -23.36
N ASN A 381 -7.75 -11.98 -22.22
CA ASN A 381 -8.83 -11.02 -21.90
C ASN A 381 -8.33 -9.57 -21.89
N ALA A 382 -7.05 -9.36 -22.05
CA ALA A 382 -6.45 -8.02 -22.20
C ALA A 382 -5.33 -8.06 -23.23
N THR A 383 -4.19 -7.42 -22.99
CA THR A 383 -3.12 -7.31 -24.01
C THR A 383 -1.80 -7.81 -23.42
N GLY A 384 -1.89 -8.62 -22.36
CA GLY A 384 -0.67 -9.04 -21.71
C GLY A 384 0.08 -7.90 -21.06
N HIS A 385 1.33 -8.13 -20.85
CA HIS A 385 2.22 -7.16 -20.18
C HIS A 385 2.41 -5.93 -21.04
N PRO A 386 2.69 -4.78 -20.39
CA PRO A 386 2.93 -3.54 -21.16
C PRO A 386 4.28 -3.54 -21.83
N SER A 387 4.39 -2.73 -22.89
CA SER A 387 5.64 -2.50 -23.64
C SER A 387 6.82 -2.27 -22.71
N ARG A 388 6.73 -1.38 -21.73
CA ARG A 388 7.94 -0.99 -20.98
C ARG A 388 8.48 -2.12 -20.12
N ILE A 389 7.62 -3.08 -19.75
CA ILE A 389 8.09 -4.32 -19.08
C ILE A 389 8.63 -5.30 -20.13
N MET A 390 7.91 -5.51 -21.22
CA MET A 390 8.34 -6.46 -22.27
C MET A 390 9.67 -6.01 -22.90
N ASP A 391 10.00 -4.73 -22.84
CA ASP A 391 11.33 -4.22 -23.17
C ASP A 391 12.41 -5.07 -22.56
N GLY A 392 12.38 -5.36 -21.26
CA GLY A 392 13.46 -6.11 -20.62
C GLY A 392 13.50 -7.52 -21.22
N SER A 393 12.39 -8.23 -21.20
CA SER A 393 12.33 -9.62 -21.73
C SER A 393 12.93 -9.66 -23.13
N PHE A 394 12.49 -8.76 -23.99
CA PHE A 394 12.80 -8.82 -25.43
C PHE A 394 14.18 -8.29 -25.72
N ALA A 395 14.74 -7.39 -24.91
CA ALA A 395 16.15 -7.04 -25.04
C ALA A 395 16.99 -8.29 -24.74
N ASN A 396 16.63 -9.04 -23.72
CA ASN A 396 17.36 -10.30 -23.44
C ASN A 396 17.18 -11.25 -24.64
N GLN A 397 15.98 -11.40 -25.19
CA GLN A 397 15.78 -12.31 -26.35
C GLN A 397 16.77 -11.90 -27.48
N VAL A 398 16.88 -10.62 -27.83
CA VAL A 398 17.78 -10.19 -28.92
C VAL A 398 19.23 -10.52 -28.57
N LEU A 399 19.69 -10.21 -27.35
CA LEU A 399 21.07 -10.55 -26.94
C LEU A 399 21.31 -12.06 -27.05
N ALA A 400 20.31 -12.85 -26.64
CA ALA A 400 20.43 -14.33 -26.63
C ALA A 400 20.51 -14.84 -28.07
N GLN A 401 19.72 -14.27 -28.98
CA GLN A 401 19.75 -14.65 -30.42
C GLN A 401 21.13 -14.31 -30.98
N ILE A 402 21.64 -13.11 -30.69
CA ILE A 402 22.97 -12.70 -31.16
C ILE A 402 24.01 -13.69 -30.66
N HIS A 403 23.99 -13.99 -29.36
CA HIS A 403 24.99 -14.87 -28.72
C HIS A 403 25.03 -16.25 -29.40
N LEU A 404 23.90 -16.91 -29.48
CA LEU A 404 23.89 -18.28 -30.03
C LEU A 404 24.14 -18.22 -31.54
N PHE A 405 23.65 -17.22 -32.24
CA PHE A 405 23.86 -17.17 -33.71
C PHE A 405 25.36 -16.97 -33.93
N GLU A 406 26.03 -16.18 -33.12
CA GLU A 406 27.48 -15.93 -33.30
C GLU A 406 28.30 -17.18 -33.01
N GLN A 407 27.85 -17.99 -32.07
CA GLN A 407 28.57 -19.22 -31.65
C GLN A 407 28.50 -20.30 -32.76
N LYS A 408 27.49 -20.25 -33.63
CA LYS A 408 27.34 -21.18 -34.80
C LYS A 408 27.49 -22.66 -34.39
N TYR A 409 26.77 -23.12 -33.39
CA TYR A 409 26.88 -24.52 -32.91
C TYR A 409 26.69 -25.53 -34.07
N ALA A 410 25.74 -25.29 -34.99
CA ALA A 410 25.45 -26.26 -36.09
C ALA A 410 26.72 -26.59 -36.88
N ASP A 411 27.65 -25.65 -36.99
CA ASP A 411 28.86 -25.80 -37.82
C ASP A 411 30.04 -26.41 -37.05
N LEU A 412 29.91 -26.62 -35.75
CA LEU A 412 30.93 -27.19 -34.86
C LEU A 412 31.01 -28.68 -35.19
N PRO A 413 32.23 -29.22 -35.18
CA PRO A 413 32.37 -30.67 -35.24
C PRO A 413 31.79 -31.29 -33.95
N ALA A 414 31.46 -32.56 -34.07
CA ALA A 414 30.75 -33.35 -33.04
C ALA A 414 31.42 -33.17 -31.66
N ALA A 415 32.74 -33.28 -31.56
CA ALA A 415 33.46 -33.23 -30.27
C ALA A 415 33.33 -31.83 -29.66
N GLU A 416 33.26 -30.82 -30.50
CA GLU A 416 33.11 -29.40 -30.04
C GLU A 416 31.64 -29.12 -29.65
N LYS A 417 30.64 -29.62 -30.41
CA LYS A 417 29.22 -29.54 -30.06
C LYS A 417 29.03 -30.07 -28.62
N ALA A 418 29.69 -31.18 -28.25
CA ALA A 418 29.40 -31.86 -26.98
C ALA A 418 29.77 -30.93 -25.81
N LYS A 419 30.76 -30.07 -26.00
CA LYS A 419 31.26 -29.11 -24.98
C LYS A 419 30.30 -27.91 -24.80
N ARG A 420 29.44 -27.65 -25.77
CA ARG A 420 28.63 -26.42 -25.84
C ARG A 420 27.16 -26.76 -25.73
N LEU A 421 26.79 -28.03 -25.58
CA LEU A 421 25.36 -28.40 -25.57
C LEU A 421 24.84 -28.24 -24.15
N SER A 422 24.19 -27.11 -23.88
CA SER A 422 23.90 -26.62 -22.51
C SER A 422 22.59 -25.81 -22.55
N VAL A 423 22.00 -25.56 -21.39
CA VAL A 423 20.92 -24.57 -21.21
C VAL A 423 21.51 -23.54 -20.26
N GLU A 424 21.84 -22.38 -20.77
CA GLU A 424 22.58 -21.36 -19.98
C GLU A 424 21.80 -20.05 -19.91
N VAL A 425 22.15 -19.22 -18.95
CA VAL A 425 21.60 -17.84 -18.90
C VAL A 425 22.63 -16.88 -19.51
N LEU A 426 22.17 -15.68 -19.86
CA LEU A 426 23.08 -14.60 -20.28
C LEU A 426 23.94 -14.20 -19.08
N PRO A 427 25.16 -13.71 -19.37
CA PRO A 427 26.03 -13.19 -18.33
C PRO A 427 25.37 -12.00 -17.60
N LYS A 428 25.68 -11.89 -16.30
CA LYS A 428 25.13 -10.79 -15.48
C LYS A 428 25.43 -9.42 -16.08
N LYS A 429 26.59 -9.21 -16.68
CA LYS A 429 26.92 -7.90 -17.24
C LYS A 429 25.85 -7.49 -18.26
N LEU A 430 25.33 -8.40 -19.08
CA LEU A 430 24.32 -8.04 -20.08
C LEU A 430 22.99 -7.76 -19.37
N ASP A 431 22.63 -8.55 -18.37
CA ASP A 431 21.38 -8.35 -17.60
C ASP A 431 21.43 -6.91 -17.00
N GLU A 432 22.58 -6.53 -16.48
CA GLU A 432 22.81 -5.17 -15.89
C GLU A 432 22.64 -4.10 -16.99
N GLU A 433 23.20 -4.35 -18.18
CA GLU A 433 23.11 -3.36 -19.30
C GLU A 433 21.66 -3.17 -19.72
N VAL A 434 20.88 -4.25 -19.79
CA VAL A 434 19.43 -4.12 -20.07
C VAL A 434 18.78 -3.28 -18.96
N ALA A 435 19.06 -3.62 -17.70
CA ALA A 435 18.41 -2.91 -16.57
C ALA A 435 18.75 -1.42 -16.66
N LEU A 436 19.97 -1.08 -17.05
CA LEU A 436 20.37 0.36 -17.07
C LEU A 436 19.54 1.11 -18.09
N GLU A 437 19.26 0.53 -19.24
CA GLU A 437 18.42 1.19 -20.27
C GLU A 437 17.00 1.31 -19.73
N MET A 438 16.49 0.32 -19.00
CA MET A 438 15.14 0.41 -18.45
C MET A 438 15.12 1.55 -17.43
N VAL A 439 16.12 1.64 -16.57
CA VAL A 439 16.15 2.71 -15.50
C VAL A 439 16.19 4.08 -16.18
N LYS A 440 17.02 4.24 -17.17
CA LYS A 440 17.12 5.53 -17.94
C LYS A 440 15.75 5.83 -18.55
N GLY A 441 14.98 4.81 -18.97
CA GLY A 441 13.64 5.03 -19.55
C GLY A 441 12.70 5.72 -18.60
N PHE A 442 12.83 5.45 -17.30
CA PHE A 442 12.05 6.09 -16.23
C PHE A 442 12.62 7.44 -15.84
N GLY A 443 13.72 7.87 -16.43
CA GLY A 443 14.38 9.08 -15.94
C GLY A 443 15.27 8.81 -14.73
N GLY A 444 15.46 7.54 -14.34
CA GLY A 444 16.33 7.23 -13.21
C GLY A 444 17.78 7.51 -13.45
N VAL A 445 18.49 7.83 -12.39
CA VAL A 445 19.93 8.13 -12.42
C VAL A 445 20.62 7.20 -11.46
N VAL A 446 21.40 6.30 -12.04
CA VAL A 446 22.28 5.43 -11.20
CA VAL A 446 22.32 5.39 -11.31
C VAL A 446 23.52 6.22 -10.81
N THR A 447 24.00 5.93 -9.61
CA THR A 447 25.25 6.48 -9.08
C THR A 447 26.41 5.67 -9.66
N GLN A 448 27.49 6.35 -10.01
CA GLN A 448 28.83 5.75 -10.31
C GLN A 448 29.63 5.62 -9.01
N LEU A 449 30.10 4.41 -8.74
CA LEU A 449 31.05 4.11 -7.64
C LEU A 449 32.32 4.94 -7.87
N THR A 450 32.89 5.45 -6.81
CA THR A 450 34.23 6.04 -6.82
C THR A 450 35.22 4.87 -6.89
N PRO A 451 36.47 5.07 -7.34
CA PRO A 451 37.44 3.97 -7.30
C PRO A 451 37.61 3.37 -5.89
N LYS A 452 37.63 4.21 -4.84
CA LYS A 452 37.75 3.72 -3.43
C LYS A 452 36.57 2.83 -3.06
N GLN A 453 35.34 3.22 -3.43
CA GLN A 453 34.13 2.41 -3.10
C GLN A 453 34.16 1.10 -3.88
N ALA A 454 34.54 1.12 -5.15
CA ALA A 454 34.63 -0.11 -5.99
C ALA A 454 35.65 -1.07 -5.36
N GLU A 455 36.77 -0.55 -4.90
CA GLU A 455 37.81 -1.41 -4.24
C GLU A 455 37.20 -1.93 -2.94
N TYR A 456 36.50 -1.09 -2.18
CA TYR A 456 35.96 -1.46 -0.84
C TYR A 456 35.02 -2.68 -0.95
N ILE A 457 34.21 -2.75 -2.00
CA ILE A 457 33.20 -3.84 -2.15
C ILE A 457 33.69 -4.86 -3.17
N GLY A 458 34.86 -4.69 -3.79
CA GLY A 458 35.49 -5.73 -4.64
C GLY A 458 34.86 -5.86 -6.02
N VAL A 459 34.43 -4.77 -6.64
CA VAL A 459 33.79 -4.80 -7.97
C VAL A 459 34.49 -3.78 -8.85
N SER A 460 34.27 -3.90 -10.16
CA SER A 460 34.64 -2.90 -11.17
C SER A 460 33.62 -1.78 -11.08
N VAL A 461 34.00 -0.57 -11.41
CA VAL A 461 33.05 0.57 -11.49
CA VAL A 461 33.05 0.58 -11.49
C VAL A 461 32.01 0.29 -12.60
N GLU A 462 32.35 -0.54 -13.59
CA GLU A 462 31.47 -0.87 -14.74
C GLU A 462 30.50 -1.99 -14.37
N GLY A 463 30.73 -2.65 -13.23
CA GLY A 463 30.08 -3.91 -12.84
C GLY A 463 30.77 -5.08 -13.53
N PRO A 464 30.32 -6.33 -13.34
CA PRO A 464 29.10 -6.61 -12.57
C PRO A 464 29.17 -6.30 -11.07
N PHE A 465 28.03 -6.01 -10.47
CA PHE A 465 27.97 -5.46 -9.09
C PHE A 465 27.72 -6.55 -8.06
N LYS A 466 27.23 -7.72 -8.49
CA LYS A 466 26.83 -8.77 -7.54
C LYS A 466 27.46 -10.09 -7.96
N PRO A 467 27.68 -11.02 -7.02
CA PRO A 467 28.12 -12.36 -7.38
C PRO A 467 26.97 -13.13 -8.02
N ASP A 468 27.30 -14.20 -8.75
CA ASP A 468 26.28 -15.02 -9.46
C ASP A 468 25.24 -15.60 -8.49
N THR A 469 25.59 -15.82 -7.22
CA THR A 469 24.69 -16.37 -6.18
C THR A 469 23.59 -15.37 -5.77
N TYR A 470 23.71 -14.10 -6.14
CA TYR A 470 22.82 -13.07 -5.59
C TYR A 470 21.42 -13.24 -6.15
N ARG A 471 20.41 -13.11 -5.28
CA ARG A 471 19.00 -13.39 -5.59
C ARG A 471 18.16 -12.12 -5.86
N TYR A 472 18.62 -10.92 -5.50
CA TYR A 472 17.85 -9.68 -5.74
C TYR A 472 16.53 -9.74 -4.97
N PHE B 13 -42.09 -2.52 -31.17
CA PHE B 13 -41.38 -1.32 -30.54
C PHE B 13 -40.33 -0.70 -31.49
N THR B 14 -40.47 0.60 -31.80
CA THR B 14 -39.52 1.38 -32.65
C THR B 14 -39.19 2.76 -32.04
N ASP B 15 -39.67 3.05 -30.84
CA ASP B 15 -39.49 4.39 -30.22
C ASP B 15 -38.11 4.44 -29.52
N TYR B 16 -37.02 4.39 -30.29
CA TYR B 16 -35.63 4.32 -29.77
C TYR B 16 -34.63 4.62 -30.87
N LYS B 17 -33.41 4.91 -30.47
CA LYS B 17 -32.30 4.96 -31.42
C LYS B 17 -31.01 4.53 -30.74
N VAL B 18 -30.46 3.41 -31.21
CA VAL B 18 -29.22 2.81 -30.66
C VAL B 18 -28.29 2.42 -31.81
N ALA B 19 -27.02 2.14 -31.49
CA ALA B 19 -25.99 1.84 -32.50
C ALA B 19 -26.40 0.59 -33.24
N ASP B 20 -26.85 -0.42 -32.51
CA ASP B 20 -27.01 -1.78 -33.10
C ASP B 20 -27.87 -2.64 -32.16
N ILE B 21 -29.11 -2.84 -32.54
CA ILE B 21 -30.10 -3.64 -31.74
C ILE B 21 -29.60 -5.08 -31.59
N THR B 22 -28.75 -5.58 -32.50
CA THR B 22 -28.31 -6.99 -32.48
C THR B 22 -27.42 -7.19 -31.27
N LEU B 23 -26.96 -6.11 -30.61
CA LEU B 23 -26.14 -6.23 -29.38
C LEU B 23 -27.01 -6.52 -28.14
N ALA B 24 -28.33 -6.63 -28.27
CA ALA B 24 -29.28 -6.73 -27.16
C ALA B 24 -29.02 -7.99 -26.34
N ALA B 25 -28.80 -9.14 -26.95
CA ALA B 25 -28.62 -10.41 -26.21
C ALA B 25 -27.37 -10.28 -25.34
N TRP B 26 -26.28 -9.72 -25.86
CA TRP B 26 -25.06 -9.51 -25.05
C TRP B 26 -25.35 -8.56 -23.87
N GLY B 27 -26.03 -7.46 -24.13
CA GLY B 27 -26.42 -6.50 -23.08
C GLY B 27 -27.25 -7.19 -22.01
N ARG B 28 -28.20 -8.05 -22.39
CA ARG B 28 -29.04 -8.76 -21.40
C ARG B 28 -28.17 -9.72 -20.57
N ARG B 29 -27.21 -10.40 -21.17
CA ARG B 29 -26.33 -11.32 -20.39
C ARG B 29 -25.57 -10.49 -19.33
N GLU B 30 -25.07 -9.32 -19.73
CA GLU B 30 -24.35 -8.43 -18.78
C GLU B 30 -25.32 -7.80 -17.78
N LEU B 31 -26.58 -7.52 -18.12
CA LEU B 31 -27.55 -6.99 -17.09
C LEU B 31 -27.80 -8.07 -16.05
N ILE B 32 -27.94 -9.32 -16.47
CA ILE B 32 -28.18 -10.43 -15.50
C ILE B 32 -26.99 -10.52 -14.53
N ILE B 33 -25.76 -10.37 -15.01
CA ILE B 33 -24.59 -10.38 -14.09
C ILE B 33 -24.64 -9.16 -13.17
N ALA B 34 -24.95 -7.99 -13.73
CA ALA B 34 -24.98 -6.73 -12.95
C ALA B 34 -26.03 -6.81 -11.85
N GLU B 35 -27.17 -7.43 -12.11
CA GLU B 35 -28.22 -7.59 -11.07
C GLU B 35 -27.58 -8.32 -9.87
N SER B 36 -26.70 -9.28 -10.13
CA SER B 36 -26.09 -10.10 -9.05
C SER B 36 -25.04 -9.27 -8.28
N GLU B 37 -24.58 -8.17 -8.89
CA GLU B 37 -23.55 -7.26 -8.33
C GLU B 37 -24.20 -6.05 -7.64
N MET B 38 -25.51 -5.89 -7.72
CA MET B 38 -26.24 -4.67 -7.23
C MET B 38 -27.32 -5.06 -6.21
N PRO B 39 -26.93 -5.53 -5.01
CA PRO B 39 -27.93 -5.99 -4.05
C PRO B 39 -28.81 -4.90 -3.47
N ALA B 40 -28.28 -3.67 -3.34
CA ALA B 40 -29.09 -2.58 -2.78
C ALA B 40 -30.23 -2.28 -3.73
N LEU B 41 -29.91 -2.14 -5.01
CA LEU B 41 -30.91 -1.78 -6.03
C LEU B 41 -31.86 -2.99 -6.22
N MET B 42 -31.37 -4.22 -6.30
CA MET B 42 -32.27 -5.37 -6.48
C MET B 42 -33.09 -5.57 -5.20
N GLY B 43 -32.56 -5.20 -4.05
CA GLY B 43 -33.35 -5.26 -2.80
C GLY B 43 -34.54 -4.33 -2.82
N LEU B 44 -34.35 -3.16 -3.37
CA LEU B 44 -35.46 -2.18 -3.52
C LEU B 44 -36.46 -2.74 -4.53
N ARG B 45 -35.98 -3.30 -5.63
CA ARG B 45 -36.85 -3.88 -6.69
C ARG B 45 -37.78 -4.88 -6.03
N ARG B 46 -37.22 -5.75 -5.18
CA ARG B 46 -37.97 -6.82 -4.49
C ARG B 46 -38.85 -6.21 -3.38
N LYS B 47 -38.38 -5.22 -2.62
CA LYS B 47 -39.13 -4.64 -1.46
C LYS B 47 -40.40 -3.92 -1.94
N TYR B 48 -40.34 -3.25 -3.08
CA TYR B 48 -41.38 -2.28 -3.53
C TYR B 48 -42.15 -2.78 -4.75
N ALA B 49 -41.89 -3.99 -5.26
CA ALA B 49 -42.57 -4.52 -6.47
C ALA B 49 -44.09 -4.55 -6.21
N GLY B 50 -44.50 -5.09 -5.06
CA GLY B 50 -45.91 -5.21 -4.64
C GLY B 50 -46.62 -3.86 -4.68
N GLN B 51 -46.04 -2.87 -4.02
CA GLN B 51 -46.65 -1.54 -3.80
C GLN B 51 -46.66 -0.68 -5.08
N GLN B 52 -45.81 -0.96 -6.06
CA GLN B 52 -45.72 -0.16 -7.31
C GLN B 52 -45.69 1.33 -6.98
N PRO B 53 -44.73 1.79 -6.16
CA PRO B 53 -44.70 3.19 -5.74
C PRO B 53 -44.49 4.22 -6.86
N LEU B 54 -44.05 3.80 -8.04
CA LEU B 54 -43.79 4.74 -9.16
C LEU B 54 -44.84 4.54 -10.26
N LYS B 55 -45.96 3.85 -9.94
CA LYS B 55 -47.12 3.75 -10.87
C LYS B 55 -47.54 5.18 -11.20
N GLY B 56 -47.56 5.53 -12.49
CA GLY B 56 -47.96 6.84 -13.00
C GLY B 56 -46.77 7.77 -13.13
N ALA B 57 -45.59 7.40 -12.64
CA ALA B 57 -44.39 8.25 -12.82
C ALA B 57 -43.98 8.16 -14.28
N LYS B 58 -43.60 9.29 -14.86
CA LYS B 58 -43.12 9.44 -16.25
C LYS B 58 -41.81 10.20 -16.14
N ILE B 59 -40.72 9.42 -16.16
CA ILE B 59 -39.36 9.90 -15.80
C ILE B 59 -38.56 10.17 -17.08
N LEU B 60 -38.14 11.42 -17.24
CA LEU B 60 -37.09 11.80 -18.20
C LEU B 60 -35.75 11.53 -17.52
N GLY B 61 -34.92 10.68 -18.13
CA GLY B 61 -33.61 10.31 -17.59
C GLY B 61 -32.52 10.63 -18.56
N CYS B 62 -31.47 11.23 -18.04
CA CYS B 62 -30.27 11.67 -18.79
C CYS B 62 -29.05 11.34 -17.93
N ILE B 63 -28.53 10.15 -18.12
CA ILE B 63 -27.34 9.65 -17.39
C ILE B 63 -26.76 8.54 -18.24
N HIS B 64 -25.44 8.53 -18.28
CA HIS B 64 -24.59 7.55 -19.00
C HIS B 64 -25.32 6.25 -19.21
N MET B 65 -25.48 5.89 -20.50
CA MET B 65 -26.26 4.67 -20.84
C MET B 65 -25.33 3.43 -20.80
N THR B 66 -24.99 3.04 -19.57
CA THR B 66 -24.17 1.86 -19.23
C THR B 66 -25.04 0.70 -18.76
N ILE B 67 -24.44 -0.46 -18.61
CA ILE B 67 -25.12 -1.64 -18.02
C ILE B 67 -25.70 -1.25 -16.65
N GLN B 68 -24.95 -0.49 -15.82
CA GLN B 68 -25.36 -0.08 -14.45
C GLN B 68 -26.62 0.77 -14.54
N THR B 69 -26.66 1.70 -15.47
CA THR B 69 -27.86 2.52 -15.71
C THR B 69 -28.98 1.63 -16.20
N GLY B 70 -28.71 0.60 -16.99
CA GLY B 70 -29.73 -0.38 -17.38
C GLY B 70 -30.45 -0.98 -16.18
N VAL B 71 -29.71 -1.28 -15.14
CA VAL B 71 -30.29 -1.97 -13.95
C VAL B 71 -31.16 -0.92 -13.22
N LEU B 72 -30.69 0.33 -13.20
CA LEU B 72 -31.47 1.45 -12.60
C LEU B 72 -32.79 1.55 -13.36
N ILE B 73 -32.72 1.71 -14.69
CA ILE B 73 -33.92 1.89 -15.56
C ILE B 73 -34.90 0.75 -15.27
N GLU B 74 -34.44 -0.51 -15.32
CA GLU B 74 -35.37 -1.65 -15.15
C GLU B 74 -35.93 -1.69 -13.73
N THR B 75 -35.23 -1.15 -12.74
CA THR B 75 -35.72 -1.03 -11.36
C THR B 75 -36.87 -0.02 -11.35
N LEU B 76 -36.68 1.10 -11.99
CA LEU B 76 -37.73 2.15 -12.00
C LEU B 76 -38.99 1.57 -12.65
N VAL B 77 -38.81 0.92 -13.80
CA VAL B 77 -39.91 0.32 -14.58
C VAL B 77 -40.55 -0.76 -13.73
N ALA B 78 -39.80 -1.61 -13.05
CA ALA B 78 -40.34 -2.70 -12.20
C ALA B 78 -41.20 -2.11 -11.07
N LEU B 79 -40.98 -0.85 -10.69
CA LEU B 79 -41.71 -0.21 -9.55
C LEU B 79 -42.88 0.62 -10.08
N GLY B 80 -43.16 0.52 -11.39
CA GLY B 80 -44.34 1.11 -12.03
C GLY B 80 -44.01 2.26 -12.97
N ALA B 81 -42.77 2.75 -13.06
CA ALA B 81 -42.47 3.97 -13.86
C ALA B 81 -42.44 3.68 -15.37
N GLU B 82 -42.79 4.68 -16.17
CA GLU B 82 -42.43 4.80 -17.59
C GLU B 82 -41.26 5.78 -17.66
N VAL B 83 -40.31 5.52 -18.56
CA VAL B 83 -39.12 6.38 -18.74
C VAL B 83 -38.94 6.66 -20.22
N ARG B 84 -38.25 7.76 -20.50
CA ARG B 84 -37.58 8.04 -21.78
C ARG B 84 -36.15 8.45 -21.47
N TRP B 85 -35.16 7.84 -22.14
CA TRP B 85 -33.75 7.89 -21.68
C TRP B 85 -32.80 8.41 -22.77
N SER B 86 -31.82 9.26 -22.40
CA SER B 86 -30.62 9.58 -23.21
C SER B 86 -29.35 9.43 -22.37
N SER B 87 -28.17 9.43 -23.00
CA SER B 87 -26.87 9.49 -22.25
C SER B 87 -26.53 10.95 -21.97
N CYS B 88 -25.76 11.23 -20.90
CA CYS B 88 -25.34 12.61 -20.61
C CYS B 88 -23.94 12.85 -21.13
N ASN B 89 -23.38 11.95 -21.93
CA ASN B 89 -22.04 12.17 -22.51
C ASN B 89 -21.96 11.45 -23.86
N ILE B 90 -21.27 12.07 -24.81
CA ILE B 90 -21.13 11.56 -26.20
C ILE B 90 -20.35 10.23 -26.27
N PHE B 91 -19.52 9.91 -25.29
CA PHE B 91 -18.68 8.68 -25.31
C PHE B 91 -19.03 7.68 -24.22
N SER B 92 -20.01 7.93 -23.35
CA SER B 92 -20.18 7.08 -22.14
C SER B 92 -21.12 5.90 -22.39
N THR B 93 -21.94 5.90 -23.43
CA THR B 93 -22.88 4.78 -23.70
C THR B 93 -22.09 3.48 -23.94
N GLN B 94 -22.60 2.39 -23.36
CA GLN B 94 -22.26 0.99 -23.70
CA GLN B 94 -22.23 1.02 -23.76
C GLN B 94 -23.33 0.53 -24.70
N ASP B 95 -22.97 0.34 -25.96
CA ASP B 95 -23.99 0.05 -27.02
C ASP B 95 -24.79 -1.22 -26.68
N GLN B 96 -24.19 -2.24 -26.05
CA GLN B 96 -24.95 -3.44 -25.67
C GLN B 96 -26.00 -3.10 -24.60
N ALA B 97 -25.74 -2.12 -23.72
CA ALA B 97 -26.69 -1.72 -22.65
C ALA B 97 -27.88 -1.03 -23.32
N ALA B 98 -27.60 -0.07 -24.21
CA ALA B 98 -28.63 0.71 -24.90
C ALA B 98 -29.48 -0.26 -25.71
N ALA B 99 -28.88 -1.24 -26.38
CA ALA B 99 -29.63 -2.23 -27.18
C ALA B 99 -30.54 -3.06 -26.27
N ALA B 100 -30.06 -3.57 -25.15
CA ALA B 100 -30.90 -4.40 -24.26
C ALA B 100 -32.11 -3.60 -23.80
N ILE B 101 -31.92 -2.34 -23.46
CA ILE B 101 -33.03 -1.48 -22.93
C ILE B 101 -34.03 -1.25 -24.07
N ALA B 102 -33.57 -0.93 -25.27
CA ALA B 102 -34.47 -0.76 -26.44
C ALA B 102 -35.21 -2.07 -26.67
N ALA B 103 -34.54 -3.21 -26.59
CA ALA B 103 -35.15 -4.53 -26.86
C ALA B 103 -36.23 -4.83 -25.81
N ALA B 104 -36.14 -4.23 -24.60
CA ALA B 104 -37.13 -4.43 -23.50
C ALA B 104 -38.31 -3.50 -23.70
N GLY B 105 -38.37 -2.74 -24.80
CA GLY B 105 -39.49 -1.86 -25.09
C GLY B 105 -39.42 -0.59 -24.27
N ILE B 106 -38.21 -0.13 -23.94
CA ILE B 106 -38.03 1.16 -23.22
C ILE B 106 -37.43 2.18 -24.19
N PRO B 107 -38.01 3.38 -24.28
CA PRO B 107 -37.41 4.38 -25.17
C PRO B 107 -36.05 4.90 -24.69
N VAL B 108 -35.06 4.74 -25.55
CA VAL B 108 -33.64 5.10 -25.28
C VAL B 108 -33.07 5.61 -26.58
N PHE B 109 -32.41 6.75 -26.47
CA PHE B 109 -31.70 7.44 -27.55
C PHE B 109 -30.26 7.67 -27.12
N ALA B 110 -29.36 6.76 -27.50
CA ALA B 110 -27.95 6.79 -27.03
C ALA B 110 -27.08 5.83 -27.84
N TRP B 111 -25.90 6.29 -28.18
CA TRP B 111 -24.83 5.43 -28.72
C TRP B 111 -23.48 6.01 -28.34
N LYS B 112 -22.46 5.15 -28.36
CA LYS B 112 -21.06 5.57 -28.11
C LYS B 112 -20.55 6.29 -29.35
N GLY B 113 -20.00 7.48 -29.17
CA GLY B 113 -19.41 8.28 -30.26
C GLY B 113 -20.43 9.18 -30.93
N GLU B 114 -21.36 9.77 -30.18
CA GLU B 114 -22.29 10.79 -30.69
C GLU B 114 -21.49 12.06 -31.05
N THR B 115 -21.92 12.78 -32.07
CA THR B 115 -21.51 14.19 -32.25
C THR B 115 -22.27 15.02 -31.20
N GLU B 116 -21.86 16.27 -31.00
CA GLU B 116 -22.64 17.19 -30.13
C GLU B 116 -24.07 17.33 -30.66
N GLU B 117 -24.27 17.38 -31.98
CA GLU B 117 -25.63 17.64 -32.54
C GLU B 117 -26.51 16.45 -32.24
N GLU B 118 -25.93 15.26 -32.38
CA GLU B 118 -26.61 13.98 -32.05
C GLU B 118 -26.94 13.95 -30.57
N TYR B 119 -26.00 14.41 -29.71
CA TYR B 119 -26.25 14.49 -28.24
C TYR B 119 -27.53 15.29 -27.94
N GLU B 120 -27.64 16.49 -28.51
CA GLU B 120 -28.83 17.38 -28.29
C GLU B 120 -30.10 16.71 -28.86
N TRP B 121 -30.00 16.10 -30.03
CA TRP B 121 -31.13 15.40 -30.68
C TRP B 121 -31.64 14.25 -29.79
N CYS B 122 -30.75 13.52 -29.12
CA CYS B 122 -31.14 12.41 -28.24
C CYS B 122 -31.96 12.96 -27.09
N ILE B 123 -31.50 14.04 -26.45
CA ILE B 123 -32.21 14.59 -25.25
C ILE B 123 -33.60 15.05 -25.70
N GLU B 124 -33.67 15.71 -26.85
CA GLU B 124 -34.96 16.20 -27.42
C GLU B 124 -35.89 15.02 -27.74
N GLN B 125 -35.37 13.86 -28.14
CA GLN B 125 -36.26 12.71 -28.41
C GLN B 125 -36.82 12.17 -27.10
N THR B 126 -36.19 12.40 -25.92
CA THR B 126 -36.81 11.94 -24.64
C THR B 126 -37.95 12.91 -24.28
N ILE B 127 -37.69 14.18 -24.52
CA ILE B 127 -38.59 15.29 -24.10
C ILE B 127 -39.88 15.21 -24.92
N LEU B 128 -39.74 14.92 -26.22
CA LEU B 128 -40.85 14.78 -27.20
C LEU B 128 -41.22 13.31 -27.42
N LYS B 129 -42.52 13.02 -27.46
CA LYS B 129 -43.09 11.72 -27.88
C LYS B 129 -44.03 12.01 -29.05
N ASP B 130 -43.74 11.40 -30.21
CA ASP B 130 -44.60 11.54 -31.42
C ASP B 130 -44.74 13.02 -31.77
N GLY B 131 -43.68 13.83 -31.61
CA GLY B 131 -43.62 15.23 -32.10
C GLY B 131 -44.03 16.30 -31.07
N GLN B 132 -44.59 15.91 -29.90
CA GLN B 132 -45.16 16.85 -28.90
C GLN B 132 -44.51 16.56 -27.55
N PRO B 133 -44.42 17.55 -26.62
CA PRO B 133 -43.93 17.29 -25.26
C PRO B 133 -44.58 16.06 -24.64
N TRP B 134 -43.76 15.14 -24.17
CA TRP B 134 -44.24 14.01 -23.36
C TRP B 134 -44.86 14.59 -22.08
N ASP B 135 -45.83 13.88 -21.51
CA ASP B 135 -46.46 14.24 -20.20
C ASP B 135 -45.55 13.77 -19.06
N ALA B 136 -44.30 14.24 -19.08
CA ALA B 136 -43.26 13.92 -18.06
C ALA B 136 -43.67 14.52 -16.72
N ASN B 137 -43.39 13.81 -15.63
CA ASN B 137 -43.70 14.31 -14.26
C ASN B 137 -42.52 14.10 -13.30
N MET B 138 -41.37 13.63 -13.80
CA MET B 138 -40.17 13.35 -12.96
C MET B 138 -38.95 13.53 -13.85
N VAL B 139 -37.86 13.98 -13.25
CA VAL B 139 -36.56 14.12 -13.95
C VAL B 139 -35.44 13.41 -13.16
N LEU B 140 -34.60 12.68 -13.87
CA LEU B 140 -33.42 11.98 -13.29
C LEU B 140 -32.23 12.44 -14.13
N ASP B 141 -31.33 13.20 -13.54
CA ASP B 141 -30.28 13.94 -14.27
C ASP B 141 -28.90 13.65 -13.67
N ASP B 142 -27.90 13.73 -14.52
CA ASP B 142 -26.46 13.59 -14.19
C ASP B 142 -25.75 14.71 -14.91
N GLY B 143 -25.48 15.81 -14.20
CA GLY B 143 -24.67 16.88 -14.78
C GLY B 143 -25.47 18.14 -15.03
N GLY B 144 -26.81 18.03 -15.08
CA GLY B 144 -27.71 19.20 -15.23
C GLY B 144 -28.08 19.60 -16.65
N ASP B 145 -27.61 18.93 -17.70
CA ASP B 145 -27.91 19.34 -19.10
C ASP B 145 -29.44 19.28 -19.34
N LEU B 146 -30.11 18.18 -18.93
CA LEU B 146 -31.56 17.98 -19.17
C LEU B 146 -32.32 19.00 -18.32
N THR B 147 -31.94 19.13 -17.06
CA THR B 147 -32.52 20.14 -16.14
C THR B 147 -32.50 21.52 -16.83
N GLU B 148 -31.34 21.88 -17.37
CA GLU B 148 -31.12 23.21 -18.00
C GLU B 148 -32.02 23.36 -19.25
N ILE B 149 -32.12 22.33 -20.09
CA ILE B 149 -32.93 22.41 -21.34
C ILE B 149 -34.42 22.56 -20.97
N LEU B 150 -34.86 21.85 -19.93
CA LEU B 150 -36.28 21.95 -19.49
C LEU B 150 -36.53 23.38 -19.01
N HIS B 151 -35.61 23.95 -18.23
CA HIS B 151 -35.81 25.31 -17.65
C HIS B 151 -35.78 26.37 -18.77
N LYS B 152 -34.87 26.27 -19.72
CA LYS B 152 -34.65 27.32 -20.75
C LYS B 152 -35.62 27.13 -21.93
N LYS B 153 -35.93 25.91 -22.33
CA LYS B 153 -36.62 25.65 -23.62
C LYS B 153 -38.03 25.11 -23.40
N TYR B 154 -38.32 24.43 -22.29
CA TYR B 154 -39.62 23.73 -22.07
C TYR B 154 -40.18 24.07 -20.69
N PRO B 155 -40.16 25.37 -20.29
CA PRO B 155 -40.66 25.75 -18.96
C PRO B 155 -42.07 25.21 -18.62
N GLN B 156 -42.96 25.15 -19.59
CA GLN B 156 -44.35 24.66 -19.38
C GLN B 156 -44.33 23.21 -18.90
N MET B 157 -43.38 22.39 -19.35
CA MET B 157 -43.37 20.96 -18.93
C MET B 157 -43.07 20.88 -17.43
N LEU B 158 -42.31 21.86 -16.92
CA LEU B 158 -41.88 21.92 -15.50
C LEU B 158 -43.09 22.18 -14.59
N GLU B 159 -44.20 22.74 -15.12
CA GLU B 159 -45.45 22.94 -14.34
C GLU B 159 -46.01 21.58 -13.90
N ARG B 160 -45.73 20.49 -14.62
CA ARG B 160 -46.32 19.14 -14.31
C ARG B 160 -45.26 18.21 -13.71
N ILE B 161 -44.05 18.70 -13.47
CA ILE B 161 -42.91 17.86 -12.93
C ILE B 161 -42.78 18.02 -11.40
N HIS B 162 -42.81 16.90 -10.65
CA HIS B 162 -42.79 16.83 -9.16
C HIS B 162 -41.36 17.00 -8.63
N GLY B 163 -40.33 16.75 -9.44
CA GLY B 163 -38.97 17.05 -8.95
C GLY B 163 -37.89 16.45 -9.81
N ILE B 164 -36.65 16.78 -9.45
CA ILE B 164 -35.41 16.36 -10.13
C ILE B 164 -34.59 15.57 -9.11
N THR B 165 -33.98 14.47 -9.52
CA THR B 165 -32.96 13.79 -8.71
C THR B 165 -31.65 13.88 -9.50
N GLU B 166 -30.63 14.48 -8.88
CA GLU B 166 -29.38 14.87 -9.58
C GLU B 166 -28.22 14.04 -8.99
N GLU B 167 -27.50 13.39 -9.90
CA GLU B 167 -26.44 12.38 -9.61
C GLU B 167 -25.10 12.95 -9.10
N THR B 168 -24.60 14.06 -9.66
CA THR B 168 -23.16 14.40 -9.63
C THR B 168 -22.96 15.81 -9.07
N THR B 169 -21.73 16.04 -8.65
CA THR B 169 -21.25 17.24 -7.96
C THR B 169 -21.55 18.45 -8.86
N THR B 170 -21.13 18.40 -10.11
CA THR B 170 -21.33 19.51 -11.09
C THR B 170 -22.83 19.83 -11.21
N GLY B 171 -23.71 18.82 -11.33
CA GLY B 171 -25.15 19.05 -11.46
C GLY B 171 -25.72 19.73 -10.21
N VAL B 172 -25.30 19.27 -9.05
CA VAL B 172 -25.78 19.85 -7.79
C VAL B 172 -25.32 21.30 -7.74
N HIS B 173 -24.09 21.58 -8.12
CA HIS B 173 -23.61 22.99 -8.13
C HIS B 173 -24.58 23.84 -8.96
N ARG B 174 -24.95 23.34 -10.15
CA ARG B 174 -25.83 24.09 -11.08
C ARG B 174 -27.22 24.27 -10.45
N LEU B 175 -27.73 23.25 -9.73
CA LEU B 175 -29.05 23.33 -9.05
C LEU B 175 -28.98 24.42 -7.99
N LEU B 176 -27.90 24.45 -7.21
CA LEU B 176 -27.81 25.40 -6.08
C LEU B 176 -27.73 26.82 -6.64
N ASP B 177 -27.03 27.00 -7.75
CA ASP B 177 -26.95 28.31 -8.46
C ASP B 177 -28.35 28.78 -8.84
N MET B 178 -29.11 27.91 -9.50
CA MET B 178 -30.53 28.21 -9.90
C MET B 178 -31.32 28.58 -8.64
N LEU B 179 -31.22 27.79 -7.59
CA LEU B 179 -31.98 28.06 -6.35
C LEU B 179 -31.59 29.42 -5.79
N LYS B 180 -30.30 29.73 -5.75
CA LYS B 180 -29.76 31.05 -5.27
C LYS B 180 -30.43 32.18 -6.06
N ASN B 181 -30.59 31.99 -7.37
CA ASN B 181 -31.07 33.04 -8.32
C ASN B 181 -32.58 33.01 -8.47
N GLY B 182 -33.28 32.09 -7.78
CA GLY B 182 -34.74 31.90 -7.84
C GLY B 182 -35.23 31.39 -9.19
N THR B 183 -34.37 30.76 -10.01
CA THR B 183 -34.75 30.23 -11.35
C THR B 183 -35.12 28.73 -11.28
N LEU B 184 -34.85 28.05 -10.15
CA LEU B 184 -35.21 26.62 -10.05
C LEU B 184 -36.74 26.51 -9.90
N LYS B 185 -37.40 25.65 -10.67
CA LYS B 185 -38.90 25.61 -10.75
C LYS B 185 -39.48 24.38 -10.07
N VAL B 186 -38.70 23.36 -9.75
CA VAL B 186 -39.22 22.15 -9.07
C VAL B 186 -38.17 21.77 -8.04
N PRO B 187 -38.56 21.10 -6.95
CA PRO B 187 -37.62 20.74 -5.90
C PRO B 187 -36.68 19.65 -6.46
N ALA B 188 -35.54 19.49 -5.81
CA ALA B 188 -34.52 18.50 -6.23
C ALA B 188 -34.00 17.74 -5.01
N ILE B 189 -33.60 16.50 -5.25
CA ILE B 189 -32.76 15.71 -4.31
C ILE B 189 -31.34 15.66 -4.86
N ASN B 190 -30.41 16.11 -4.03
CA ASN B 190 -28.95 16.02 -4.20
C ASN B 190 -28.58 14.57 -3.82
N VAL B 191 -28.58 13.70 -4.83
CA VAL B 191 -28.20 12.28 -4.66
C VAL B 191 -26.69 12.19 -4.41
N ASN B 192 -25.92 13.09 -5.01
CA ASN B 192 -24.45 13.05 -4.95
C ASN B 192 -24.03 13.01 -3.48
N ASP B 193 -24.69 13.79 -2.59
CA ASP B 193 -24.16 13.92 -1.21
C ASP B 193 -24.74 12.91 -0.22
N SER B 194 -25.41 11.86 -0.65
CA SER B 194 -25.48 10.66 0.22
C SER B 194 -24.04 10.18 0.41
N VAL B 195 -23.72 9.65 1.59
CA VAL B 195 -22.35 9.11 1.82
C VAL B 195 -22.17 7.90 0.91
N THR B 196 -23.24 7.12 0.67
CA THR B 196 -23.20 5.92 -0.19
C THR B 196 -23.19 6.29 -1.66
N LYS B 197 -23.10 7.59 -1.96
CA LYS B 197 -22.81 8.11 -3.32
C LYS B 197 -21.44 8.78 -3.28
N SER B 198 -21.34 10.03 -2.82
CA SER B 198 -20.08 10.81 -2.77
C SER B 198 -18.88 10.00 -2.27
N LYS B 199 -19.00 9.27 -1.16
CA LYS B 199 -17.82 8.63 -0.53
C LYS B 199 -17.70 7.17 -0.96
N ASN B 200 -18.42 6.80 -2.00
CA ASN B 200 -18.44 5.44 -2.58
C ASN B 200 -18.09 5.60 -4.06
N ASP B 201 -19.05 6.09 -4.84
CA ASP B 201 -18.94 6.33 -6.30
C ASP B 201 -17.78 7.27 -6.57
N ASN B 202 -17.86 8.50 -6.06
CA ASN B 202 -16.93 9.53 -6.56
C ASN B 202 -15.50 9.09 -6.31
N LYS B 203 -15.25 8.47 -5.15
CA LYS B 203 -13.90 8.11 -4.71
C LYS B 203 -13.53 6.72 -5.24
N TYR B 204 -14.18 5.68 -4.70
CA TYR B 204 -13.80 4.28 -5.04
C TYR B 204 -14.14 3.98 -6.48
N GLY B 205 -15.16 4.61 -7.08
CA GLY B 205 -15.44 4.35 -8.50
C GLY B 205 -14.30 4.79 -9.40
N CYS B 206 -13.72 5.96 -9.12
CA CYS B 206 -12.56 6.48 -9.86
C CYS B 206 -11.31 5.67 -9.53
N ARG B 207 -11.19 5.15 -8.31
CA ARG B 207 -10.04 4.28 -7.97
C ARG B 207 -10.07 3.07 -8.90
N HIS B 208 -11.23 2.47 -9.06
CA HIS B 208 -11.39 1.28 -9.94
C HIS B 208 -11.18 1.65 -11.40
N SER B 209 -11.81 2.73 -11.87
CA SER B 209 -12.00 2.93 -13.31
C SER B 209 -10.97 3.86 -13.96
N LEU B 210 -10.20 4.68 -13.22
CA LEU B 210 -9.23 5.56 -13.90
C LEU B 210 -8.07 4.75 -14.50
N ASN B 211 -7.36 3.95 -13.68
CA ASN B 211 -6.26 3.13 -14.21
CA ASN B 211 -6.27 3.07 -14.15
C ASN B 211 -6.83 2.15 -15.25
N ASP B 212 -8.05 1.71 -15.14
CA ASP B 212 -8.70 0.80 -16.12
C ASP B 212 -8.76 1.49 -17.49
N ALA B 213 -9.25 2.72 -17.49
CA ALA B 213 -9.37 3.51 -18.75
C ALA B 213 -8.01 3.80 -19.37
N ILE B 214 -7.02 4.15 -18.56
CA ILE B 214 -5.67 4.46 -19.06
C ILE B 214 -5.09 3.18 -19.73
N LYS B 215 -5.20 2.04 -19.04
CA LYS B 215 -4.65 0.78 -19.60
C LYS B 215 -5.38 0.45 -20.90
N ARG B 216 -6.70 0.58 -20.94
CA ARG B 216 -7.41 0.16 -22.17
C ARG B 216 -7.04 1.09 -23.33
N GLY B 217 -6.84 2.39 -23.06
CA GLY B 217 -6.52 3.34 -24.14
C GLY B 217 -5.10 3.21 -24.65
N THR B 218 -4.15 3.02 -23.75
CA THR B 218 -2.70 3.15 -24.07
C THR B 218 -1.92 1.86 -23.85
N ASP B 219 -2.41 1.00 -22.95
CA ASP B 219 -1.64 -0.16 -22.41
C ASP B 219 -0.28 0.27 -21.88
N HIS B 220 -0.19 1.51 -21.35
CA HIS B 220 1.06 2.00 -20.74
C HIS B 220 1.28 1.37 -19.36
N LEU B 221 2.51 0.91 -19.11
CA LEU B 221 2.97 0.73 -17.74
C LEU B 221 2.77 2.02 -16.97
N LEU B 222 2.18 1.93 -15.79
CA LEU B 222 2.07 3.07 -14.85
C LEU B 222 3.16 3.06 -13.81
N SER B 223 3.56 1.88 -13.31
CA SER B 223 4.59 1.73 -12.26
C SER B 223 5.82 2.55 -12.63
N GLY B 224 6.32 3.33 -11.69
CA GLY B 224 7.61 3.98 -11.87
C GLY B 224 7.54 5.31 -12.60
N LYS B 225 6.39 5.65 -13.13
CA LYS B 225 6.22 6.90 -13.90
C LYS B 225 5.65 8.00 -13.01
N GLN B 226 5.69 9.23 -13.53
CA GLN B 226 5.31 10.45 -12.75
CA GLN B 226 5.32 10.45 -12.75
C GLN B 226 3.92 10.91 -13.19
N ALA B 227 3.01 11.07 -12.24
CA ALA B 227 1.67 11.58 -12.46
C ALA B 227 1.48 12.91 -11.72
N LEU B 228 0.63 13.76 -12.31
CA LEU B 228 0.11 14.96 -11.62
C LEU B 228 -1.42 14.86 -11.64
N VAL B 229 -2.04 14.85 -10.46
CA VAL B 229 -3.50 14.82 -10.31
C VAL B 229 -3.90 16.24 -9.90
N ILE B 230 -4.75 16.88 -10.71
CA ILE B 230 -5.27 18.23 -10.40
C ILE B 230 -6.58 18.04 -9.66
N GLY B 231 -6.55 18.39 -8.38
CA GLY B 231 -7.71 18.22 -7.51
C GLY B 231 -7.55 17.04 -6.55
N TYR B 232 -8.10 17.22 -5.35
CA TYR B 232 -8.05 16.21 -4.26
C TYR B 232 -9.34 16.29 -3.47
N GLY B 233 -10.46 16.45 -4.17
CA GLY B 233 -11.80 16.15 -3.66
C GLY B 233 -12.07 14.66 -3.77
N ASP B 234 -13.32 14.27 -3.78
CA ASP B 234 -13.64 12.82 -3.78
C ASP B 234 -13.06 12.17 -5.03
N VAL B 235 -13.24 12.77 -6.21
CA VAL B 235 -12.69 12.21 -7.46
C VAL B 235 -11.17 12.24 -7.44
N GLY B 236 -10.53 13.32 -7.01
CA GLY B 236 -9.08 13.40 -6.95
C GLY B 236 -8.49 12.41 -5.96
N LYS B 237 -9.13 12.20 -4.83
CA LYS B 237 -8.66 11.20 -3.84
C LYS B 237 -8.68 9.81 -4.50
N GLY B 238 -9.77 9.47 -5.14
CA GLY B 238 -9.86 8.12 -5.77
C GLY B 238 -8.95 7.96 -6.94
N SER B 239 -8.84 9.00 -7.75
CA SER B 239 -7.89 9.03 -8.89
C SER B 239 -6.43 8.85 -8.41
N SER B 240 -5.98 9.61 -7.40
CA SER B 240 -4.62 9.54 -6.85
C SER B 240 -4.37 8.11 -6.41
N GLN B 241 -5.31 7.50 -5.75
CA GLN B 241 -5.10 6.11 -5.24
C GLN B 241 -5.06 5.14 -6.44
N SER B 242 -5.90 5.35 -7.43
CA SER B 242 -5.88 4.49 -8.65
C SER B 242 -4.46 4.42 -9.21
N LEU B 243 -3.78 5.54 -9.28
CA LEU B 243 -2.42 5.65 -9.83
C LEU B 243 -1.38 5.17 -8.83
N ARG B 244 -1.44 5.61 -7.58
CA ARG B 244 -0.43 5.28 -6.58
C ARG B 244 -0.40 3.75 -6.38
N GLN B 245 -1.54 3.11 -6.37
CA GLN B 245 -1.61 1.66 -6.06
C GLN B 245 -0.95 0.87 -7.20
N GLU B 246 -0.87 1.45 -8.41
CA GLU B 246 -0.15 0.87 -9.57
C GLU B 246 1.35 1.18 -9.51
N GLY B 247 1.81 1.97 -8.55
CA GLY B 247 3.24 2.28 -8.42
C GLY B 247 3.63 3.59 -9.09
N MET B 248 2.68 4.41 -9.47
CA MET B 248 3.03 5.76 -9.96
C MET B 248 3.56 6.61 -8.80
N ILE B 249 4.45 7.50 -9.16
CA ILE B 249 4.88 8.61 -8.27
C ILE B 249 3.92 9.78 -8.57
N VAL B 250 2.98 10.00 -7.65
CA VAL B 250 1.85 10.92 -7.83
C VAL B 250 2.16 12.19 -7.03
N LYS B 251 2.04 13.31 -7.75
CA LYS B 251 1.96 14.65 -7.16
C LYS B 251 0.53 15.16 -7.33
N VAL B 252 0.11 16.00 -6.38
CA VAL B 252 -1.28 16.46 -6.32
C VAL B 252 -1.27 18.00 -6.30
N ALA B 253 -2.15 18.61 -7.08
CA ALA B 253 -2.42 20.06 -7.01
C ALA B 253 -3.77 20.29 -6.38
N GLU B 254 -3.86 21.40 -5.63
CA GLU B 254 -5.13 21.77 -4.99
C GLU B 254 -5.15 23.28 -4.78
N VAL B 255 -6.34 23.85 -4.80
CA VAL B 255 -6.57 25.24 -4.30
C VAL B 255 -7.10 25.19 -2.88
N ASP B 256 -7.63 24.05 -2.42
CA ASP B 256 -8.22 23.97 -1.07
C ASP B 256 -7.17 23.43 -0.12
N PRO B 257 -6.68 24.23 0.85
CA PRO B 257 -5.61 23.80 1.74
C PRO B 257 -6.02 22.60 2.61
N ILE B 258 -7.28 22.43 2.92
CA ILE B 258 -7.71 21.26 3.73
C ILE B 258 -7.50 20.02 2.85
N CYS B 259 -7.99 20.05 1.62
CA CYS B 259 -7.78 18.90 0.70
C CYS B 259 -6.28 18.67 0.47
N ALA B 260 -5.47 19.73 0.38
CA ALA B 260 -4.02 19.59 0.23
C ALA B 260 -3.42 18.91 1.46
N MET B 261 -3.87 19.27 2.66
N MET B 261 -3.84 19.28 2.67
CA MET B 261 -3.37 18.66 3.92
CA MET B 261 -3.32 18.66 3.90
C MET B 261 -3.59 17.13 3.85
C MET B 261 -3.58 17.14 3.84
N GLN B 262 -4.78 16.74 3.43
CA GLN B 262 -5.15 15.30 3.27
C GLN B 262 -4.17 14.66 2.29
N ALA B 263 -3.87 15.31 1.17
CA ALA B 263 -2.92 14.73 0.18
C ALA B 263 -1.57 14.52 0.83
N CYS B 264 -1.05 15.50 1.56
CA CYS B 264 0.26 15.39 2.21
C CYS B 264 0.21 14.20 3.18
N MET B 265 -0.83 14.10 4.01
CA MET B 265 -0.89 13.02 5.04
C MET B 265 -1.09 11.65 4.38
N ASP B 266 -1.70 11.63 3.21
CA ASP B 266 -1.89 10.41 2.38
C ASP B 266 -0.61 9.99 1.66
N GLY B 267 0.47 10.76 1.76
CA GLY B 267 1.80 10.44 1.25
C GLY B 267 2.10 11.00 -0.12
N PHE B 268 1.42 12.08 -0.54
CA PHE B 268 1.68 12.75 -1.84
C PHE B 268 2.39 14.08 -1.64
N GLU B 269 3.26 14.41 -2.57
CA GLU B 269 3.85 15.76 -2.68
C GLU B 269 2.80 16.66 -3.34
N VAL B 270 2.58 17.83 -2.71
CA VAL B 270 1.60 18.81 -3.17
C VAL B 270 2.34 19.90 -3.92
N VAL B 271 1.95 20.11 -5.18
CA VAL B 271 2.71 21.00 -6.12
C VAL B 271 1.67 21.79 -6.90
N SER B 272 2.13 22.88 -7.48
CA SER B 272 1.34 23.71 -8.41
C SER B 272 2.04 23.68 -9.77
N PRO B 273 1.25 23.69 -10.85
CA PRO B 273 1.79 23.89 -12.18
C PRO B 273 2.43 25.27 -12.36
N TYR B 274 2.07 26.20 -11.48
CA TYR B 274 2.49 27.61 -11.54
C TYR B 274 3.48 27.90 -10.41
N LYS B 275 4.49 28.70 -10.73
CA LYS B 275 5.48 29.16 -9.75
C LYS B 275 4.77 29.88 -8.59
N ASN B 276 4.98 29.39 -7.39
CA ASN B 276 4.33 29.94 -6.16
C ASN B 276 2.83 29.78 -6.20
N GLY B 277 2.28 28.93 -7.07
CA GLY B 277 0.83 28.77 -7.24
C GLY B 277 0.13 29.91 -7.93
N ILE B 278 0.88 30.86 -8.47
CA ILE B 278 0.26 32.07 -9.09
C ILE B 278 0.28 31.91 -10.62
N ASN B 279 -0.89 31.78 -11.18
CA ASN B 279 -1.00 31.79 -12.65
C ASN B 279 -1.32 33.21 -13.08
N ASP B 280 -0.31 33.82 -13.63
CA ASP B 280 -0.33 35.24 -14.09
C ASP B 280 -0.78 35.29 -15.59
N GLY B 281 -1.11 34.12 -16.19
CA GLY B 281 -1.59 33.98 -17.60
C GLY B 281 -0.45 33.90 -18.60
N THR B 282 0.78 34.18 -18.16
CA THR B 282 2.01 34.13 -19.00
C THR B 282 2.73 32.78 -18.88
N GLU B 283 3.53 32.48 -19.88
CA GLU B 283 4.36 31.26 -19.92
C GLU B 283 5.38 31.31 -18.79
N ALA B 284 5.83 32.50 -18.41
CA ALA B 284 6.91 32.64 -17.41
C ALA B 284 6.44 32.06 -16.06
N SER B 285 5.13 32.03 -15.80
CA SER B 285 4.56 31.55 -14.51
C SER B 285 4.47 30.01 -14.48
N ILE B 286 4.65 29.32 -15.60
CA ILE B 286 4.58 27.83 -15.62
C ILE B 286 5.85 27.25 -15.01
N ASP B 287 5.67 26.27 -14.09
CA ASP B 287 6.85 25.54 -13.57
C ASP B 287 7.24 24.51 -14.64
N ALA B 288 8.08 24.93 -15.61
CA ALA B 288 8.49 24.11 -16.78
C ALA B 288 9.25 22.87 -16.30
N ALA B 289 10.04 22.99 -15.27
CA ALA B 289 10.91 21.88 -14.78
C ALA B 289 10.00 20.77 -14.23
N LEU B 290 8.93 21.13 -13.52
CA LEU B 290 7.95 20.20 -12.93
C LEU B 290 7.19 19.52 -14.08
N LEU B 291 6.60 20.31 -14.99
CA LEU B 291 5.71 19.75 -16.02
C LEU B 291 6.52 18.93 -17.02
N GLY B 292 7.81 19.24 -17.19
CA GLY B 292 8.70 18.51 -18.10
C GLY B 292 9.06 17.12 -17.59
N LYS B 293 8.64 16.79 -16.37
CA LYS B 293 8.91 15.46 -15.78
C LYS B 293 7.64 14.63 -15.69
N ILE B 294 6.48 15.17 -16.07
CA ILE B 294 5.18 14.53 -15.84
C ILE B 294 4.85 13.63 -17.04
N ASP B 295 4.48 12.38 -16.77
CA ASP B 295 4.13 11.41 -17.83
C ASP B 295 2.62 11.30 -17.96
N LEU B 296 1.86 11.79 -16.98
CA LEU B 296 0.40 11.65 -16.93
C LEU B 296 -0.17 12.78 -16.10
N ILE B 297 -1.14 13.50 -16.69
CA ILE B 297 -1.91 14.51 -15.94
C ILE B 297 -3.38 14.12 -16.03
N VAL B 298 -4.04 14.22 -14.87
CA VAL B 298 -5.45 13.86 -14.71
C VAL B 298 -6.16 15.03 -14.03
N THR B 299 -7.22 15.55 -14.64
CA THR B 299 -8.04 16.63 -14.02
C THR B 299 -9.27 16.04 -13.35
N THR B 300 -9.58 16.51 -12.12
CA THR B 300 -10.64 15.97 -11.28
C THR B 300 -11.43 17.09 -10.58
N THR B 301 -11.49 18.28 -11.15
CA THR B 301 -11.88 19.48 -10.36
C THR B 301 -13.36 19.85 -10.46
N GLY B 302 -14.00 19.66 -11.61
CA GLY B 302 -15.30 20.29 -11.88
C GLY B 302 -15.12 21.78 -12.15
N ASN B 303 -13.91 22.22 -12.36
CA ASN B 303 -13.58 23.63 -12.62
C ASN B 303 -13.16 23.78 -14.09
N VAL B 304 -12.79 24.98 -14.47
CA VAL B 304 -12.56 25.32 -15.89
C VAL B 304 -11.08 25.61 -16.09
N ASN B 305 -10.52 25.01 -17.13
CA ASN B 305 -9.16 25.38 -17.55
C ASN B 305 -8.11 25.16 -16.45
N VAL B 306 -8.12 23.98 -15.83
CA VAL B 306 -7.11 23.62 -14.79
C VAL B 306 -5.92 22.86 -15.40
N CYS B 307 -6.02 22.47 -16.66
CA CYS B 307 -4.87 22.08 -17.50
C CYS B 307 -4.89 22.97 -18.73
N ASP B 308 -4.17 24.08 -18.68
CA ASP B 308 -4.37 25.19 -19.65
C ASP B 308 -3.38 25.04 -20.82
N ALA B 309 -3.44 25.94 -21.78
CA ALA B 309 -2.58 25.86 -22.97
C ALA B 309 -1.10 25.89 -22.58
N ASN B 310 -0.67 26.78 -21.68
CA ASN B 310 0.76 26.89 -21.34
C ASN B 310 1.21 25.59 -20.62
N MET B 311 0.35 24.98 -19.81
CA MET B 311 0.72 23.67 -19.17
C MET B 311 0.94 22.64 -20.29
N LEU B 312 0.02 22.56 -21.23
CA LEU B 312 0.08 21.57 -22.34
C LEU B 312 1.35 21.77 -23.15
N LYS B 313 1.77 23.01 -23.38
CA LYS B 313 3.03 23.28 -24.10
C LYS B 313 4.26 22.78 -23.32
N ALA B 314 4.19 22.80 -21.98
CA ALA B 314 5.35 22.52 -21.10
C ALA B 314 5.45 21.03 -20.73
N LEU B 315 4.39 20.27 -21.00
CA LEU B 315 4.37 18.85 -20.55
C LEU B 315 5.50 18.09 -21.27
N LYS B 316 6.08 17.13 -20.57
CA LYS B 316 7.01 16.15 -21.15
C LYS B 316 6.42 15.58 -22.45
N LYS B 317 7.28 15.36 -23.44
CA LYS B 317 6.88 14.68 -24.67
C LYS B 317 6.26 13.33 -24.30
N ARG B 318 5.15 13.02 -24.94
CA ARG B 318 4.46 11.69 -24.91
C ARG B 318 3.76 11.50 -23.59
N ALA B 319 3.56 12.58 -22.81
CA ALA B 319 2.60 12.56 -21.69
C ALA B 319 1.19 12.23 -22.15
N VAL B 320 0.49 11.52 -21.26
CA VAL B 320 -0.94 11.28 -21.36
C VAL B 320 -1.68 12.39 -20.61
N VAL B 321 -2.72 12.90 -21.25
CA VAL B 321 -3.63 13.93 -20.70
C VAL B 321 -5.02 13.34 -20.66
N CYS B 322 -5.68 13.49 -19.50
CA CYS B 322 -7.07 13.05 -19.39
C CYS B 322 -7.80 13.81 -18.30
N ASN B 323 -9.13 13.71 -18.39
CA ASN B 323 -10.08 14.38 -17.48
C ASN B 323 -11.05 13.32 -17.00
N ILE B 324 -11.30 13.34 -15.70
CA ILE B 324 -12.34 12.48 -15.08
C ILE B 324 -13.38 13.35 -14.34
N GLY B 325 -13.28 14.69 -14.44
CA GLY B 325 -14.38 15.57 -14.02
C GLY B 325 -15.51 15.53 -15.04
N HIS B 326 -16.65 16.02 -14.72
CA HIS B 326 -17.89 15.85 -15.55
C HIS B 326 -17.73 16.42 -16.97
N PHE B 327 -17.07 17.59 -17.13
CA PHE B 327 -17.06 18.30 -18.44
C PHE B 327 -15.67 18.43 -19.00
N ASP B 328 -15.53 18.32 -20.35
CA ASP B 328 -14.21 18.38 -21.05
C ASP B 328 -13.45 19.73 -20.91
N ASN B 329 -14.09 20.82 -20.50
CA ASN B 329 -13.36 22.11 -20.48
C ASN B 329 -12.43 22.23 -19.25
N GLU B 330 -12.21 21.16 -18.47
CA GLU B 330 -11.10 21.22 -17.49
C GLU B 330 -9.78 21.40 -18.23
N ILE B 331 -9.66 20.79 -19.41
CA ILE B 331 -8.46 20.84 -20.27
C ILE B 331 -8.78 21.79 -21.42
N ASP B 332 -7.80 22.56 -21.85
CA ASP B 332 -7.98 23.48 -23.01
C ASP B 332 -7.78 22.68 -24.33
N THR B 333 -8.75 21.85 -24.62
CA THR B 333 -8.76 21.04 -25.87
C THR B 333 -9.02 22.00 -27.03
N ALA B 334 -9.76 23.09 -26.83
CA ALA B 334 -9.98 24.07 -27.92
C ALA B 334 -8.64 24.58 -28.46
N PHE B 335 -7.70 24.88 -27.57
CA PHE B 335 -6.33 25.32 -27.91
C PHE B 335 -5.66 24.25 -28.77
N MET B 336 -5.81 23.01 -28.37
CA MET B 336 -5.08 21.95 -29.12
C MET B 336 -5.73 21.78 -30.51
N ARG B 337 -7.06 21.85 -30.61
CA ARG B 337 -7.77 21.73 -31.91
C ARG B 337 -7.38 22.89 -32.82
N LYS B 338 -7.04 24.05 -32.26
CA LYS B 338 -6.73 25.21 -33.10
C LYS B 338 -5.26 25.20 -33.54
N ASN B 339 -4.35 24.60 -32.78
CA ASN B 339 -2.90 24.74 -32.98
C ASN B 339 -2.22 23.45 -33.45
N TRP B 340 -2.76 22.26 -33.16
CA TRP B 340 -1.96 21.01 -33.18
C TRP B 340 -2.71 19.97 -34.00
N ALA B 341 -1.95 19.05 -34.60
CA ALA B 341 -2.53 17.99 -35.49
C ALA B 341 -2.97 16.80 -34.62
N TRP B 342 -4.19 16.35 -34.80
CA TRP B 342 -4.75 15.21 -34.07
C TRP B 342 -4.63 13.94 -34.92
N GLU B 343 -3.98 12.92 -34.40
CA GLU B 343 -3.86 11.61 -35.06
C GLU B 343 -4.68 10.63 -34.23
N GLU B 344 -5.74 10.10 -34.81
CA GLU B 344 -6.51 9.05 -34.12
C GLU B 344 -5.68 7.75 -34.08
N VAL B 345 -5.41 7.27 -32.90
CA VAL B 345 -4.74 5.95 -32.71
C VAL B 345 -5.81 4.87 -32.87
N LYS B 346 -6.92 5.07 -32.18
CA LYS B 346 -8.10 4.20 -32.16
C LYS B 346 -9.18 5.06 -31.55
N PRO B 347 -10.45 4.64 -31.53
CA PRO B 347 -11.48 5.50 -30.94
C PRO B 347 -11.15 5.95 -29.51
N GLN B 348 -11.33 7.24 -29.26
CA GLN B 348 -11.12 7.88 -27.94
C GLN B 348 -9.64 7.86 -27.53
N VAL B 349 -8.72 7.65 -28.44
CA VAL B 349 -7.26 7.85 -28.21
C VAL B 349 -6.70 8.67 -29.39
N HIS B 350 -6.15 9.84 -29.11
CA HIS B 350 -5.53 10.73 -30.09
C HIS B 350 -4.13 11.07 -29.63
N LYS B 351 -3.20 11.05 -30.58
CA LYS B 351 -1.90 11.70 -30.44
C LYS B 351 -2.08 13.10 -30.94
N ILE B 352 -1.62 14.05 -30.16
CA ILE B 352 -1.72 15.50 -30.48
C ILE B 352 -0.31 15.97 -30.72
N HIS B 353 -0.02 16.27 -31.99
CA HIS B 353 1.35 16.58 -32.41
C HIS B 353 1.57 18.06 -32.24
N ARG B 354 2.59 18.42 -31.46
CA ARG B 354 2.87 19.81 -31.01
C ARG B 354 3.68 20.52 -32.08
N THR B 355 3.88 19.89 -33.22
CA THR B 355 4.83 20.32 -34.27
C THR B 355 4.10 21.21 -35.27
N GLY B 356 2.80 21.30 -35.23
CA GLY B 356 2.05 22.11 -36.20
C GLY B 356 0.65 21.55 -36.39
N LYS B 357 -0.18 22.29 -37.13
CA LYS B 357 -1.60 21.96 -37.28
C LYS B 357 -1.83 21.05 -38.48
N ASP B 358 -1.10 21.29 -39.58
CA ASP B 358 -1.58 20.77 -40.88
C ASP B 358 -0.74 19.61 -41.37
N GLY B 359 0.11 19.06 -40.55
CA GLY B 359 0.58 17.70 -40.82
C GLY B 359 1.37 17.28 -39.65
N PHE B 360 1.80 16.03 -39.67
CA PHE B 360 2.78 15.53 -38.72
C PHE B 360 3.55 14.41 -39.39
N ASP B 361 4.79 14.27 -38.99
CA ASP B 361 5.64 13.13 -39.35
C ASP B 361 5.07 11.90 -38.60
N ALA B 362 4.76 10.81 -39.29
CA ALA B 362 4.20 9.60 -38.66
C ALA B 362 5.11 9.17 -37.49
N HIS B 363 6.40 9.46 -37.54
CA HIS B 363 7.39 9.05 -36.51
C HIS B 363 7.75 10.21 -35.58
N ASN B 364 7.01 11.32 -35.62
CA ASN B 364 7.26 12.46 -34.70
C ASN B 364 7.32 11.95 -33.25
N ASP B 365 8.22 12.49 -32.46
CA ASP B 365 8.33 12.14 -31.01
C ASP B 365 7.65 13.18 -30.11
N ASP B 366 7.27 14.33 -30.66
CA ASP B 366 6.73 15.48 -29.86
C ASP B 366 5.22 15.55 -29.97
N TYR B 367 4.53 14.69 -29.21
CA TYR B 367 3.07 14.61 -29.17
C TYR B 367 2.67 14.34 -27.72
N LEU B 368 1.42 14.61 -27.43
CA LEU B 368 0.73 14.18 -26.22
C LEU B 368 -0.28 13.12 -26.61
N ILE B 369 -0.65 12.30 -25.65
CA ILE B 369 -1.78 11.39 -25.86
C ILE B 369 -2.97 11.90 -25.07
N LEU B 370 -4.04 12.25 -25.77
CA LEU B 370 -5.33 12.69 -25.17
C LEU B 370 -6.33 11.55 -25.21
N LEU B 371 -6.92 11.26 -24.04
CA LEU B 371 -7.98 10.26 -23.94
C LEU B 371 -9.35 10.90 -23.96
N ALA B 372 -10.24 10.25 -24.74
CA ALA B 372 -11.69 10.53 -24.80
C ALA B 372 -11.91 12.00 -25.19
N GLU B 373 -10.96 12.57 -25.93
CA GLU B 373 -11.03 13.99 -26.38
C GLU B 373 -11.28 14.88 -25.16
N GLY B 374 -10.77 14.51 -23.98
CA GLY B 374 -10.91 15.31 -22.74
C GLY B 374 -12.24 15.12 -22.04
N ARG B 375 -13.10 14.23 -22.52
CA ARG B 375 -14.38 13.89 -21.87
C ARG B 375 -14.09 12.85 -20.77
N LEU B 376 -15.02 12.66 -19.83
CA LEU B 376 -14.86 11.75 -18.64
C LEU B 376 -14.15 10.47 -19.12
N VAL B 377 -12.92 10.26 -18.67
CA VAL B 377 -12.06 9.21 -19.25
C VAL B 377 -12.52 7.81 -18.81
N ASN B 378 -13.03 7.67 -17.61
CA ASN B 378 -13.40 6.34 -17.10
C ASN B 378 -14.49 5.77 -18.00
N LEU B 379 -15.53 6.55 -18.30
CA LEU B 379 -16.62 6.12 -19.16
C LEU B 379 -16.28 6.15 -20.64
N GLY B 380 -15.37 7.03 -21.07
CA GLY B 380 -15.02 7.16 -22.48
C GLY B 380 -14.09 6.04 -22.99
N ASN B 381 -13.13 5.64 -22.17
CA ASN B 381 -12.06 4.67 -22.56
C ASN B 381 -12.25 3.33 -21.85
N ALA B 382 -13.18 3.22 -20.92
CA ALA B 382 -13.48 1.94 -20.28
C ALA B 382 -15.00 1.86 -20.08
N THR B 383 -15.50 1.41 -18.93
CA THR B 383 -16.93 1.22 -18.73
C THR B 383 -17.41 1.98 -17.50
N GLY B 384 -16.66 2.98 -17.09
CA GLY B 384 -17.03 3.71 -15.86
C GLY B 384 -16.92 2.84 -14.65
N HIS B 385 -17.60 3.24 -13.60
CA HIS B 385 -17.57 2.53 -12.31
C HIS B 385 -18.20 1.16 -12.43
N PRO B 386 -17.78 0.23 -11.55
CA PRO B 386 -18.34 -1.13 -11.57
C PRO B 386 -19.73 -1.15 -10.96
N SER B 387 -20.51 -2.15 -11.34
CA SER B 387 -21.88 -2.38 -10.83
C SER B 387 -21.92 -2.25 -9.30
N ARG B 388 -21.01 -2.91 -8.57
CA ARG B 388 -21.20 -3.05 -7.11
C ARG B 388 -21.04 -1.67 -6.45
N ILE B 389 -20.32 -0.76 -7.09
CA ILE B 389 -20.21 0.65 -6.64
C ILE B 389 -21.47 1.44 -7.08
N MET B 390 -21.89 1.32 -8.34
CA MET B 390 -23.04 2.10 -8.86
C MET B 390 -24.31 1.67 -8.10
N ASP B 391 -24.33 0.47 -7.51
CA ASP B 391 -25.47 0.00 -6.69
C ASP B 391 -25.83 1.05 -5.63
N GLY B 392 -24.81 1.62 -4.98
CA GLY B 392 -25.03 2.66 -3.96
C GLY B 392 -25.65 3.90 -4.54
N SER B 393 -25.02 4.47 -5.55
CA SER B 393 -25.56 5.66 -6.25
C SER B 393 -27.02 5.41 -6.67
N PHE B 394 -27.29 4.28 -7.29
CA PHE B 394 -28.56 4.10 -8.00
C PHE B 394 -29.65 3.70 -7.02
N ALA B 395 -29.31 3.03 -5.92
CA ALA B 395 -30.30 2.79 -4.82
C ALA B 395 -30.74 4.14 -4.27
N ASN B 396 -29.82 5.09 -4.16
CA ASN B 396 -30.21 6.47 -3.74
C ASN B 396 -31.11 7.10 -4.80
N GLN B 397 -30.78 6.98 -6.07
CA GLN B 397 -31.63 7.55 -7.15
C GLN B 397 -33.05 6.98 -7.05
N VAL B 398 -33.22 5.68 -6.83
CA VAL B 398 -34.58 5.08 -6.75
C VAL B 398 -35.32 5.66 -5.53
N LEU B 399 -34.68 5.72 -4.38
CA LEU B 399 -35.30 6.25 -3.13
C LEU B 399 -35.71 7.72 -3.33
N ALA B 400 -34.87 8.48 -4.00
CA ALA B 400 -35.08 9.92 -4.30
C ALA B 400 -36.28 10.11 -5.26
N GLN B 401 -36.39 9.27 -6.29
CA GLN B 401 -37.54 9.31 -7.24
C GLN B 401 -38.82 8.98 -6.48
N ILE B 402 -38.79 7.98 -5.61
CA ILE B 402 -39.97 7.51 -4.83
C ILE B 402 -40.39 8.67 -3.92
N HIS B 403 -39.46 9.28 -3.23
CA HIS B 403 -39.72 10.42 -2.32
C HIS B 403 -40.36 11.60 -3.08
N LEU B 404 -39.72 12.13 -4.12
CA LEU B 404 -40.26 13.33 -4.79
C LEU B 404 -41.58 12.98 -5.52
N PHE B 405 -41.75 11.76 -6.01
CA PHE B 405 -42.99 11.37 -6.73
C PHE B 405 -44.11 11.31 -5.70
N GLU B 406 -43.85 10.72 -4.52
CA GLU B 406 -44.89 10.60 -3.45
C GLU B 406 -45.29 12.00 -2.96
N GLN B 407 -44.39 13.00 -3.03
CA GLN B 407 -44.64 14.37 -2.50
C GLN B 407 -45.57 15.16 -3.45
N LYS B 408 -45.56 14.84 -4.74
CA LYS B 408 -46.52 15.38 -5.74
C LYS B 408 -46.46 16.92 -5.76
N TYR B 409 -45.28 17.51 -5.81
CA TYR B 409 -45.09 18.97 -5.73
C TYR B 409 -45.94 19.75 -6.76
N ALA B 410 -46.14 19.23 -7.98
CA ALA B 410 -46.76 19.95 -9.13
C ALA B 410 -48.24 20.18 -8.81
N ASP B 411 -48.78 19.33 -7.91
CA ASP B 411 -50.21 19.25 -7.51
C ASP B 411 -50.47 20.07 -6.24
N LEU B 412 -49.45 20.64 -5.63
CA LEU B 412 -49.62 21.41 -4.36
C LEU B 412 -50.16 22.81 -4.65
N PRO B 413 -50.90 23.42 -3.70
CA PRO B 413 -51.17 24.87 -3.73
C PRO B 413 -49.87 25.70 -3.71
N ALA B 414 -49.91 26.91 -4.31
CA ALA B 414 -48.73 27.81 -4.49
C ALA B 414 -47.98 28.00 -3.16
N ALA B 415 -48.71 28.23 -2.06
CA ALA B 415 -48.15 28.48 -0.71
C ALA B 415 -47.36 27.23 -0.24
N GLU B 416 -47.93 26.04 -0.46
CA GLU B 416 -47.30 24.74 -0.08
C GLU B 416 -46.02 24.52 -0.91
N LYS B 417 -46.05 24.85 -2.21
CA LYS B 417 -44.91 24.79 -3.15
C LYS B 417 -43.73 25.59 -2.58
N ALA B 418 -43.96 26.85 -2.17
CA ALA B 418 -42.86 27.81 -1.89
C ALA B 418 -42.01 27.28 -0.74
N LYS B 419 -42.67 26.51 0.17
CA LYS B 419 -42.08 25.86 1.37
C LYS B 419 -41.31 24.59 1.00
N ARG B 420 -41.69 23.92 -0.08
CA ARG B 420 -41.09 22.63 -0.52
C ARG B 420 -40.07 22.87 -1.64
N LEU B 421 -39.82 24.11 -2.06
CA LEU B 421 -38.88 24.40 -3.17
C LEU B 421 -37.42 24.49 -2.66
N SER B 422 -36.73 23.36 -2.68
CA SER B 422 -35.43 23.18 -2.01
C SER B 422 -34.59 22.19 -2.79
N VAL B 423 -33.31 22.16 -2.46
CA VAL B 423 -32.34 21.12 -2.89
C VAL B 423 -31.92 20.42 -1.62
N GLU B 424 -32.42 19.21 -1.41
CA GLU B 424 -32.22 18.47 -0.14
C GLU B 424 -31.46 17.19 -0.44
N VAL B 425 -30.88 16.61 0.60
CA VAL B 425 -30.35 15.22 0.58
C VAL B 425 -31.39 14.28 1.18
N LEU B 426 -31.24 12.99 0.91
CA LEU B 426 -32.00 11.93 1.58
C LEU B 426 -31.60 11.88 3.06
N PRO B 427 -32.55 11.48 3.91
CA PRO B 427 -32.28 11.29 5.34
C PRO B 427 -31.16 10.26 5.55
N LYS B 428 -30.36 10.50 6.58
CA LYS B 428 -29.25 9.57 6.95
C LYS B 428 -29.76 8.13 7.14
N LYS B 429 -30.96 7.91 7.68
CA LYS B 429 -31.45 6.53 7.92
C LYS B 429 -31.46 5.78 6.57
N LEU B 430 -31.83 6.45 5.48
CA LEU B 430 -31.93 5.77 4.17
C LEU B 430 -30.51 5.53 3.65
N ASP B 431 -29.60 6.49 3.84
CA ASP B 431 -28.18 6.30 3.45
C ASP B 431 -27.65 5.05 4.17
N GLU B 432 -27.94 4.91 5.45
CA GLU B 432 -27.47 3.74 6.25
C GLU B 432 -28.11 2.46 5.70
N GLU B 433 -29.38 2.50 5.31
CA GLU B 433 -30.07 1.28 4.80
C GLU B 433 -29.47 0.85 3.47
N VAL B 434 -29.10 1.78 2.60
CA VAL B 434 -28.36 1.47 1.35
C VAL B 434 -27.00 0.85 1.73
N ALA B 435 -26.22 1.46 2.63
CA ALA B 435 -24.91 0.95 3.04
C ALA B 435 -25.06 -0.48 3.56
N LEU B 436 -26.07 -0.77 4.34
CA LEU B 436 -26.19 -2.12 4.96
C LEU B 436 -26.34 -3.17 3.84
N GLU B 437 -27.13 -2.89 2.82
CA GLU B 437 -27.31 -3.84 1.68
C GLU B 437 -25.97 -3.98 0.95
N MET B 438 -25.18 -2.90 0.81
CA MET B 438 -23.84 -3.00 0.17
C MET B 438 -22.92 -3.89 1.02
N VAL B 439 -22.91 -3.70 2.32
CA VAL B 439 -22.06 -4.48 3.26
C VAL B 439 -22.45 -5.97 3.15
N LYS B 440 -23.74 -6.25 3.17
CA LYS B 440 -24.19 -7.66 3.09
C LYS B 440 -23.73 -8.28 1.75
N GLY B 441 -23.62 -7.47 0.68
CA GLY B 441 -23.16 -7.94 -0.64
C GLY B 441 -21.74 -8.47 -0.61
N PHE B 442 -20.91 -7.94 0.27
CA PHE B 442 -19.51 -8.35 0.47
C PHE B 442 -19.44 -9.49 1.48
N GLY B 443 -20.58 -9.91 2.03
CA GLY B 443 -20.60 -10.92 3.11
C GLY B 443 -20.23 -10.32 4.46
N GLY B 444 -20.23 -9.00 4.56
CA GLY B 444 -19.96 -8.26 5.80
C GLY B 444 -21.08 -8.44 6.81
N VAL B 445 -20.71 -8.48 8.08
CA VAL B 445 -21.64 -8.64 9.25
C VAL B 445 -21.47 -7.44 10.19
N VAL B 446 -22.44 -6.55 10.16
CA VAL B 446 -22.56 -5.40 11.09
C VAL B 446 -22.96 -5.98 12.44
N THR B 447 -22.39 -5.41 13.48
CA THR B 447 -22.72 -5.70 14.89
C THR B 447 -23.99 -4.92 15.25
N GLN B 448 -24.87 -5.56 16.04
CA GLN B 448 -26.03 -4.89 16.65
C GLN B 448 -25.62 -4.34 18.02
N LEU B 449 -25.89 -3.07 18.25
CA LEU B 449 -25.69 -2.43 19.59
C LEU B 449 -26.56 -3.17 20.60
N THR B 450 -26.03 -3.39 21.78
CA THR B 450 -26.87 -3.76 22.95
C THR B 450 -27.67 -2.52 23.38
N PRO B 451 -28.81 -2.72 24.08
CA PRO B 451 -29.59 -1.59 24.61
C PRO B 451 -28.70 -0.66 25.45
N LYS B 452 -27.80 -1.23 26.26
CA LYS B 452 -26.88 -0.44 27.12
C LYS B 452 -25.93 0.40 26.26
N GLN B 453 -25.37 -0.18 25.23
CA GLN B 453 -24.44 0.57 24.34
C GLN B 453 -25.21 1.67 23.60
N ALA B 454 -26.44 1.39 23.15
CA ALA B 454 -27.28 2.36 22.40
C ALA B 454 -27.53 3.55 23.33
N GLU B 455 -27.86 3.26 24.60
CA GLU B 455 -28.09 4.28 25.66
C GLU B 455 -26.77 5.05 25.82
N TYR B 456 -25.65 4.34 25.90
CA TYR B 456 -24.34 4.97 26.24
C TYR B 456 -23.96 6.03 25.21
N ILE B 457 -24.15 5.78 23.92
CA ILE B 457 -23.74 6.72 22.83
C ILE B 457 -24.96 7.53 22.35
N GLY B 458 -26.17 7.26 22.85
CA GLY B 458 -27.36 8.11 22.61
C GLY B 458 -27.96 7.91 21.25
N VAL B 459 -28.03 6.67 20.78
CA VAL B 459 -28.63 6.34 19.48
C VAL B 459 -29.63 5.22 19.67
N SER B 460 -30.51 5.09 18.68
CA SER B 460 -31.40 3.93 18.54
C SER B 460 -30.55 2.74 18.09
N VAL B 461 -30.87 1.55 18.54
CA VAL B 461 -30.23 0.29 18.04
C VAL B 461 -30.39 0.22 16.51
N GLU B 462 -31.47 0.80 15.96
CA GLU B 462 -31.79 0.79 14.50
C GLU B 462 -30.97 1.87 13.77
N GLY B 463 -30.34 2.80 14.49
CA GLY B 463 -29.81 4.03 13.90
C GLY B 463 -30.88 5.09 13.74
N PRO B 464 -30.55 6.29 13.24
CA PRO B 464 -29.21 6.62 12.71
C PRO B 464 -28.10 6.72 13.76
N PHE B 465 -26.85 6.41 13.35
CA PHE B 465 -25.71 6.16 14.28
C PHE B 465 -24.86 7.42 14.50
N LYS B 466 -25.07 8.41 13.64
CA LYS B 466 -24.20 9.60 13.59
C LYS B 466 -25.06 10.83 13.48
N PRO B 467 -24.59 11.95 14.06
CA PRO B 467 -25.22 13.25 13.85
C PRO B 467 -25.02 13.71 12.40
N ASP B 468 -25.88 14.62 11.94
CA ASP B 468 -25.89 15.14 10.54
C ASP B 468 -24.55 15.81 10.25
N THR B 469 -23.84 16.27 11.27
CA THR B 469 -22.53 16.97 11.13
C THR B 469 -21.44 15.98 10.74
N TYR B 470 -21.68 14.67 10.91
CA TYR B 470 -20.56 13.70 10.83
C TYR B 470 -20.06 13.57 9.38
N ARG B 471 -18.74 13.54 9.21
CA ARG B 471 -18.14 13.63 7.86
C ARG B 471 -17.63 12.27 7.36
N TYR B 472 -17.53 11.24 8.20
CA TYR B 472 -17.08 9.88 7.77
C TYR B 472 -15.65 9.99 7.21
N GLY C 12 11.98 30.87 43.46
CA GLY C 12 11.34 29.98 44.49
C GLY C 12 9.99 29.46 44.03
N PHE C 13 9.86 29.07 42.76
CA PHE C 13 8.61 28.50 42.21
C PHE C 13 8.46 27.05 42.73
N THR C 14 7.33 26.78 43.38
CA THR C 14 7.03 25.48 44.03
CA THR C 14 6.99 25.56 44.15
C THR C 14 5.62 24.99 43.71
N ASP C 15 4.88 25.68 42.81
CA ASP C 15 3.43 25.40 42.60
C ASP C 15 3.27 24.40 41.44
N TYR C 16 3.68 23.16 41.67
CA TYR C 16 3.70 22.08 40.65
C TYR C 16 3.92 20.76 41.35
N LYS C 17 3.63 19.69 40.62
CA LYS C 17 4.06 18.36 41.05
C LYS C 17 4.30 17.51 39.81
N VAL C 18 5.55 17.10 39.65
CA VAL C 18 6.01 16.24 38.52
C VAL C 18 6.88 15.09 39.05
N ALA C 19 7.17 14.11 38.20
CA ALA C 19 7.96 12.92 38.60
C ALA C 19 9.35 13.33 39.03
N ASP C 20 10.00 14.20 38.24
CA ASP C 20 11.45 14.47 38.36
C ASP C 20 11.80 15.76 37.63
N ILE C 21 11.91 16.86 38.37
CA ILE C 21 12.28 18.18 37.80
C ILE C 21 13.61 18.12 37.04
N THR C 22 14.50 17.17 37.32
CA THR C 22 15.83 17.13 36.66
C THR C 22 15.68 16.67 35.20
N LEU C 23 14.49 16.23 34.79
CA LEU C 23 14.22 15.87 33.38
C LEU C 23 13.94 17.14 32.54
N ALA C 24 13.96 18.33 33.14
CA ALA C 24 13.54 19.55 32.43
C ALA C 24 14.43 19.83 31.23
N ALA C 25 15.76 19.72 31.35
CA ALA C 25 16.70 20.08 30.26
C ALA C 25 16.39 19.18 29.04
N TRP C 26 16.11 17.92 29.28
CA TRP C 26 15.77 16.96 28.19
C TRP C 26 14.42 17.38 27.57
N GLY C 27 13.43 17.65 28.41
CA GLY C 27 12.15 18.19 27.96
C GLY C 27 12.33 19.41 27.11
N ARG C 28 13.15 20.38 27.53
CA ARG C 28 13.31 21.64 26.78
C ARG C 28 13.94 21.32 25.42
N ARG C 29 14.89 20.40 25.36
CA ARG C 29 15.50 20.01 24.06
C ARG C 29 14.43 19.47 23.12
N GLU C 30 13.50 18.67 23.65
CA GLU C 30 12.44 18.09 22.81
C GLU C 30 11.37 19.12 22.47
N LEU C 31 11.11 20.13 23.34
CA LEU C 31 10.17 21.20 22.96
C LEU C 31 10.78 22.03 21.83
N ILE C 32 12.10 22.26 21.85
CA ILE C 32 12.74 23.11 20.78
C ILE C 32 12.62 22.38 19.42
N ILE C 33 12.78 21.07 19.41
CA ILE C 33 12.54 20.22 18.19
C ILE C 33 11.06 20.33 17.82
N ALA C 34 10.14 20.15 18.76
CA ALA C 34 8.70 20.15 18.50
C ALA C 34 8.29 21.49 17.89
N GLU C 35 8.82 22.62 18.36
CA GLU C 35 8.46 23.91 17.75
C GLU C 35 8.70 23.86 16.23
N SER C 36 9.82 23.28 15.77
CA SER C 36 10.18 23.18 14.34
C SER C 36 9.23 22.25 13.57
N GLU C 37 8.48 21.39 14.25
CA GLU C 37 7.52 20.44 13.66
C GLU C 37 6.11 20.98 13.73
N MET C 38 5.92 22.19 14.32
CA MET C 38 4.55 22.69 14.56
C MET C 38 4.37 24.09 13.98
N PRO C 39 4.45 24.23 12.66
CA PRO C 39 4.38 25.54 12.01
C PRO C 39 3.04 26.27 12.18
N ALA C 40 1.89 25.59 12.23
CA ALA C 40 0.60 26.27 12.44
C ALA C 40 0.60 26.94 13.82
N LEU C 41 1.00 26.19 14.85
CA LEU C 41 1.00 26.69 16.25
C LEU C 41 2.05 27.80 16.38
N MET C 42 3.26 27.54 15.88
N MET C 42 3.24 27.63 15.83
CA MET C 42 4.36 28.55 15.82
CA MET C 42 4.30 28.65 15.97
C MET C 42 3.84 29.81 15.14
C MET C 42 3.99 29.84 15.04
N GLY C 43 3.19 29.66 13.97
CA GLY C 43 2.67 30.78 13.17
C GLY C 43 1.71 31.65 14.00
N LEU C 44 0.88 31.01 14.82
CA LEU C 44 -0.05 31.75 15.74
C LEU C 44 0.75 32.49 16.80
N ARG C 45 1.77 31.89 17.37
CA ARG C 45 2.63 32.51 18.41
C ARG C 45 3.23 33.76 17.77
N ARG C 46 3.71 33.69 16.53
CA ARG C 46 4.33 34.86 15.85
C ARG C 46 3.30 35.91 15.46
N LYS C 47 2.15 35.54 14.93
CA LYS C 47 1.13 36.49 14.41
C LYS C 47 0.53 37.29 15.58
N TYR C 48 0.32 36.64 16.72
CA TYR C 48 -0.53 37.23 17.78
C TYR C 48 0.28 37.67 18.99
N ALA C 49 1.60 37.51 18.99
CA ALA C 49 2.45 37.85 20.17
C ALA C 49 2.27 39.35 20.48
N GLY C 50 2.24 40.18 19.44
CA GLY C 50 2.18 41.65 19.63
C GLY C 50 0.87 42.08 20.25
N GLN C 51 -0.25 41.51 19.81
CA GLN C 51 -1.64 41.85 20.25
C GLN C 51 -1.98 41.28 21.63
N GLN C 52 -1.29 40.23 22.10
CA GLN C 52 -1.58 39.57 23.40
C GLN C 52 -3.06 39.31 23.57
N PRO C 53 -3.67 38.52 22.66
CA PRO C 53 -5.12 38.29 22.66
C PRO C 53 -5.61 37.53 23.91
N LEU C 54 -4.71 36.84 24.62
CA LEU C 54 -5.11 36.09 25.83
C LEU C 54 -4.62 36.80 27.10
N LYS C 55 -4.22 38.07 27.01
CA LYS C 55 -3.90 38.85 28.25
C LYS C 55 -5.15 38.86 29.15
N GLY C 56 -5.02 38.39 30.39
CA GLY C 56 -6.11 38.26 31.36
C GLY C 56 -6.75 36.90 31.36
N ALA C 57 -6.47 36.05 30.36
CA ALA C 57 -7.00 34.67 30.36
C ALA C 57 -6.28 33.87 31.45
N LYS C 58 -7.09 33.10 32.17
CA LYS C 58 -6.66 32.19 33.26
C LYS C 58 -7.26 30.83 32.94
N ILE C 59 -6.43 30.01 32.32
CA ILE C 59 -6.94 28.76 31.67
C ILE C 59 -6.65 27.54 32.57
N LEU C 60 -7.68 26.81 32.91
CA LEU C 60 -7.59 25.46 33.49
C LEU C 60 -7.45 24.50 32.30
N GLY C 61 -6.35 23.77 32.24
CA GLY C 61 -6.12 22.81 31.16
C GLY C 61 -5.98 21.40 31.67
N CYS C 62 -6.63 20.46 31.00
CA CYS C 62 -6.60 19.03 31.37
C CYS C 62 -6.46 18.24 30.06
N ILE C 63 -5.24 17.99 29.68
CA ILE C 63 -4.95 17.31 28.40
C ILE C 63 -3.59 16.69 28.60
N HIS C 64 -3.45 15.48 28.05
CA HIS C 64 -2.20 14.69 28.07
C HIS C 64 -0.98 15.57 28.14
N MET C 65 -0.20 15.46 29.22
CA MET C 65 0.98 16.32 29.43
C MET C 65 2.20 15.78 28.64
N THR C 66 2.11 15.88 27.33
CA THR C 66 3.14 15.50 26.36
C THR C 66 4.02 16.71 25.95
N ILE C 67 5.07 16.44 25.19
CA ILE C 67 5.87 17.50 24.50
C ILE C 67 4.97 18.38 23.65
N GLN C 68 3.98 17.79 22.95
CA GLN C 68 3.07 18.53 22.06
C GLN C 68 2.25 19.48 22.92
N THR C 69 1.66 18.97 23.98
CA THR C 69 0.90 19.82 24.93
C THR C 69 1.82 20.93 25.47
N GLY C 70 3.11 20.68 25.73
CA GLY C 70 4.05 21.72 26.16
C GLY C 70 4.09 22.89 25.20
N VAL C 71 4.17 22.63 23.90
CA VAL C 71 4.19 23.69 22.87
C VAL C 71 2.85 24.44 22.89
N LEU C 72 1.72 23.75 23.08
CA LEU C 72 0.39 24.38 23.19
C LEU C 72 0.44 25.34 24.41
N ILE C 73 0.82 24.84 25.56
CA ILE C 73 0.84 25.62 26.84
C ILE C 73 1.70 26.87 26.63
N GLU C 74 2.90 26.70 26.11
CA GLU C 74 3.82 27.85 25.91
C GLU C 74 3.29 28.81 24.86
N THR C 75 2.48 28.35 23.91
CA THR C 75 1.83 29.28 22.94
C THR C 75 0.76 30.10 23.71
N LEU C 76 -0.13 29.47 24.47
CA LEU C 76 -1.16 30.17 25.28
C LEU C 76 -0.47 31.24 26.14
N VAL C 77 0.60 30.87 26.85
CA VAL C 77 1.34 31.80 27.73
C VAL C 77 1.98 32.92 26.87
N ALA C 78 2.55 32.61 25.70
CA ALA C 78 3.20 33.60 24.83
C ALA C 78 2.19 34.63 24.34
N LEU C 79 0.92 34.26 24.27
CA LEU C 79 -0.20 35.16 23.81
C LEU C 79 -0.85 35.89 24.99
N GLY C 80 -0.41 35.63 26.22
CA GLY C 80 -0.79 36.44 27.38
C GLY C 80 -1.46 35.64 28.49
N ALA C 81 -1.73 34.34 28.30
CA ALA C 81 -2.53 33.56 29.25
C ALA C 81 -1.67 33.19 30.46
N GLU C 82 -2.34 32.96 31.59
CA GLU C 82 -1.82 32.16 32.73
C GLU C 82 -2.54 30.83 32.63
N VAL C 83 -1.88 29.75 33.04
CA VAL C 83 -2.54 28.43 33.05
C VAL C 83 -2.26 27.70 34.36
N ARG C 84 -3.13 26.74 34.67
CA ARG C 84 -2.85 25.65 35.64
C ARG C 84 -3.23 24.35 34.91
N TRP C 85 -2.30 23.40 34.90
CA TRP C 85 -2.41 22.21 34.01
C TRP C 85 -2.40 20.88 34.78
N SER C 86 -3.15 19.90 34.25
CA SER C 86 -3.07 18.49 34.67
C SER C 86 -3.16 17.61 33.40
N SER C 87 -2.84 16.34 33.49
CA SER C 87 -3.05 15.39 32.35
C SER C 87 -4.46 14.79 32.44
N CYS C 88 -5.03 14.35 31.32
CA CYS C 88 -6.38 13.76 31.31
C CYS C 88 -6.31 12.25 31.28
N ASN C 89 -5.11 11.67 31.53
CA ASN C 89 -4.93 10.21 31.64
C ASN C 89 -3.77 9.87 32.56
N ILE C 90 -3.94 8.84 33.35
CA ILE C 90 -2.91 8.35 34.32
C ILE C 90 -1.60 7.95 33.64
N PHE C 91 -1.57 7.51 32.38
CA PHE C 91 -0.33 7.01 31.74
C PHE C 91 0.17 7.91 30.60
N SER C 92 -0.49 9.02 30.29
CA SER C 92 -0.20 9.76 29.04
C SER C 92 0.88 10.84 29.21
N THR C 93 1.20 11.25 30.44
CA THR C 93 2.26 12.25 30.66
C THR C 93 3.61 11.73 30.16
N GLN C 94 4.35 12.62 29.51
CA GLN C 94 5.78 12.51 29.29
C GLN C 94 6.47 13.30 30.40
N ASP C 95 7.14 12.59 31.31
CA ASP C 95 7.70 13.27 32.52
C ASP C 95 8.71 14.38 32.17
N GLN C 96 9.46 14.28 31.06
CA GLN C 96 10.38 15.34 30.61
C GLN C 96 9.59 16.58 30.17
N ALA C 97 8.38 16.40 29.59
CA ALA C 97 7.54 17.54 29.15
C ALA C 97 7.00 18.25 30.42
N ALA C 98 6.46 17.48 31.38
CA ALA C 98 5.93 18.05 32.64
C ALA C 98 7.06 18.80 33.33
N ALA C 99 8.27 18.22 33.42
CA ALA C 99 9.43 18.85 34.06
C ALA C 99 9.80 20.18 33.39
N ALA C 100 9.86 20.21 32.06
CA ALA C 100 10.20 21.46 31.31
C ALA C 100 9.14 22.55 31.58
N ILE C 101 7.86 22.19 31.70
CA ILE C 101 6.77 23.20 31.91
C ILE C 101 6.89 23.72 33.35
N ALA C 102 7.12 22.84 34.33
CA ALA C 102 7.31 23.28 35.74
C ALA C 102 8.52 24.21 35.83
N ALA C 103 9.63 23.89 35.14
CA ALA C 103 10.88 24.66 35.18
C ALA C 103 10.65 26.04 34.54
N ALA C 104 9.62 26.22 33.71
CA ALA C 104 9.34 27.50 33.05
C ALA C 104 8.45 28.34 33.99
N GLY C 105 8.12 27.86 35.17
CA GLY C 105 7.34 28.62 36.16
C GLY C 105 5.85 28.44 35.98
N ILE C 106 5.40 27.34 35.37
CA ILE C 106 3.99 27.12 35.00
C ILE C 106 3.46 26.03 35.91
N PRO C 107 2.34 26.24 36.62
CA PRO C 107 1.77 25.17 37.46
C PRO C 107 1.30 23.99 36.61
N VAL C 108 1.90 22.85 36.90
CA VAL C 108 1.50 21.59 36.23
C VAL C 108 1.55 20.51 37.31
N PHE C 109 0.55 19.64 37.32
CA PHE C 109 0.42 18.50 38.26
C PHE C 109 0.19 17.25 37.41
N ALA C 110 1.26 16.52 37.13
CA ALA C 110 1.18 15.40 36.17
C ALA C 110 2.43 14.54 36.21
N TRP C 111 2.22 13.21 36.19
CA TRP C 111 3.32 12.25 36.02
C TRP C 111 2.78 10.97 35.39
N LYS C 112 3.68 10.27 34.72
CA LYS C 112 3.31 8.98 34.08
C LYS C 112 3.11 7.97 35.18
N GLY C 113 1.98 7.24 35.18
CA GLY C 113 1.78 6.18 36.18
C GLY C 113 1.11 6.70 37.43
N GLU C 114 0.18 7.63 37.29
CA GLU C 114 -0.66 8.08 38.42
C GLU C 114 -1.60 6.94 38.85
N THR C 115 -1.94 6.89 40.14
CA THR C 115 -3.16 6.22 40.61
C THR C 115 -4.38 7.07 40.23
N GLU C 116 -5.56 6.48 40.28
CA GLU C 116 -6.83 7.22 40.10
C GLU C 116 -6.92 8.30 41.19
N GLU C 117 -6.50 8.03 42.42
CA GLU C 117 -6.62 9.03 43.51
C GLU C 117 -5.67 10.18 43.15
N GLU C 118 -4.48 9.88 42.63
CA GLU C 118 -3.50 10.92 42.25
C GLU C 118 -4.05 11.74 41.08
N TYR C 119 -4.72 11.10 40.14
CA TYR C 119 -5.29 11.76 38.95
C TYR C 119 -6.30 12.83 39.40
N GLU C 120 -7.20 12.45 40.31
CA GLU C 120 -8.25 13.35 40.84
C GLU C 120 -7.59 14.52 41.61
N TRP C 121 -6.56 14.23 42.41
CA TRP C 121 -5.80 15.24 43.20
C TRP C 121 -5.16 16.25 42.27
N CYS C 122 -4.61 15.79 41.15
CA CYS C 122 -3.92 16.68 40.19
C CYS C 122 -4.92 17.68 39.61
N ILE C 123 -6.11 17.22 39.26
CA ILE C 123 -7.15 18.10 38.67
C ILE C 123 -7.51 19.13 39.74
N GLU C 124 -7.70 18.72 40.98
CA GLU C 124 -8.05 19.63 42.10
CA GLU C 124 -8.08 19.65 42.08
C GLU C 124 -6.95 20.66 42.32
N GLN C 125 -5.68 20.29 42.12
CA GLN C 125 -4.57 21.26 42.30
C GLN C 125 -4.59 22.32 41.18
N THR C 126 -5.20 22.06 40.03
CA THR C 126 -5.37 23.14 39.01
C THR C 126 -6.52 24.06 39.44
N ILE C 127 -7.60 23.47 39.94
CA ILE C 127 -8.86 24.21 40.27
C ILE C 127 -8.59 25.13 41.45
N LEU C 128 -7.83 24.64 42.43
CA LEU C 128 -7.56 25.41 43.67
C LEU C 128 -6.15 25.99 43.62
N LYS C 129 -6.00 27.24 43.98
CA LYS C 129 -4.67 27.86 44.22
C LYS C 129 -4.67 28.29 45.68
N ASP C 130 -3.70 27.80 46.45
CA ASP C 130 -3.56 28.11 47.89
C ASP C 130 -4.83 27.71 48.66
N GLY C 131 -5.49 26.62 48.28
CA GLY C 131 -6.60 25.98 49.02
C GLY C 131 -7.94 26.63 48.73
N GLN C 132 -7.98 27.60 47.83
CA GLN C 132 -9.26 28.26 47.42
C GLN C 132 -9.37 28.29 45.89
N PRO C 133 -10.58 28.45 45.34
CA PRO C 133 -10.76 28.50 43.89
C PRO C 133 -9.83 29.52 43.23
N TRP C 134 -9.10 29.06 42.21
CA TRP C 134 -8.32 29.97 41.35
C TRP C 134 -9.29 30.88 40.61
N ASP C 135 -8.82 32.05 40.17
CA ASP C 135 -9.65 33.01 39.38
C ASP C 135 -9.62 32.59 37.90
N ALA C 136 -9.96 31.34 37.65
CA ALA C 136 -10.05 30.80 36.27
C ALA C 136 -11.13 31.55 35.49
N ASN C 137 -10.91 31.74 34.19
CA ASN C 137 -11.96 32.27 33.31
C ASN C 137 -12.05 31.51 31.98
N MET C 138 -11.27 30.45 31.80
CA MET C 138 -11.32 29.62 30.56
C MET C 138 -10.99 28.16 30.93
N VAL C 139 -11.51 27.23 30.15
CA VAL C 139 -11.28 25.78 30.30
C VAL C 139 -10.81 25.20 28.96
N LEU C 140 -9.70 24.46 28.98
CA LEU C 140 -9.25 23.63 27.82
C LEU C 140 -9.23 22.17 28.28
N ASP C 141 -10.06 21.35 27.67
CA ASP C 141 -10.36 20.00 28.21
C ASP C 141 -10.16 18.99 27.06
N ASP C 142 -9.85 17.77 27.44
CA ASP C 142 -9.76 16.59 26.54
C ASP C 142 -10.46 15.46 27.25
N GLY C 143 -11.70 15.17 26.89
CA GLY C 143 -12.44 14.04 27.45
C GLY C 143 -13.58 14.46 28.36
N GLY C 144 -13.53 15.67 28.92
CA GLY C 144 -14.65 16.18 29.74
C GLY C 144 -14.52 15.96 31.24
N ASP C 145 -13.43 15.43 31.76
CA ASP C 145 -13.32 15.12 33.22
C ASP C 145 -13.30 16.43 34.01
N LEU C 146 -12.49 17.38 33.57
CA LEU C 146 -12.35 18.69 34.21
C LEU C 146 -13.70 19.43 34.11
N THR C 147 -14.34 19.43 32.94
CA THR C 147 -15.65 20.06 32.67
C THR C 147 -16.71 19.49 33.64
N GLU C 148 -16.72 18.17 33.83
CA GLU C 148 -17.72 17.51 34.69
C GLU C 148 -17.48 17.99 36.14
N ILE C 149 -16.23 17.97 36.59
CA ILE C 149 -15.86 18.31 37.99
C ILE C 149 -16.29 19.77 38.26
N LEU C 150 -16.06 20.67 37.32
CA LEU C 150 -16.49 22.07 37.54
C LEU C 150 -18.01 22.14 37.69
N HIS C 151 -18.77 21.52 36.83
CA HIS C 151 -20.26 21.56 36.83
C HIS C 151 -20.78 20.94 38.14
N LYS C 152 -20.19 19.83 38.62
CA LYS C 152 -20.78 19.07 39.76
C LYS C 152 -20.34 19.72 41.07
N LYS C 153 -19.11 20.20 41.17
CA LYS C 153 -18.46 20.57 42.46
C LYS C 153 -18.13 22.06 42.54
N TYR C 154 -18.01 22.80 41.43
CA TYR C 154 -17.51 24.21 41.46
C TYR C 154 -18.37 25.13 40.60
N PRO C 155 -19.72 25.07 40.73
CA PRO C 155 -20.60 25.90 39.91
C PRO C 155 -20.28 27.39 40.07
N GLN C 156 -19.84 27.83 41.27
CA GLN C 156 -19.51 29.27 41.48
C GLN C 156 -18.38 29.65 40.54
N MET C 157 -17.44 28.72 40.28
CA MET C 157 -16.31 29.00 39.39
C MET C 157 -16.81 29.18 37.95
N LEU C 158 -17.80 28.40 37.52
CA LEU C 158 -18.32 28.48 36.13
C LEU C 158 -18.97 29.84 35.86
N GLU C 159 -19.45 30.55 36.89
CA GLU C 159 -20.08 31.84 36.63
C GLU C 159 -19.11 32.80 35.96
N ARG C 160 -17.82 32.72 36.30
CA ARG C 160 -16.80 33.66 35.77
C ARG C 160 -16.00 33.06 34.61
N ILE C 161 -16.37 31.88 34.12
CA ILE C 161 -15.68 31.21 33.00
C ILE C 161 -16.39 31.54 31.68
N HIS C 162 -15.63 32.00 30.67
CA HIS C 162 -16.15 32.45 29.37
C HIS C 162 -16.39 31.29 28.41
N GLY C 163 -15.79 30.13 28.66
CA GLY C 163 -15.97 29.02 27.71
C GLY C 163 -15.05 27.86 27.95
N ILE C 164 -15.39 26.78 27.24
CA ILE C 164 -14.66 25.49 27.24
C ILE C 164 -14.24 25.20 25.81
N THR C 165 -13.01 24.79 25.61
CA THR C 165 -12.55 24.30 24.29
C THR C 165 -12.21 22.81 24.47
N GLU C 166 -12.93 21.96 23.75
CA GLU C 166 -12.87 20.50 23.99
C GLU C 166 -12.24 19.79 22.80
N GLU C 167 -11.18 19.05 23.12
CA GLU C 167 -10.29 18.33 22.17
C GLU C 167 -10.98 17.15 21.49
N THR C 168 -11.77 16.33 22.18
CA THR C 168 -11.93 14.93 21.65
C THR C 168 -13.40 14.51 21.53
N THR C 169 -13.63 13.53 20.67
CA THR C 169 -14.97 13.06 20.32
C THR C 169 -15.76 12.79 21.61
N THR C 170 -15.18 12.03 22.53
CA THR C 170 -15.90 11.63 23.75
C THR C 170 -16.26 12.88 24.58
N GLY C 171 -15.37 13.86 24.65
CA GLY C 171 -15.70 15.08 25.40
C GLY C 171 -16.83 15.85 24.76
N VAL C 172 -16.85 15.90 23.45
CA VAL C 172 -17.89 16.64 22.70
C VAL C 172 -19.22 15.95 22.96
N HIS C 173 -19.25 14.62 22.91
CA HIS C 173 -20.49 13.85 23.23
C HIS C 173 -21.00 14.30 24.60
N ARG C 174 -20.13 14.31 25.60
CA ARG C 174 -20.48 14.75 26.99
C ARG C 174 -21.04 16.17 26.98
N LEU C 175 -20.45 17.08 26.22
CA LEU C 175 -20.94 18.48 26.16
C LEU C 175 -22.30 18.52 25.54
N LEU C 176 -22.53 17.78 24.45
CA LEU C 176 -23.84 17.84 23.78
C LEU C 176 -24.91 17.30 24.71
N ASP C 177 -24.58 16.26 25.48
CA ASP C 177 -25.49 15.62 26.46
C ASP C 177 -25.91 16.69 27.48
N MET C 178 -24.93 17.41 28.00
CA MET C 178 -25.23 18.53 28.94
C MET C 178 -26.10 19.58 28.27
N LEU C 179 -25.76 20.03 27.06
CA LEU C 179 -26.56 21.08 26.37
C LEU C 179 -28.00 20.60 26.17
N LYS C 180 -28.19 19.34 25.78
CA LYS C 180 -29.53 18.73 25.56
C LYS C 180 -30.32 18.79 26.86
N ASN C 181 -29.67 18.54 28.00
CA ASN C 181 -30.36 18.45 29.32
C ASN C 181 -30.44 19.82 30.00
N GLY C 182 -29.89 20.87 29.38
CA GLY C 182 -29.90 22.22 29.98
C GLY C 182 -28.97 22.35 31.17
N THR C 183 -27.91 21.54 31.28
CA THR C 183 -26.99 21.54 32.45
C THR C 183 -25.64 22.15 32.07
N LEU C 184 -25.40 22.44 30.79
CA LEU C 184 -24.14 23.11 30.36
C LEU C 184 -24.20 24.57 30.82
N LYS C 185 -23.14 25.06 31.49
CA LYS C 185 -23.21 26.40 32.13
C LYS C 185 -22.47 27.45 31.30
N VAL C 186 -21.58 27.02 30.40
CA VAL C 186 -20.77 27.99 29.61
C VAL C 186 -20.70 27.44 28.20
N PRO C 187 -20.51 28.30 27.19
CA PRO C 187 -20.46 27.84 25.81
C PRO C 187 -19.14 27.09 25.56
N ALA C 188 -19.15 26.23 24.54
CA ALA C 188 -17.97 25.42 24.21
C ALA C 188 -17.67 25.55 22.72
N ILE C 189 -16.40 25.43 22.36
CA ILE C 189 -16.03 25.08 20.97
C ILE C 189 -15.63 23.61 20.90
N ASN C 190 -16.32 22.91 20.00
CA ASN C 190 -15.99 21.55 19.53
C ASN C 190 -14.74 21.67 18.66
N VAL C 191 -13.57 21.49 19.27
CA VAL C 191 -12.27 21.55 18.54
C VAL C 191 -12.15 20.25 17.71
N ASN C 192 -12.67 19.15 18.23
CA ASN C 192 -12.56 17.85 17.53
C ASN C 192 -13.00 17.96 16.08
N ASP C 193 -14.14 18.58 15.80
CA ASP C 193 -14.76 18.56 14.45
C ASP C 193 -14.22 19.64 13.50
N SER C 194 -13.14 20.35 13.79
CA SER C 194 -12.37 20.94 12.69
C SER C 194 -11.89 19.79 11.80
N VAL C 195 -11.81 19.99 10.49
CA VAL C 195 -11.25 18.96 9.59
C VAL C 195 -9.77 18.75 9.95
N THR C 196 -9.06 19.83 10.28
CA THR C 196 -7.63 19.79 10.66
C THR C 196 -7.45 19.22 12.06
N LYS C 197 -8.51 18.74 12.68
CA LYS C 197 -8.39 17.95 13.93
C LYS C 197 -8.91 16.55 13.57
N SER C 198 -10.22 16.36 13.48
CA SER C 198 -10.90 15.05 13.27
C SER C 198 -10.23 14.26 12.15
N LYS C 199 -9.91 14.89 11.02
CA LYS C 199 -9.48 14.10 9.83
C LYS C 199 -7.97 14.20 9.63
N ASN C 200 -7.28 14.62 10.67
CA ASN C 200 -5.83 14.73 10.76
C ASN C 200 -5.42 13.90 11.97
N ASP C 201 -5.65 14.46 13.16
CA ASP C 201 -5.28 13.85 14.46
C ASP C 201 -5.97 12.48 14.60
N ASN C 202 -7.29 12.44 14.52
CA ASN C 202 -7.99 11.21 14.99
C ASN C 202 -7.55 10.06 14.07
N LYS C 203 -7.42 10.34 12.78
CA LYS C 203 -7.09 9.31 11.74
C LYS C 203 -5.59 9.12 11.60
N TYR C 204 -4.86 10.12 11.11
CA TYR C 204 -3.41 9.98 10.82
C TYR C 204 -2.61 9.82 12.11
N GLY C 205 -3.04 10.48 13.21
CA GLY C 205 -2.30 10.33 14.47
C GLY C 205 -2.28 8.88 14.89
N CYS C 206 -3.46 8.25 14.85
CA CYS C 206 -3.55 6.80 15.24
C CYS C 206 -2.81 5.94 14.22
N ARG C 207 -2.82 6.32 12.96
CA ARG C 207 -2.02 5.59 11.92
C ARG C 207 -0.54 5.54 12.36
N HIS C 208 0.01 6.70 12.79
CA HIS C 208 1.40 6.81 13.23
C HIS C 208 1.60 6.02 14.53
N SER C 209 0.71 6.23 15.50
CA SER C 209 1.04 5.92 16.91
C SER C 209 0.51 4.55 17.37
N LEU C 210 -0.43 3.93 16.70
CA LEU C 210 -0.92 2.62 17.18
C LEU C 210 0.20 1.58 17.01
N ASN C 211 0.70 1.36 15.79
CA ASN C 211 1.79 0.38 15.55
CA ASN C 211 1.78 0.37 15.55
C ASN C 211 3.01 0.72 16.39
N ASP C 212 3.28 2.03 16.57
CA ASP C 212 4.39 2.48 17.42
C ASP C 212 4.24 1.85 18.83
N ALA C 213 3.12 2.09 19.48
CA ALA C 213 2.84 1.67 20.87
C ALA C 213 2.90 0.14 20.98
N ILE C 214 2.38 -0.56 19.98
CA ILE C 214 2.40 -2.04 20.01
C ILE C 214 3.86 -2.52 19.88
N LYS C 215 4.67 -1.91 19.03
CA LYS C 215 6.10 -2.31 18.93
C LYS C 215 6.84 -2.01 20.22
N ARG C 216 6.64 -0.83 20.80
CA ARG C 216 7.43 -0.49 22.01
C ARG C 216 7.03 -1.45 23.15
N GLY C 217 5.74 -1.76 23.29
CA GLY C 217 5.31 -2.62 24.40
C GLY C 217 5.72 -4.08 24.24
N THR C 218 5.60 -4.64 23.03
CA THR C 218 5.73 -6.10 22.79
C THR C 218 6.90 -6.49 21.85
N ASP C 219 7.40 -5.54 21.05
CA ASP C 219 8.32 -5.82 19.93
C ASP C 219 7.81 -6.98 19.09
N HIS C 220 6.50 -7.17 18.99
CA HIS C 220 5.95 -8.20 18.10
C HIS C 220 6.09 -7.79 16.65
N LEU C 221 6.50 -8.75 15.82
CA LEU C 221 6.14 -8.74 14.39
C LEU C 221 4.65 -8.63 14.22
N LEU C 222 4.20 -7.69 13.35
CA LEU C 222 2.77 -7.55 13.03
C LEU C 222 2.51 -8.22 11.65
N SER C 223 3.46 -8.15 10.72
CA SER C 223 3.32 -8.67 9.34
C SER C 223 2.85 -10.10 9.41
N GLY C 224 1.78 -10.44 8.69
CA GLY C 224 1.32 -11.84 8.53
C GLY C 224 0.43 -12.32 9.64
N LYS C 225 0.20 -11.50 10.69
CA LYS C 225 -0.70 -11.84 11.81
C LYS C 225 -2.08 -11.22 11.63
N GLN C 226 -3.05 -11.76 12.36
CA GLN C 226 -4.48 -11.43 12.26
CA GLN C 226 -4.47 -11.41 12.25
C GLN C 226 -4.85 -10.39 13.33
N ALA C 227 -5.49 -9.31 12.89
CA ALA C 227 -6.02 -8.25 13.75
C ALA C 227 -7.51 -8.11 13.58
N LEU C 228 -8.15 -7.67 14.68
CA LEU C 228 -9.57 -7.26 14.66
C LEU C 228 -9.60 -5.86 15.26
N VAL C 229 -10.11 -4.93 14.47
CA VAL C 229 -10.28 -3.53 14.91
C VAL C 229 -11.76 -3.37 15.14
N ILE C 230 -12.11 -2.96 16.37
CA ILE C 230 -13.52 -2.71 16.68
C ILE C 230 -13.74 -1.20 16.47
N GLY C 231 -14.53 -0.88 15.45
CA GLY C 231 -14.88 0.47 15.03
C GLY C 231 -14.13 0.88 13.78
N TYR C 232 -14.78 1.76 13.01
CA TYR C 232 -14.20 2.31 11.76
C TYR C 232 -14.67 3.74 11.58
N GLY C 233 -14.63 4.46 12.70
CA GLY C 233 -14.74 5.90 12.67
C GLY C 233 -13.40 6.50 12.33
N ASP C 234 -13.10 7.72 12.77
CA ASP C 234 -11.81 8.34 12.38
C ASP C 234 -10.66 7.54 13.00
N VAL C 235 -10.78 7.19 14.28
CA VAL C 235 -9.74 6.42 15.02
C VAL C 235 -9.65 5.00 14.43
N GLY C 236 -10.76 4.35 14.19
CA GLY C 236 -10.74 3.01 13.61
C GLY C 236 -10.13 3.00 12.22
N LYS C 237 -10.42 3.99 11.38
CA LYS C 237 -9.83 4.07 10.03
C LYS C 237 -8.32 4.21 10.18
N GLY C 238 -7.79 5.12 11.04
CA GLY C 238 -6.35 5.26 11.19
C GLY C 238 -5.68 4.03 11.77
N SER C 239 -6.32 3.45 12.75
CA SER C 239 -5.83 2.25 13.47
C SER C 239 -5.74 1.09 12.45
N SER C 240 -6.78 0.87 11.66
CA SER C 240 -6.83 -0.20 10.62
C SER C 240 -5.66 -0.05 9.65
N GLN C 241 -5.42 1.20 9.21
CA GLN C 241 -4.27 1.50 8.34
CA GLN C 241 -4.27 1.56 8.35
C GLN C 241 -2.94 1.27 9.07
N SER C 242 -2.80 1.71 10.33
CA SER C 242 -1.58 1.49 11.11
C SER C 242 -1.18 0.00 11.01
N LEU C 243 -2.15 -0.87 11.08
CA LEU C 243 -1.85 -2.34 11.13
C LEU C 243 -1.75 -2.90 9.72
N ARG C 244 -2.64 -2.50 8.83
CA ARG C 244 -2.58 -3.06 7.43
C ARG C 244 -1.27 -2.65 6.74
N GLN C 245 -0.76 -1.43 6.96
CA GLN C 245 0.47 -0.98 6.33
C GLN C 245 1.66 -1.81 6.80
N GLU C 246 1.59 -2.40 7.99
CA GLU C 246 2.66 -3.26 8.54
C GLU C 246 2.51 -4.69 8.00
N GLY C 247 1.46 -4.97 7.27
CA GLY C 247 1.23 -6.31 6.69
C GLY C 247 0.35 -7.19 7.57
N MET C 248 -0.37 -6.64 8.56
CA MET C 248 -1.42 -7.42 9.23
C MET C 248 -2.56 -7.74 8.26
N ILE C 249 -3.21 -8.88 8.51
CA ILE C 249 -4.52 -9.22 7.93
C ILE C 249 -5.56 -8.66 8.89
N VAL C 250 -6.21 -7.57 8.52
CA VAL C 250 -7.11 -6.82 9.42
C VAL C 250 -8.55 -7.11 9.05
N LYS C 251 -9.34 -7.45 10.07
CA LYS C 251 -10.81 -7.47 10.01
C LYS C 251 -11.35 -6.34 10.87
N VAL C 252 -12.47 -5.81 10.42
CA VAL C 252 -13.09 -4.62 11.04
C VAL C 252 -14.48 -5.01 11.55
N ALA C 253 -14.84 -4.52 12.75
CA ALA C 253 -16.20 -4.62 13.28
C ALA C 253 -16.81 -3.23 13.34
N GLU C 254 -18.09 -3.13 13.02
CA GLU C 254 -18.84 -1.84 13.07
C GLU C 254 -20.31 -2.09 13.37
N VAL C 255 -20.94 -1.10 14.03
CA VAL C 255 -22.41 -1.03 14.17
C VAL C 255 -22.99 -0.10 13.10
N ASP C 256 -22.18 0.78 12.53
CA ASP C 256 -22.67 1.80 11.56
C ASP C 256 -22.40 1.24 10.14
N PRO C 257 -23.44 0.91 9.38
CA PRO C 257 -23.26 0.27 8.07
C PRO C 257 -22.56 1.18 7.04
N ILE C 258 -22.69 2.49 7.19
CA ILE C 258 -21.93 3.42 6.33
C ILE C 258 -20.43 3.26 6.62
N CYS C 259 -19.99 3.32 7.89
CA CYS C 259 -18.57 3.07 8.22
C CYS C 259 -18.15 1.66 7.73
N ALA C 260 -19.01 0.68 7.91
CA ALA C 260 -18.71 -0.70 7.46
C ALA C 260 -18.50 -0.71 5.93
N MET C 261 -19.37 -0.02 5.18
N MET C 261 -19.31 0.05 5.19
CA MET C 261 -19.21 0.06 3.72
CA MET C 261 -19.24 0.11 3.70
C MET C 261 -17.80 0.55 3.42
C MET C 261 -17.87 0.67 3.32
N GLN C 262 -17.39 1.64 4.08
CA GLN C 262 -16.06 2.23 3.84
C GLN C 262 -15.00 1.15 4.09
N ALA C 263 -15.12 0.38 5.17
CA ALA C 263 -14.12 -0.64 5.52
C ALA C 263 -14.03 -1.67 4.37
N CYS C 264 -15.17 -2.08 3.85
CA CYS C 264 -15.21 -3.07 2.72
C CYS C 264 -14.49 -2.47 1.51
N MET C 265 -14.83 -1.25 1.11
CA MET C 265 -14.21 -0.57 -0.05
C MET C 265 -12.72 -0.32 0.17
N ASP C 266 -12.31 -0.11 1.41
CA ASP C 266 -10.89 0.10 1.77
C ASP C 266 -10.15 -1.25 1.81
N GLY C 267 -10.83 -2.38 1.58
CA GLY C 267 -10.11 -3.68 1.42
C GLY C 267 -10.06 -4.51 2.69
N PHE C 268 -10.99 -4.30 3.62
CA PHE C 268 -11.05 -5.07 4.88
C PHE C 268 -12.28 -5.95 4.83
N GLU C 269 -12.12 -7.13 5.42
CA GLU C 269 -13.30 -7.99 5.72
C GLU C 269 -14.02 -7.42 6.96
N VAL C 270 -15.33 -7.24 6.89
CA VAL C 270 -16.18 -6.76 8.01
C VAL C 270 -16.85 -7.96 8.69
N VAL C 271 -16.53 -8.10 9.96
CA VAL C 271 -16.96 -9.24 10.81
C VAL C 271 -17.51 -8.73 12.12
N SER C 272 -18.28 -9.58 12.79
CA SER C 272 -18.78 -9.33 14.17
C SER C 272 -18.18 -10.37 15.10
N PRO C 273 -17.77 -9.98 16.36
CA PRO C 273 -17.43 -10.97 17.38
C PRO C 273 -18.59 -11.92 17.68
N TYR C 274 -19.82 -11.52 17.34
CA TYR C 274 -21.05 -12.28 17.65
C TYR C 274 -21.67 -12.87 16.39
N LYS C 275 -22.21 -14.08 16.53
CA LYS C 275 -22.90 -14.77 15.42
C LYS C 275 -24.05 -13.91 14.91
N ASN C 276 -24.06 -13.58 13.62
CA ASN C 276 -25.07 -12.70 12.98
C ASN C 276 -25.08 -11.30 13.57
N GLY C 277 -24.03 -10.91 14.30
CA GLY C 277 -23.88 -9.58 14.92
C GLY C 277 -24.76 -9.42 16.16
N ILE C 278 -25.40 -10.52 16.62
CA ILE C 278 -26.38 -10.48 17.73
C ILE C 278 -25.66 -10.89 19.02
N ASN C 279 -25.41 -9.93 19.89
CA ASN C 279 -24.95 -10.39 21.22
C ASN C 279 -26.15 -10.66 22.16
N ASP C 280 -26.40 -11.94 22.45
CA ASP C 280 -27.37 -12.39 23.50
C ASP C 280 -26.90 -11.96 24.89
N GLY C 281 -25.59 -11.84 25.13
CA GLY C 281 -25.03 -11.87 26.50
C GLY C 281 -24.53 -13.26 26.87
N THR C 282 -24.85 -14.28 26.06
CA THR C 282 -24.47 -15.71 26.22
C THR C 282 -23.12 -15.97 25.58
N GLU C 283 -22.34 -16.91 26.14
CA GLU C 283 -21.13 -17.45 25.46
C GLU C 283 -21.52 -18.03 24.09
N ALA C 284 -22.72 -18.59 23.94
CA ALA C 284 -23.10 -19.31 22.69
C ALA C 284 -23.10 -18.29 21.54
N SER C 285 -23.29 -16.99 21.82
CA SER C 285 -23.41 -15.96 20.75
C SER C 285 -22.02 -15.55 20.21
N ILE C 286 -20.95 -15.91 20.88
CA ILE C 286 -19.57 -15.54 20.48
C ILE C 286 -19.16 -16.37 19.28
N ASP C 287 -18.64 -15.72 18.25
CA ASP C 287 -17.97 -16.44 17.15
C ASP C 287 -16.57 -16.89 17.62
N ALA C 288 -16.50 -18.06 18.25
CA ALA C 288 -15.27 -18.62 18.84
C ALA C 288 -14.26 -18.94 17.72
N ALA C 289 -14.70 -19.38 16.55
CA ALA C 289 -13.76 -19.72 15.45
C ALA C 289 -13.03 -18.45 14.99
N LEU C 290 -13.78 -17.36 14.82
CA LEU C 290 -13.24 -16.04 14.42
C LEU C 290 -12.27 -15.57 15.50
N LEU C 291 -12.72 -15.49 16.74
CA LEU C 291 -11.85 -14.89 17.80
C LEU C 291 -10.66 -15.79 18.08
N GLY C 292 -10.79 -17.11 17.84
CA GLY C 292 -9.67 -18.04 18.07
C GLY C 292 -8.55 -17.89 17.08
N LYS C 293 -8.68 -17.03 16.03
CA LYS C 293 -7.65 -16.80 15.00
C LYS C 293 -7.01 -15.42 15.18
N ILE C 294 -7.47 -14.60 16.12
CA ILE C 294 -7.06 -13.18 16.21
C ILE C 294 -5.86 -13.03 17.14
N ASP C 295 -4.78 -12.44 16.62
CA ASP C 295 -3.54 -12.16 17.36
C ASP C 295 -3.61 -10.80 18.07
N LEU C 296 -4.49 -9.90 17.66
CA LEU C 296 -4.48 -8.50 18.15
C LEU C 296 -5.89 -7.98 18.01
N ILE C 297 -6.41 -7.43 19.11
CA ILE C 297 -7.69 -6.73 19.09
C ILE C 297 -7.43 -5.30 19.58
N VAL C 298 -8.02 -4.34 18.85
CA VAL C 298 -7.89 -2.89 19.13
C VAL C 298 -9.29 -2.32 19.17
N THR C 299 -9.62 -1.60 20.25
CA THR C 299 -10.95 -0.94 20.39
C THR C 299 -10.75 0.54 20.07
N THR C 300 -11.69 1.11 19.31
CA THR C 300 -11.61 2.47 18.74
C THR C 300 -12.95 3.22 18.88
N THR C 301 -13.90 2.81 19.74
CA THR C 301 -15.31 3.19 19.54
C THR C 301 -15.74 4.45 20.31
N GLY C 302 -15.16 4.72 21.46
CA GLY C 302 -15.80 5.67 22.41
C GLY C 302 -17.05 5.09 23.06
N ASN C 303 -17.30 3.81 22.92
CA ASN C 303 -18.45 3.10 23.51
C ASN C 303 -17.97 2.18 24.63
N VAL C 304 -18.92 1.48 25.24
CA VAL C 304 -18.65 0.66 26.46
C VAL C 304 -18.73 -0.83 26.11
N ASN C 305 -17.76 -1.59 26.60
CA ASN C 305 -17.79 -3.07 26.68
C ASN C 305 -17.91 -3.62 25.25
N VAL C 306 -17.06 -3.09 24.37
CA VAL C 306 -17.04 -3.58 22.95
C VAL C 306 -16.01 -4.71 22.78
N CYS C 307 -15.20 -4.92 23.79
CA CYS C 307 -14.35 -6.13 23.88
C CYS C 307 -14.68 -6.78 25.24
N ASP C 308 -15.67 -7.64 25.24
CA ASP C 308 -16.36 -8.05 26.50
C ASP C 308 -15.71 -9.32 27.08
N ALA C 309 -16.22 -9.76 28.22
CA ALA C 309 -15.65 -10.94 28.94
C ALA C 309 -15.66 -12.14 27.98
N ASN C 310 -16.77 -12.37 27.32
CA ASN C 310 -16.95 -13.58 26.50
C ASN C 310 -15.97 -13.54 25.31
N MET C 311 -15.73 -12.35 24.73
CA MET C 311 -14.70 -12.21 23.69
C MET C 311 -13.31 -12.50 24.28
N LEU C 312 -13.00 -11.96 25.45
CA LEU C 312 -11.65 -12.14 26.07
C LEU C 312 -11.41 -13.66 26.33
N LYS C 313 -12.45 -14.38 26.71
CA LYS C 313 -12.30 -15.84 26.97
C LYS C 313 -12.06 -16.61 25.67
N ALA C 314 -12.60 -16.11 24.55
CA ALA C 314 -12.56 -16.78 23.23
C ALA C 314 -11.31 -16.41 22.43
N LEU C 315 -10.57 -15.34 22.77
CA LEU C 315 -9.44 -14.91 21.94
C LEU C 315 -8.39 -16.01 21.89
N LYS C 316 -7.72 -16.10 20.75
CA LYS C 316 -6.49 -16.91 20.57
C LYS C 316 -5.49 -16.71 21.73
N LYS C 317 -4.88 -17.80 22.17
CA LYS C 317 -3.81 -17.72 23.18
C LYS C 317 -2.74 -16.75 22.69
N ARG C 318 -2.30 -15.90 23.61
CA ARG C 318 -1.13 -14.99 23.48
C ARG C 318 -1.51 -13.77 22.63
N ALA C 319 -2.78 -13.55 22.37
CA ALA C 319 -3.28 -12.34 21.69
C ALA C 319 -2.95 -11.10 22.52
N VAL C 320 -2.71 -10.00 21.80
CA VAL C 320 -2.59 -8.65 22.38
C VAL C 320 -3.98 -8.01 22.36
N VAL C 321 -4.28 -7.32 23.45
CA VAL C 321 -5.54 -6.60 23.63
C VAL C 321 -5.17 -5.15 23.95
N CYS C 322 -5.78 -4.19 23.26
CA CYS C 322 -5.50 -2.78 23.60
C CYS C 322 -6.65 -1.91 23.11
N ASN C 323 -6.69 -0.70 23.68
CA ASN C 323 -7.74 0.28 23.44
C ASN C 323 -7.05 1.58 23.04
N ILE C 324 -7.59 2.28 22.06
CA ILE C 324 -7.08 3.60 21.64
C ILE C 324 -8.23 4.61 21.64
N GLY C 325 -9.40 4.20 22.10
CA GLY C 325 -10.51 5.11 22.43
C GLY C 325 -10.16 5.90 23.70
N HIS C 326 -10.91 6.92 24.02
CA HIS C 326 -10.59 7.79 25.19
C HIS C 326 -10.55 7.04 26.53
N PHE C 327 -11.50 6.13 26.83
CA PHE C 327 -11.66 5.57 28.19
C PHE C 327 -11.43 4.08 28.18
N ASP C 328 -10.90 3.51 29.27
CA ASP C 328 -10.50 2.06 29.31
C ASP C 328 -11.70 1.09 29.34
N ASN C 329 -12.90 1.57 29.64
CA ASN C 329 -14.09 0.67 29.75
C ASN C 329 -14.51 0.11 28.37
N GLU C 330 -13.83 0.47 27.27
CA GLU C 330 -14.10 -0.23 25.98
C GLU C 330 -13.85 -1.74 26.15
N ILE C 331 -12.84 -2.08 26.94
CA ILE C 331 -12.45 -3.51 27.23
C ILE C 331 -12.91 -3.82 28.64
N ASP C 332 -13.45 -5.02 28.86
CA ASP C 332 -13.89 -5.41 30.23
C ASP C 332 -12.67 -5.83 31.03
N THR C 333 -11.82 -4.86 31.39
CA THR C 333 -10.63 -5.12 32.23
C THR C 333 -11.07 -5.46 33.66
N ALA C 334 -12.21 -4.97 34.15
CA ALA C 334 -12.72 -5.32 35.51
C ALA C 334 -12.90 -6.85 35.61
N PHE C 335 -13.49 -7.44 34.58
CA PHE C 335 -13.62 -8.93 34.49
C PHE C 335 -12.27 -9.60 34.64
N MET C 336 -11.24 -9.09 33.95
CA MET C 336 -9.90 -9.72 33.96
C MET C 336 -9.24 -9.53 35.34
N ARG C 337 -9.39 -8.36 35.99
CA ARG C 337 -8.85 -8.10 37.35
C ARG C 337 -9.49 -9.04 38.39
N LYS C 338 -10.77 -9.37 38.21
CA LYS C 338 -11.54 -10.23 39.14
C LYS C 338 -11.24 -11.73 38.95
N ASN C 339 -10.79 -12.18 37.78
CA ASN C 339 -10.82 -13.63 37.42
C ASN C 339 -9.45 -14.18 37.08
N TRP C 340 -8.52 -13.35 36.60
CA TRP C 340 -7.26 -13.79 35.97
C TRP C 340 -6.06 -13.14 36.68
N ALA C 341 -4.93 -13.84 36.66
CA ALA C 341 -3.67 -13.44 37.30
C ALA C 341 -2.92 -12.48 36.38
N TRP C 342 -2.58 -11.29 36.86
CA TRP C 342 -1.83 -10.28 36.05
C TRP C 342 -0.37 -10.35 36.42
N GLU C 343 0.49 -10.58 35.45
CA GLU C 343 1.95 -10.57 35.56
C GLU C 343 2.47 -9.36 34.79
N GLU C 344 3.06 -8.41 35.49
CA GLU C 344 3.70 -7.28 34.79
C GLU C 344 4.94 -7.78 34.03
N VAL C 345 4.98 -7.56 32.71
CA VAL C 345 6.19 -7.80 31.91
C VAL C 345 7.13 -6.63 32.18
N LYS C 346 6.58 -5.42 31.99
CA LYS C 346 7.29 -4.15 32.22
C LYS C 346 6.16 -3.11 32.34
N PRO C 347 6.45 -1.85 32.71
CA PRO C 347 5.38 -0.88 32.87
C PRO C 347 4.47 -0.84 31.64
N GLN C 348 3.14 -0.83 31.87
CA GLN C 348 2.07 -0.72 30.87
C GLN C 348 2.09 -1.95 29.94
N VAL C 349 2.71 -3.05 30.36
CA VAL C 349 2.56 -4.35 29.65
C VAL C 349 2.28 -5.45 30.65
N HIS C 350 1.10 -6.06 30.60
CA HIS C 350 0.72 -7.18 31.51
C HIS C 350 0.37 -8.43 30.70
N LYS C 351 0.90 -9.56 31.17
CA LYS C 351 0.39 -10.89 30.73
C LYS C 351 -0.71 -11.23 31.71
N ILE C 352 -1.86 -11.57 31.18
CA ILE C 352 -3.08 -11.89 31.94
C ILE C 352 -3.38 -13.37 31.71
N HIS C 353 -3.19 -14.14 32.76
CA HIS C 353 -3.16 -15.63 32.73
C HIS C 353 -4.58 -16.14 32.95
N ARG C 354 -5.14 -16.81 31.95
CA ARG C 354 -6.59 -17.18 31.96
C ARG C 354 -6.74 -18.48 32.74
N THR C 355 -5.68 -18.99 33.37
CA THR C 355 -5.71 -20.22 34.24
C THR C 355 -6.32 -19.99 35.62
N GLY C 356 -6.61 -18.74 36.01
CA GLY C 356 -7.21 -18.40 37.31
C GLY C 356 -6.60 -17.15 37.94
N LYS C 357 -7.13 -16.75 39.09
CA LYS C 357 -6.92 -15.45 39.76
C LYS C 357 -5.66 -15.47 40.63
N ASP C 358 -5.48 -16.56 41.39
CA ASP C 358 -4.36 -16.63 42.37
C ASP C 358 -3.19 -17.43 41.83
N GLY C 359 -2.17 -16.75 41.33
CA GLY C 359 -0.92 -17.41 40.87
C GLY C 359 -1.06 -17.92 39.44
N PHE C 360 0.09 -18.15 38.75
CA PHE C 360 0.21 -18.71 37.39
C PHE C 360 1.61 -19.41 37.27
N ASP C 361 1.71 -20.34 36.28
CA ASP C 361 2.98 -20.95 35.82
C ASP C 361 3.75 -19.96 34.96
N ALA C 362 5.05 -19.76 35.17
CA ALA C 362 5.81 -18.71 34.45
C ALA C 362 5.82 -19.02 32.94
N HIS C 363 5.70 -20.29 32.58
CA HIS C 363 5.71 -20.78 31.18
C HIS C 363 4.30 -21.12 30.69
N ASN C 364 3.25 -20.68 31.40
CA ASN C 364 1.84 -20.82 30.94
C ASN C 364 1.73 -20.25 29.52
N ASP C 365 0.97 -20.93 28.65
CA ASP C 365 0.77 -20.54 27.23
C ASP C 365 -0.57 -19.81 27.07
N ASP C 366 -1.43 -19.92 28.06
CA ASP C 366 -2.84 -19.47 28.01
C ASP C 366 -2.93 -18.10 28.70
N TYR C 367 -2.41 -17.08 28.03
CA TYR C 367 -2.45 -15.70 28.53
C TYR C 367 -2.80 -14.74 27.38
N LEU C 368 -3.27 -13.57 27.74
CA LEU C 368 -3.40 -12.43 26.83
C LEU C 368 -2.37 -11.38 27.25
N ILE C 369 -1.95 -10.51 26.34
CA ILE C 369 -1.08 -9.37 26.71
C ILE C 369 -1.98 -8.12 26.62
N LEU C 370 -2.18 -7.43 27.73
CA LEU C 370 -2.93 -6.16 27.80
C LEU C 370 -1.92 -5.02 27.84
N LEU C 371 -2.15 -4.04 26.97
CA LEU C 371 -1.30 -2.84 26.96
C LEU C 371 -2.01 -1.68 27.70
N ALA C 372 -1.20 -0.95 28.44
CA ALA C 372 -1.58 0.28 29.20
C ALA C 372 -2.80 0.04 30.10
N GLU C 373 -2.96 -1.17 30.62
CA GLU C 373 -4.12 -1.58 31.42
C GLU C 373 -5.43 -1.15 30.73
N GLY C 374 -5.50 -1.14 29.40
CA GLY C 374 -6.72 -0.78 28.68
C GLY C 374 -6.89 0.72 28.45
N ARG C 375 -6.00 1.54 28.96
CA ARG C 375 -6.05 3.00 28.72
C ARG C 375 -5.47 3.27 27.33
N LEU C 376 -5.67 4.49 26.81
CA LEU C 376 -5.30 4.84 25.43
C LEU C 376 -3.88 4.37 25.19
N VAL C 377 -3.71 3.45 24.23
CA VAL C 377 -2.43 2.72 24.12
C VAL C 377 -1.37 3.59 23.45
N ASN C 378 -1.76 4.47 22.52
CA ASN C 378 -0.75 5.29 21.84
C ASN C 378 0.01 6.15 22.82
N LEU C 379 -0.71 6.76 23.75
CA LEU C 379 -0.07 7.61 24.78
C LEU C 379 0.51 6.77 25.94
N GLY C 380 -0.07 5.61 26.23
CA GLY C 380 0.34 4.81 27.39
C GLY C 380 1.63 4.07 27.14
N ASN C 381 1.78 3.50 25.92
CA ASN C 381 2.96 2.68 25.54
C ASN C 381 3.90 3.37 24.58
N ALA C 382 3.56 4.56 24.09
CA ALA C 382 4.51 5.32 23.26
C ALA C 382 4.35 6.79 23.62
N THR C 383 4.24 7.70 22.65
CA THR C 383 4.23 9.17 22.94
C THR C 383 3.04 9.84 22.29
N GLY C 384 2.01 9.08 21.99
CA GLY C 384 0.84 9.57 21.28
C GLY C 384 1.21 10.05 19.88
N HIS C 385 0.38 10.95 19.36
CA HIS C 385 0.55 11.50 18.01
C HIS C 385 1.79 12.36 17.92
N PRO C 386 2.40 12.44 16.71
CA PRO C 386 3.61 13.22 16.52
C PRO C 386 3.28 14.72 16.50
N SER C 387 4.31 15.52 16.77
CA SER C 387 4.19 17.01 16.79
C SER C 387 3.53 17.55 15.53
N ARG C 388 3.88 17.06 14.35
CA ARG C 388 3.39 17.69 13.09
C ARG C 388 1.89 17.46 12.89
N ILE C 389 1.34 16.41 13.46
CA ILE C 389 -0.10 16.15 13.46
C ILE C 389 -0.73 17.00 14.58
N MET C 390 -0.21 16.96 15.79
CA MET C 390 -0.83 17.74 16.91
C MET C 390 -0.78 19.25 16.65
N ASP C 391 0.04 19.70 15.76
CA ASP C 391 0.09 21.08 15.26
C ASP C 391 -1.33 21.48 14.86
N GLY C 392 -2.04 20.70 14.04
CA GLY C 392 -3.38 21.04 13.59
C GLY C 392 -4.33 21.15 14.77
N SER C 393 -4.40 20.13 15.60
CA SER C 393 -5.36 20.10 16.75
C SER C 393 -5.11 21.33 17.60
N PHE C 394 -3.87 21.60 17.90
CA PHE C 394 -3.53 22.62 18.92
C PHE C 394 -3.58 24.03 18.34
N ALA C 395 -3.36 24.22 17.05
CA ALA C 395 -3.62 25.53 16.39
C ALA C 395 -5.12 25.81 16.50
N ASN C 396 -5.95 24.81 16.35
CA ASN C 396 -7.42 24.95 16.56
C ASN C 396 -7.70 25.33 18.03
N GLN C 397 -7.03 24.66 18.97
CA GLN C 397 -7.25 24.95 20.42
C GLN C 397 -6.97 26.42 20.69
N VAL C 398 -5.87 26.92 20.18
CA VAL C 398 -5.47 28.33 20.43
C VAL C 398 -6.52 29.28 19.79
N LEU C 399 -6.93 29.04 18.56
CA LEU C 399 -7.97 29.87 17.91
C LEU C 399 -9.25 29.82 18.70
N ALA C 400 -9.62 28.65 19.24
CA ALA C 400 -10.87 28.46 19.98
C ALA C 400 -10.77 29.26 21.32
N GLN C 401 -9.64 29.18 21.99
CA GLN C 401 -9.44 29.91 23.26
C GLN C 401 -9.55 31.41 22.95
N ILE C 402 -8.89 31.88 21.89
CA ILE C 402 -8.97 33.31 21.54
C ILE C 402 -10.44 33.70 21.34
N HIS C 403 -11.19 32.90 20.60
CA HIS C 403 -12.57 33.25 20.20
C HIS C 403 -13.46 33.37 21.43
N LEU C 404 -13.46 32.37 22.30
CA LEU C 404 -14.39 32.36 23.45
C LEU C 404 -13.91 33.41 24.43
N PHE C 405 -12.60 33.60 24.57
CA PHE C 405 -12.10 34.60 25.55
C PHE C 405 -12.56 35.98 25.10
N GLU C 406 -12.47 36.25 23.82
CA GLU C 406 -12.83 37.58 23.24
C GLU C 406 -14.32 37.82 23.41
N GLN C 407 -15.14 36.78 23.35
CA GLN C 407 -16.63 36.88 23.43
C GLN C 407 -17.03 37.28 24.86
N LYS C 408 -16.27 36.90 25.87
CA LYS C 408 -16.54 37.28 27.29
C LYS C 408 -17.95 36.87 27.71
N TYR C 409 -18.35 35.63 27.47
CA TYR C 409 -19.68 35.13 27.90
C TYR C 409 -19.96 35.49 29.36
N ALA C 410 -19.04 35.28 30.28
CA ALA C 410 -19.33 35.40 31.74
C ALA C 410 -19.84 36.81 32.03
N ASP C 411 -19.40 37.80 31.26
CA ASP C 411 -19.75 39.21 31.52
C ASP C 411 -21.05 39.58 30.83
N LEU C 412 -21.64 38.71 30.01
CA LEU C 412 -22.91 39.03 29.30
C LEU C 412 -24.05 39.01 30.31
N PRO C 413 -25.04 39.89 30.13
CA PRO C 413 -26.31 39.77 30.85
C PRO C 413 -27.00 38.45 30.54
N ALA C 414 -27.87 38.04 31.45
CA ALA C 414 -28.55 36.72 31.36
C ALA C 414 -29.25 36.57 29.98
N ALA C 415 -29.95 37.60 29.47
CA ALA C 415 -30.71 37.42 28.21
C ALA C 415 -29.74 37.17 27.04
N GLU C 416 -28.55 37.77 27.11
CA GLU C 416 -27.47 37.72 26.09
C GLU C 416 -26.72 36.37 26.20
N LYS C 417 -26.44 35.90 27.41
CA LYS C 417 -25.89 34.56 27.61
C LYS C 417 -26.78 33.56 26.86
N ALA C 418 -28.11 33.64 27.00
CA ALA C 418 -29.06 32.59 26.52
C ALA C 418 -28.88 32.42 25.00
N LYS C 419 -28.53 33.50 24.31
CA LYS C 419 -28.37 33.52 22.85
C LYS C 419 -27.02 32.94 22.42
N ARG C 420 -26.02 32.84 23.30
CA ARG C 420 -24.65 32.37 22.95
C ARG C 420 -24.33 31.03 23.61
N LEU C 421 -25.26 30.41 24.37
CA LEU C 421 -24.98 29.16 25.10
C LEU C 421 -25.13 28.01 24.12
N SER C 422 -24.01 27.56 23.56
CA SER C 422 -24.03 26.62 22.43
C SER C 422 -22.74 25.81 22.45
N VAL C 423 -22.70 24.71 21.68
CA VAL C 423 -21.48 23.94 21.35
C VAL C 423 -21.27 24.09 19.84
N GLU C 424 -20.28 24.84 19.43
CA GLU C 424 -20.07 25.22 18.01
C GLU C 424 -18.68 24.80 17.58
N VAL C 425 -18.50 24.73 16.27
CA VAL C 425 -17.17 24.55 15.67
C VAL C 425 -16.65 25.90 15.20
N LEU C 426 -15.34 25.95 15.03
CA LEU C 426 -14.68 27.11 14.35
C LEU C 426 -15.14 27.22 12.93
N PRO C 427 -15.18 28.48 12.44
CA PRO C 427 -15.52 28.75 11.04
C PRO C 427 -14.57 27.99 10.09
N LYS C 428 -15.07 27.63 8.94
CA LYS C 428 -14.27 26.89 7.92
C LYS C 428 -13.07 27.71 7.50
N LYS C 429 -13.20 29.03 7.38
CA LYS C 429 -12.03 29.85 6.98
C LYS C 429 -10.84 29.59 7.93
N LEU C 430 -11.06 29.44 9.24
CA LEU C 430 -9.94 29.25 10.20
C LEU C 430 -9.36 27.83 9.99
N ASP C 431 -10.22 26.84 9.83
CA ASP C 431 -9.80 25.43 9.55
C ASP C 431 -8.90 25.44 8.30
N GLU C 432 -9.27 26.17 7.24
CA GLU C 432 -8.45 26.27 6.02
C GLU C 432 -7.12 26.96 6.34
N GLU C 433 -7.11 28.02 7.16
CA GLU C 433 -5.85 28.77 7.40
C GLU C 433 -4.89 27.87 8.23
N VAL C 434 -5.43 27.05 9.13
CA VAL C 434 -4.60 26.03 9.85
C VAL C 434 -4.02 25.06 8.79
N ALA C 435 -4.87 24.53 7.96
CA ALA C 435 -4.42 23.55 6.93
C ALA C 435 -3.30 24.12 6.08
N LEU C 436 -3.44 25.37 5.66
CA LEU C 436 -2.44 25.99 4.79
C LEU C 436 -1.08 25.98 5.47
N GLU C 437 -0.99 26.35 6.76
CA GLU C 437 0.28 26.34 7.48
C GLU C 437 0.81 24.89 7.53
N MET C 438 -0.03 23.90 7.76
CA MET C 438 0.41 22.49 7.76
C MET C 438 0.96 22.10 6.38
N VAL C 439 0.29 22.50 5.30
CA VAL C 439 0.77 22.19 3.94
C VAL C 439 2.11 22.84 3.65
N LYS C 440 2.24 24.12 4.00
CA LYS C 440 3.52 24.81 3.81
C LYS C 440 4.62 24.08 4.60
N GLY C 441 4.30 23.54 5.76
CA GLY C 441 5.29 22.82 6.59
C GLY C 441 5.85 21.60 5.89
N PHE C 442 5.09 20.96 5.02
CA PHE C 442 5.58 19.87 4.15
C PHE C 442 6.30 20.39 2.91
N GLY C 443 6.37 21.70 2.70
CA GLY C 443 6.80 22.28 1.43
C GLY C 443 5.78 22.21 0.32
N GLY C 444 4.51 21.93 0.61
CA GLY C 444 3.40 21.91 -0.34
C GLY C 444 3.12 23.30 -0.88
N VAL C 445 2.68 23.37 -2.11
CA VAL C 445 2.33 24.63 -2.79
C VAL C 445 0.91 24.50 -3.29
N VAL C 446 0.02 25.26 -2.65
CA VAL C 446 -1.39 25.37 -3.04
CA VAL C 446 -1.40 25.31 -3.10
C VAL C 446 -1.45 26.26 -4.29
N THR C 447 -2.35 25.95 -5.21
CA THR C 447 -2.62 26.77 -6.41
C THR C 447 -3.52 27.91 -5.93
N GLN C 448 -3.37 29.09 -6.53
CA GLN C 448 -4.34 30.20 -6.37
C GLN C 448 -5.31 30.16 -7.56
N LEU C 449 -6.61 30.14 -7.26
CA LEU C 449 -7.69 30.30 -8.26
C LEU C 449 -7.47 31.60 -9.03
N THR C 450 -7.71 31.55 -10.32
CA THR C 450 -7.85 32.78 -11.15
C THR C 450 -9.21 33.38 -10.82
N PRO C 451 -9.39 34.69 -11.08
CA PRO C 451 -10.70 35.29 -10.86
C PRO C 451 -11.81 34.57 -11.62
N LYS C 452 -11.52 34.12 -12.86
CA LYS C 452 -12.51 33.40 -13.71
C LYS C 452 -12.85 32.07 -13.05
N GLN C 453 -11.85 31.35 -12.53
CA GLN C 453 -12.11 30.04 -11.87
C GLN C 453 -12.94 30.22 -10.59
N ALA C 454 -12.57 31.22 -9.78
CA ALA C 454 -13.29 31.53 -8.51
C ALA C 454 -14.75 31.86 -8.83
N GLU C 455 -15.00 32.65 -9.89
CA GLU C 455 -16.39 32.94 -10.34
C GLU C 455 -17.07 31.63 -10.80
N TYR C 456 -16.38 30.78 -11.57
CA TYR C 456 -16.98 29.55 -12.15
C TYR C 456 -17.48 28.65 -11.01
N ILE C 457 -16.70 28.47 -9.94
CA ILE C 457 -17.12 27.57 -8.84
C ILE C 457 -17.77 28.35 -7.68
N GLY C 458 -17.87 29.69 -7.74
CA GLY C 458 -18.74 30.45 -6.82
C GLY C 458 -18.08 30.62 -5.46
N VAL C 459 -16.76 30.80 -5.41
CA VAL C 459 -16.00 31.03 -4.16
C VAL C 459 -15.11 32.25 -4.32
N SER C 460 -14.72 32.81 -3.21
CA SER C 460 -13.62 33.80 -3.12
C SER C 460 -12.28 33.11 -3.42
N VAL C 461 -11.35 33.82 -4.02
CA VAL C 461 -9.94 33.40 -4.23
CA VAL C 461 -9.96 33.34 -4.24
C VAL C 461 -9.30 33.08 -2.88
N GLU C 462 -9.77 33.72 -1.80
CA GLU C 462 -9.25 33.53 -0.42
C GLU C 462 -9.88 32.32 0.27
N GLY C 463 -10.93 31.74 -0.31
CA GLY C 463 -11.82 30.79 0.35
C GLY C 463 -12.81 31.52 1.25
N PRO C 464 -13.68 30.80 1.96
CA PRO C 464 -13.65 29.34 1.99
C PRO C 464 -14.03 28.64 0.69
N PHE C 465 -13.50 27.43 0.50
CA PHE C 465 -13.53 26.75 -0.82
C PHE C 465 -14.69 25.77 -0.95
N LYS C 466 -15.29 25.38 0.18
CA LYS C 466 -16.34 24.36 0.26
C LYS C 466 -17.52 24.87 1.05
N PRO C 467 -18.73 24.33 0.77
CA PRO C 467 -19.90 24.59 1.62
C PRO C 467 -19.73 23.86 2.93
N ASP C 468 -20.45 24.29 3.97
CA ASP C 468 -20.39 23.69 5.33
C ASP C 468 -20.82 22.23 5.30
N THR C 469 -21.63 21.82 4.33
CA THR C 469 -22.10 20.41 4.19
C THR C 469 -20.96 19.50 3.73
N TYR C 470 -19.83 20.04 3.28
CA TYR C 470 -18.79 19.22 2.63
C TYR C 470 -18.08 18.31 3.64
N ARG C 471 -17.85 17.05 3.24
CA ARG C 471 -17.33 16.02 4.20
C ARG C 471 -15.85 15.69 4.03
N TYR C 472 -15.20 16.12 2.95
CA TYR C 472 -13.77 15.88 2.68
C TYR C 472 -13.54 14.36 2.69
N GLY D 12 28.69 -18.99 43.26
CA GLY D 12 29.25 -17.63 43.07
C GLY D 12 29.74 -17.41 41.66
N PHE D 13 28.86 -17.52 40.66
CA PHE D 13 29.18 -17.10 39.28
C PHE D 13 29.49 -15.56 39.32
N THR D 14 30.60 -15.20 38.61
CA THR D 14 31.10 -13.82 38.38
C THR D 14 31.78 -13.64 37.00
N ASP D 15 31.62 -14.56 36.03
CA ASP D 15 32.41 -14.53 34.76
C ASP D 15 31.55 -13.83 33.71
N TYR D 16 31.28 -12.56 33.93
CA TYR D 16 30.37 -11.78 33.08
C TYR D 16 30.59 -10.31 33.38
N LYS D 17 30.12 -9.47 32.48
CA LYS D 17 30.01 -8.04 32.80
C LYS D 17 28.84 -7.50 32.01
N VAL D 18 27.82 -7.08 32.76
CA VAL D 18 26.56 -6.49 32.24
C VAL D 18 26.28 -5.16 32.96
N ALA D 19 25.36 -4.38 32.43
CA ALA D 19 25.03 -3.05 32.99
C ALA D 19 24.46 -3.24 34.39
N ASP D 20 23.59 -4.22 34.57
CA ASP D 20 22.71 -4.26 35.77
C ASP D 20 22.07 -5.64 35.83
N ILE D 21 22.69 -6.51 36.63
CA ILE D 21 22.21 -7.89 36.84
C ILE D 21 20.74 -7.85 37.29
N THR D 22 20.28 -6.79 37.97
CA THR D 22 18.92 -6.81 38.56
C THR D 22 17.87 -6.73 37.45
N LEU D 23 18.27 -6.53 36.20
CA LEU D 23 17.31 -6.51 35.07
C LEU D 23 16.99 -7.95 34.63
N ALA D 24 17.62 -8.97 35.25
CA ALA D 24 17.51 -10.38 34.76
C ALA D 24 16.07 -10.86 34.77
N ALA D 25 15.26 -10.55 35.79
CA ALA D 25 13.86 -11.05 35.90
C ALA D 25 13.05 -10.52 34.72
N TRP D 26 13.26 -9.24 34.41
CA TRP D 26 12.58 -8.58 33.25
C TRP D 26 13.01 -9.29 31.95
N GLY D 27 14.32 -9.46 31.79
CA GLY D 27 14.88 -10.19 30.63
C GLY D 27 14.25 -11.57 30.51
N ARG D 28 14.15 -12.32 31.62
CA ARG D 28 13.56 -13.67 31.54
C ARG D 28 12.10 -13.59 31.09
N ARG D 29 11.35 -12.58 31.56
CA ARG D 29 9.92 -12.48 31.16
C ARG D 29 9.88 -12.30 29.61
N GLU D 30 10.75 -11.46 29.08
CA GLU D 30 10.80 -11.16 27.63
C GLU D 30 11.31 -12.40 26.86
N LEU D 31 12.24 -13.16 27.43
CA LEU D 31 12.74 -14.39 26.77
C LEU D 31 11.60 -15.41 26.65
N ILE D 32 10.77 -15.57 27.67
CA ILE D 32 9.62 -16.51 27.63
C ILE D 32 8.65 -16.10 26.51
N ILE D 33 8.37 -14.81 26.38
CA ILE D 33 7.53 -14.31 25.25
C ILE D 33 8.24 -14.62 23.92
N ALA D 34 9.54 -14.35 23.83
CA ALA D 34 10.30 -14.53 22.59
C ALA D 34 10.27 -16.02 22.21
N GLU D 35 10.38 -16.94 23.16
CA GLU D 35 10.29 -18.38 22.80
C GLU D 35 8.98 -18.66 22.06
N SER D 36 7.85 -18.04 22.49
CA SER D 36 6.51 -18.23 21.89
C SER D 36 6.48 -17.62 20.48
N GLU D 37 7.40 -16.70 20.16
CA GLU D 37 7.48 -16.03 18.85
C GLU D 37 8.49 -16.70 17.92
N MET D 38 9.21 -17.74 18.38
CA MET D 38 10.35 -18.31 17.62
C MET D 38 10.17 -19.82 17.46
N PRO D 39 9.13 -20.22 16.71
CA PRO D 39 8.80 -21.64 16.57
C PRO D 39 9.87 -22.47 15.83
N ALA D 40 10.63 -21.91 14.88
CA ALA D 40 11.68 -22.68 14.17
C ALA D 40 12.77 -22.99 15.16
N LEU D 41 13.21 -21.97 15.88
CA LEU D 41 14.34 -22.13 16.82
C LEU D 41 13.93 -23.07 17.97
N MET D 42 12.77 -22.80 18.59
N MET D 42 12.73 -22.93 18.54
CA MET D 42 12.14 -23.69 19.61
CA MET D 42 12.30 -23.78 19.67
C MET D 42 12.16 -25.12 19.06
C MET D 42 11.90 -25.18 19.16
N GLY D 43 11.54 -25.30 17.89
CA GLY D 43 11.40 -26.61 17.23
C GLY D 43 12.71 -27.33 17.21
N LEU D 44 13.82 -26.63 16.95
CA LEU D 44 15.16 -27.26 16.93
C LEU D 44 15.54 -27.63 18.37
N ARG D 45 15.27 -26.74 19.33
CA ARG D 45 15.62 -26.98 20.75
C ARG D 45 14.92 -28.29 21.16
N ARG D 46 13.66 -28.48 20.78
CA ARG D 46 12.84 -29.67 21.17
C ARG D 46 13.28 -30.93 20.39
N LYS D 47 13.61 -30.82 19.11
CA LYS D 47 13.96 -31.96 18.22
C LYS D 47 15.32 -32.54 18.63
N TYR D 48 16.27 -31.72 19.05
CA TYR D 48 17.69 -32.10 19.19
C TYR D 48 18.08 -32.24 20.65
N ALA D 49 17.17 -31.96 21.59
CA ALA D 49 17.57 -31.87 23.03
C ALA D 49 18.11 -33.23 23.49
N GLY D 50 17.33 -34.28 23.19
CA GLY D 50 17.66 -35.66 23.52
C GLY D 50 19.02 -36.06 22.97
N GLN D 51 19.43 -35.54 21.81
CA GLN D 51 20.59 -36.06 21.05
C GLN D 51 21.86 -35.26 21.38
N GLN D 52 21.71 -34.10 22.01
CA GLN D 52 22.84 -33.23 22.43
C GLN D 52 23.89 -33.11 21.32
N PRO D 53 23.51 -32.62 20.11
CA PRO D 53 24.47 -32.55 19.02
C PRO D 53 25.64 -31.57 19.26
N LEU D 54 25.53 -30.64 20.22
CA LEU D 54 26.63 -29.67 20.44
C LEU D 54 27.38 -29.98 21.75
N LYS D 55 27.21 -31.21 22.27
CA LYS D 55 28.03 -31.77 23.38
C LYS D 55 29.56 -31.81 23.02
N GLY D 56 30.28 -30.98 23.83
CA GLY D 56 31.70 -30.64 23.61
C GLY D 56 31.90 -29.35 22.80
N ALA D 57 30.86 -28.75 22.26
CA ALA D 57 31.06 -27.48 21.50
C ALA D 57 31.35 -26.35 22.48
N LYS D 58 32.39 -25.54 22.19
CA LYS D 58 32.78 -24.34 22.96
C LYS D 58 32.78 -23.16 21.97
N ILE D 59 31.70 -22.38 22.02
CA ILE D 59 31.35 -21.39 20.95
C ILE D 59 31.74 -20.00 21.47
N LEU D 60 32.63 -19.34 20.75
CA LEU D 60 32.81 -17.87 20.85
C LEU D 60 31.70 -17.23 20.01
N GLY D 61 30.78 -16.48 20.62
CA GLY D 61 29.73 -15.78 19.88
C GLY D 61 29.83 -14.28 20.02
N CYS D 62 29.55 -13.55 18.95
CA CYS D 62 29.72 -12.08 18.88
C CYS D 62 28.64 -11.50 17.98
N ILE D 63 27.45 -11.45 18.54
CA ILE D 63 26.22 -11.03 17.83
C ILE D 63 25.39 -10.26 18.83
N HIS D 64 24.86 -9.13 18.36
CA HIS D 64 23.99 -8.20 19.13
C HIS D 64 23.34 -8.92 20.30
N MET D 65 23.62 -8.45 21.52
CA MET D 65 23.12 -9.14 22.73
C MET D 65 21.67 -8.67 23.05
N THR D 66 20.71 -9.15 22.24
CA THR D 66 19.28 -8.85 22.28
C THR D 66 18.55 -10.00 22.95
N ILE D 67 17.27 -9.82 23.22
CA ILE D 67 16.38 -10.90 23.66
C ILE D 67 16.45 -12.04 22.62
N GLN D 68 16.48 -11.70 21.33
CA GLN D 68 16.45 -12.73 20.26
C GLN D 68 17.75 -13.56 20.32
N THR D 69 18.87 -12.90 20.48
CA THR D 69 20.17 -13.58 20.66
C THR D 69 20.10 -14.42 21.96
N GLY D 70 19.40 -13.98 23.01
CA GLY D 70 19.30 -14.82 24.21
C GLY D 70 18.65 -16.17 23.91
N VAL D 71 17.57 -16.19 23.12
CA VAL D 71 16.86 -17.45 22.75
C VAL D 71 17.84 -18.30 21.93
N LEU D 72 18.64 -17.72 21.04
CA LEU D 72 19.70 -18.44 20.29
C LEU D 72 20.68 -19.09 21.29
N ILE D 73 21.31 -18.28 22.12
CA ILE D 73 22.31 -18.72 23.14
C ILE D 73 21.73 -19.91 23.91
N GLU D 74 20.53 -19.77 24.47
CA GLU D 74 19.95 -20.79 25.37
C GLU D 74 19.58 -22.03 24.54
N THR D 75 19.33 -21.85 23.25
CA THR D 75 19.15 -23.01 22.34
C THR D 75 20.49 -23.77 22.19
N LEU D 76 21.61 -23.05 21.91
CA LEU D 76 22.95 -23.68 21.74
C LEU D 76 23.25 -24.44 23.01
N VAL D 77 23.02 -23.80 24.16
CA VAL D 77 23.31 -24.42 25.49
C VAL D 77 22.42 -25.63 25.70
N ALA D 78 21.11 -25.55 25.41
CA ALA D 78 20.15 -26.68 25.56
C ALA D 78 20.55 -27.86 24.69
N LEU D 79 21.34 -27.66 23.63
CA LEU D 79 21.80 -28.76 22.73
C LEU D 79 23.24 -29.19 23.10
N GLY D 80 23.80 -28.64 24.19
CA GLY D 80 25.01 -29.16 24.85
C GLY D 80 26.20 -28.23 24.76
N ALA D 81 26.07 -27.04 24.14
CA ALA D 81 27.23 -26.13 23.93
C ALA D 81 27.55 -25.38 25.22
N GLU D 82 28.80 -25.00 25.37
CA GLU D 82 29.24 -23.89 26.26
C GLU D 82 29.53 -22.70 25.36
N VAL D 83 29.26 -21.50 25.86
CA VAL D 83 29.46 -20.28 25.04
C VAL D 83 30.20 -19.26 25.90
N ARG D 84 30.97 -18.39 25.25
CA ARG D 84 31.33 -17.08 25.79
C ARG D 84 30.89 -16.01 24.80
N TRP D 85 30.18 -14.99 25.27
CA TRP D 85 29.44 -14.09 24.36
C TRP D 85 29.79 -12.60 24.55
N SER D 86 29.89 -11.86 23.44
CA SER D 86 30.05 -10.37 23.39
C SER D 86 29.01 -9.81 22.40
N SER D 87 28.69 -8.52 22.45
CA SER D 87 27.79 -7.90 21.44
C SER D 87 28.71 -7.45 20.31
N CYS D 88 28.20 -7.32 19.08
CA CYS D 88 29.09 -6.88 17.98
C CYS D 88 28.89 -5.41 17.70
N ASN D 89 28.24 -4.67 18.61
CA ASN D 89 27.98 -3.23 18.38
C ASN D 89 27.84 -2.54 19.73
N ILE D 90 28.40 -1.34 19.85
CA ILE D 90 28.42 -0.55 21.10
C ILE D 90 27.00 -0.18 21.57
N PHE D 91 26.00 -0.13 20.69
CA PHE D 91 24.64 0.33 21.09
C PHE D 91 23.60 -0.79 20.95
N SER D 92 23.93 -2.00 20.51
CA SER D 92 22.85 -2.95 20.13
C SER D 92 22.39 -3.84 21.32
N THR D 93 23.17 -3.90 22.38
CA THR D 93 22.80 -4.74 23.55
C THR D 93 21.47 -4.27 24.19
N GLN D 94 20.60 -5.22 24.54
CA GLN D 94 19.43 -4.99 25.41
C GLN D 94 19.86 -5.42 26.82
N ASP D 95 20.01 -4.47 27.74
CA ASP D 95 20.62 -4.81 29.07
C ASP D 95 19.82 -5.91 29.81
N GLN D 96 18.51 -5.97 29.66
CA GLN D 96 17.68 -7.01 30.34
C GLN D 96 18.05 -8.37 29.72
N ALA D 97 18.38 -8.43 28.44
CA ALA D 97 18.74 -9.73 27.78
C ALA D 97 20.10 -10.17 28.30
N ALA D 98 21.11 -9.29 28.25
CA ALA D 98 22.44 -9.59 28.81
C ALA D 98 22.29 -10.05 30.27
N ALA D 99 21.48 -9.36 31.09
CA ALA D 99 21.35 -9.72 32.51
C ALA D 99 20.79 -11.13 32.64
N ALA D 100 19.74 -11.47 31.89
CA ALA D 100 19.08 -12.78 32.00
C ALA D 100 20.08 -13.89 31.66
N ILE D 101 20.97 -13.66 30.68
CA ILE D 101 21.98 -14.65 30.25
C ILE D 101 23.05 -14.82 31.35
N ALA D 102 23.61 -13.71 31.85
CA ALA D 102 24.55 -13.68 33.01
C ALA D 102 23.94 -14.44 34.18
N ALA D 103 22.65 -14.22 34.46
CA ALA D 103 21.89 -14.84 35.59
C ALA D 103 21.70 -16.35 35.38
N ALA D 104 21.72 -16.85 34.14
CA ALA D 104 21.62 -18.30 33.85
C ALA D 104 23.00 -18.94 33.93
N GLY D 105 24.03 -18.17 34.32
CA GLY D 105 25.40 -18.68 34.50
C GLY D 105 26.16 -18.83 33.21
N ILE D 106 25.87 -18.01 32.20
CA ILE D 106 26.58 -18.01 30.89
C ILE D 106 27.49 -16.77 30.85
N PRO D 107 28.78 -16.89 30.51
CA PRO D 107 29.64 -15.74 30.35
C PRO D 107 29.19 -14.85 29.18
N VAL D 108 28.82 -13.62 29.55
CA VAL D 108 28.42 -12.55 28.61
C VAL D 108 29.07 -11.26 29.08
N PHE D 109 29.67 -10.54 28.12
CA PHE D 109 30.33 -9.24 28.27
C PHE D 109 29.69 -8.28 27.27
N ALA D 110 28.70 -7.51 27.72
CA ALA D 110 27.92 -6.63 26.84
C ALA D 110 27.08 -5.66 27.65
N TRP D 111 27.02 -4.40 27.21
CA TRP D 111 26.04 -3.43 27.71
C TRP D 111 25.78 -2.37 26.65
N LYS D 112 24.60 -1.76 26.70
CA LYS D 112 24.25 -0.70 25.74
C LYS D 112 25.06 0.54 26.08
N GLY D 113 25.71 1.17 25.10
CA GLY D 113 26.50 2.40 25.28
C GLY D 113 27.92 2.13 25.71
N GLU D 114 28.53 1.04 25.25
CA GLU D 114 30.00 0.80 25.32
C GLU D 114 30.77 1.92 24.59
N THR D 115 31.99 2.21 25.02
CA THR D 115 33.04 2.92 24.22
C THR D 115 33.69 1.89 23.29
N GLU D 116 34.39 2.31 22.23
CA GLU D 116 35.14 1.37 21.34
C GLU D 116 36.05 0.51 22.22
N GLU D 117 36.73 1.13 23.19
CA GLU D 117 37.72 0.44 24.05
C GLU D 117 37.03 -0.68 24.84
N GLU D 118 35.84 -0.39 25.36
CA GLU D 118 35.02 -1.36 26.14
C GLU D 118 34.53 -2.47 25.21
N TYR D 119 34.22 -2.15 23.97
CA TYR D 119 33.80 -3.14 22.95
C TYR D 119 34.95 -4.14 22.76
N GLU D 120 36.17 -3.61 22.53
CA GLU D 120 37.40 -4.43 22.25
C GLU D 120 37.69 -5.31 23.48
N TRP D 121 37.45 -4.77 24.67
CA TRP D 121 37.68 -5.44 25.98
C TRP D 121 36.68 -6.59 26.15
N CYS D 122 35.43 -6.38 25.79
CA CYS D 122 34.39 -7.44 25.86
C CYS D 122 34.75 -8.60 24.93
N ILE D 123 35.16 -8.33 23.68
CA ILE D 123 35.55 -9.44 22.75
C ILE D 123 36.69 -10.24 23.42
N GLU D 124 37.69 -9.55 23.99
CA GLU D 124 38.87 -10.17 24.66
C GLU D 124 38.45 -11.01 25.86
N GLN D 125 37.46 -10.61 26.63
CA GLN D 125 36.91 -11.42 27.75
C GLN D 125 36.25 -12.72 27.24
N THR D 126 35.76 -12.77 25.99
CA THR D 126 35.16 -14.04 25.48
C THR D 126 36.32 -14.94 25.08
N ILE D 127 37.33 -14.35 24.44
CA ILE D 127 38.46 -15.13 23.86
C ILE D 127 39.30 -15.72 25.00
N LEU D 128 39.54 -14.93 26.05
CA LEU D 128 40.33 -15.37 27.23
C LEU D 128 39.39 -15.80 28.36
N LYS D 129 39.74 -16.90 29.04
CA LYS D 129 39.15 -17.36 30.32
C LYS D 129 40.33 -17.44 31.33
N ASP D 130 40.30 -16.65 32.40
CA ASP D 130 41.38 -16.64 33.43
C ASP D 130 42.74 -16.28 32.79
N GLY D 131 42.77 -15.29 31.91
CA GLY D 131 44.01 -14.68 31.38
C GLY D 131 44.63 -15.46 30.23
N GLN D 132 44.08 -16.64 29.91
CA GLN D 132 44.64 -17.56 28.88
C GLN D 132 43.57 -17.82 27.82
N PRO D 133 43.95 -18.03 26.54
CA PRO D 133 43.01 -18.47 25.52
C PRO D 133 42.08 -19.59 26.02
N TRP D 134 40.77 -19.38 25.84
CA TRP D 134 39.73 -20.41 26.10
C TRP D 134 39.95 -21.52 25.06
N ASP D 135 39.55 -22.75 25.39
CA ASP D 135 39.65 -23.91 24.47
C ASP D 135 38.41 -23.87 23.58
N ALA D 136 38.21 -22.73 22.88
CA ALA D 136 37.15 -22.57 21.88
C ALA D 136 37.33 -23.59 20.74
N ASN D 137 36.22 -24.12 20.23
CA ASN D 137 36.28 -24.94 18.99
C ASN D 137 35.21 -24.54 17.96
N MET D 138 34.44 -23.46 18.16
CA MET D 138 33.42 -23.00 17.20
C MET D 138 33.32 -21.48 17.30
N VAL D 139 33.01 -20.81 16.18
CA VAL D 139 32.82 -19.34 16.14
C VAL D 139 31.44 -19.04 15.55
N LEU D 140 30.66 -18.17 16.22
CA LEU D 140 29.37 -17.63 15.71
C LEU D 140 29.54 -16.10 15.63
N ASP D 141 29.53 -15.55 14.42
CA ASP D 141 29.97 -14.14 14.19
C ASP D 141 28.88 -13.41 13.41
N ASP D 142 28.88 -12.09 13.60
CA ASP D 142 28.02 -11.12 12.89
C ASP D 142 28.89 -9.93 12.57
N GLY D 143 29.36 -9.87 11.33
CA GLY D 143 30.15 -8.75 10.79
C GLY D 143 31.59 -9.07 10.60
N GLY D 144 32.10 -10.13 11.22
CA GLY D 144 33.46 -10.60 10.98
C GLY D 144 34.50 -10.07 11.98
N ASP D 145 34.13 -9.26 12.99
CA ASP D 145 35.18 -8.63 13.83
C ASP D 145 35.86 -9.72 14.66
N LEU D 146 35.09 -10.63 15.26
CA LEU D 146 35.68 -11.73 16.08
C LEU D 146 36.50 -12.65 15.16
N THR D 147 36.01 -12.95 13.96
CA THR D 147 36.75 -13.75 12.94
C THR D 147 38.10 -13.09 12.67
N GLU D 148 38.11 -11.77 12.44
CA GLU D 148 39.37 -11.06 12.10
C GLU D 148 40.31 -11.07 13.30
N ILE D 149 39.79 -10.83 14.51
CA ILE D 149 40.64 -10.80 15.74
C ILE D 149 41.29 -12.18 15.92
N LEU D 150 40.57 -13.26 15.66
CA LEU D 150 41.14 -14.62 15.84
C LEU D 150 42.26 -14.85 14.82
N HIS D 151 42.09 -14.38 13.59
CA HIS D 151 43.03 -14.59 12.45
C HIS D 151 44.28 -13.76 12.64
N LYS D 152 44.16 -12.52 13.12
CA LYS D 152 45.31 -11.58 13.23
C LYS D 152 46.02 -11.72 14.57
N LYS D 153 45.31 -12.01 15.66
CA LYS D 153 45.85 -11.85 17.04
C LYS D 153 45.95 -13.21 17.77
N TYR D 154 45.09 -14.18 17.48
CA TYR D 154 45.07 -15.52 18.13
C TYR D 154 45.09 -16.65 17.11
N PRO D 155 46.01 -16.62 16.12
CA PRO D 155 46.01 -17.63 15.04
C PRO D 155 46.08 -19.07 15.60
N GLN D 156 46.80 -19.28 16.69
CA GLN D 156 46.94 -20.63 17.32
C GLN D 156 45.54 -21.14 17.69
N MET D 157 44.61 -20.28 18.11
CA MET D 157 43.27 -20.74 18.59
C MET D 157 42.52 -21.39 17.41
N LEU D 158 42.82 -20.93 16.18
CA LEU D 158 42.11 -21.40 14.97
C LEU D 158 42.51 -22.85 14.66
N GLU D 159 43.65 -23.35 15.15
CA GLU D 159 44.04 -24.78 15.01
C GLU D 159 42.99 -25.70 15.64
N ARG D 160 42.30 -25.28 16.71
CA ARG D 160 41.32 -26.12 17.45
C ARG D 160 39.87 -25.80 17.04
N ILE D 161 39.65 -24.80 16.17
CA ILE D 161 38.26 -24.38 15.79
C ILE D 161 37.79 -25.15 14.53
N HIS D 162 36.58 -25.70 14.59
CA HIS D 162 36.01 -26.50 13.47
C HIS D 162 35.35 -25.62 12.40
N GLY D 163 34.90 -24.41 12.76
CA GLY D 163 34.19 -23.60 11.77
C GLY D 163 33.65 -22.31 12.35
N ILE D 164 33.28 -21.42 11.44
CA ILE D 164 32.66 -20.09 11.69
C ILE D 164 31.27 -20.13 11.03
N THR D 165 30.24 -19.66 11.73
CA THR D 165 28.92 -19.37 11.14
C THR D 165 28.76 -17.86 11.17
N GLU D 166 28.55 -17.26 10.00
CA GLU D 166 28.55 -15.79 9.84
C GLU D 166 27.14 -15.34 9.44
N GLU D 167 26.59 -14.43 10.25
CA GLU D 167 25.20 -13.89 10.16
C GLU D 167 24.98 -12.97 8.93
N THR D 168 25.91 -12.05 8.61
CA THR D 168 25.50 -10.86 7.83
C THR D 168 26.31 -10.69 6.55
N THR D 169 25.73 -9.92 5.63
CA THR D 169 26.29 -9.66 4.31
C THR D 169 27.73 -9.18 4.40
N THR D 170 28.00 -8.16 5.23
CA THR D 170 29.35 -7.60 5.37
C THR D 170 30.32 -8.70 5.86
N GLY D 171 29.92 -9.50 6.84
CA GLY D 171 30.80 -10.56 7.38
C GLY D 171 31.12 -11.56 6.29
N VAL D 172 30.13 -11.89 5.45
CA VAL D 172 30.32 -12.87 4.37
C VAL D 172 31.29 -12.31 3.32
N HIS D 173 31.16 -11.03 2.97
CA HIS D 173 32.08 -10.35 2.04
C HIS D 173 33.51 -10.55 2.57
N ARG D 174 33.73 -10.30 3.87
CA ARG D 174 35.08 -10.39 4.51
C ARG D 174 35.60 -11.85 4.44
N LEU D 175 34.76 -12.85 4.71
CA LEU D 175 35.15 -14.29 4.63
C LEU D 175 35.55 -14.62 3.18
N LEU D 176 34.80 -14.15 2.20
CA LEU D 176 35.07 -14.53 0.79
C LEU D 176 36.38 -13.89 0.35
N ASP D 177 36.67 -12.72 0.90
CA ASP D 177 37.97 -12.03 0.67
C ASP D 177 39.10 -12.87 1.24
N MET D 178 38.95 -13.33 2.47
CA MET D 178 39.99 -14.17 3.13
C MET D 178 40.20 -15.45 2.31
N LEU D 179 39.11 -16.07 1.87
CA LEU D 179 39.20 -17.36 1.14
C LEU D 179 39.95 -17.10 -0.17
N LYS D 180 39.65 -16.00 -0.88
CA LYS D 180 40.25 -15.73 -2.22
C LYS D 180 41.74 -15.45 -2.02
N ASN D 181 42.14 -14.85 -0.89
CA ASN D 181 43.54 -14.50 -0.56
C ASN D 181 44.27 -15.65 0.13
N GLY D 182 43.60 -16.79 0.37
CA GLY D 182 44.18 -17.93 1.09
C GLY D 182 44.48 -17.64 2.56
N THR D 183 43.83 -16.65 3.20
CA THR D 183 44.10 -16.30 4.62
C THR D 183 43.05 -16.92 5.55
N LEU D 184 41.98 -17.49 5.00
CA LEU D 184 40.93 -18.13 5.84
C LEU D 184 41.44 -19.47 6.35
N LYS D 185 41.39 -19.69 7.67
CA LYS D 185 42.04 -20.86 8.31
C LYS D 185 41.04 -21.95 8.66
N VAL D 186 39.75 -21.63 8.74
CA VAL D 186 38.70 -22.65 9.09
C VAL D 186 37.53 -22.42 8.15
N PRO D 187 36.73 -23.49 7.91
CA PRO D 187 35.61 -23.40 6.99
C PRO D 187 34.49 -22.58 7.63
N ALA D 188 33.65 -22.03 6.78
CA ALA D 188 32.54 -21.17 7.24
C ALA D 188 31.23 -21.58 6.56
N ILE D 189 30.14 -21.31 7.26
CA ILE D 189 28.80 -21.28 6.66
C ILE D 189 28.35 -19.81 6.60
N ASN D 190 28.05 -19.41 5.36
CA ASN D 190 27.30 -18.19 4.99
C ASN D 190 25.84 -18.37 5.40
N VAL D 191 25.50 -17.93 6.62
CA VAL D 191 24.11 -18.04 7.14
C VAL D 191 23.28 -16.96 6.43
N ASN D 192 23.89 -15.84 6.10
CA ASN D 192 23.16 -14.69 5.53
C ASN D 192 22.37 -15.14 4.29
N ASP D 193 22.92 -16.02 3.46
CA ASP D 193 22.33 -16.36 2.16
C ASP D 193 21.40 -17.58 2.19
N SER D 194 20.96 -18.06 3.35
CA SER D 194 19.69 -18.82 3.39
C SER D 194 18.61 -17.83 2.94
N VAL D 195 17.59 -18.32 2.27
CA VAL D 195 16.47 -17.44 1.86
C VAL D 195 15.74 -17.01 3.13
N THR D 196 15.65 -17.90 4.13
CA THR D 196 14.96 -17.64 5.41
C THR D 196 15.84 -16.74 6.29
N LYS D 197 16.99 -16.29 5.80
CA LYS D 197 17.78 -15.22 6.40
C LYS D 197 17.70 -14.00 5.50
N SER D 198 18.50 -13.91 4.43
CA SER D 198 18.60 -12.76 3.48
C SER D 198 17.23 -12.20 3.07
N LYS D 199 16.21 -13.06 2.76
CA LYS D 199 14.94 -12.58 2.14
CA LYS D 199 14.93 -12.58 2.15
C LYS D 199 13.85 -12.54 3.22
N ASN D 200 14.26 -12.64 4.47
CA ASN D 200 13.37 -12.56 5.66
C ASN D 200 13.91 -11.42 6.54
N ASP D 201 15.00 -11.69 7.25
CA ASP D 201 15.68 -10.77 8.21
C ASP D 201 16.06 -9.49 7.43
N ASN D 202 16.87 -9.58 6.42
CA ASN D 202 17.55 -8.40 5.89
C ASN D 202 16.48 -7.47 5.34
N LYS D 203 15.42 -8.01 4.77
CA LYS D 203 14.37 -7.22 4.11
C LYS D 203 13.27 -6.88 5.13
N TYR D 204 12.51 -7.89 5.57
CA TYR D 204 11.36 -7.66 6.44
C TYR D 204 11.78 -7.18 7.84
N GLY D 205 12.92 -7.55 8.34
CA GLY D 205 13.40 -7.07 9.64
C GLY D 205 13.55 -5.57 9.60
N CYS D 206 14.15 -5.06 8.54
CA CYS D 206 14.36 -3.60 8.37
C CYS D 206 13.05 -2.92 8.04
N ARG D 207 12.08 -3.60 7.40
CA ARG D 207 10.76 -3.03 7.22
C ARG D 207 10.16 -2.75 8.61
N HIS D 208 10.19 -3.72 9.51
CA HIS D 208 9.58 -3.57 10.85
C HIS D 208 10.38 -2.51 11.61
N SER D 209 11.73 -2.54 11.61
CA SER D 209 12.53 -1.90 12.66
C SER D 209 13.09 -0.54 12.26
N LEU D 210 13.11 -0.16 10.98
CA LEU D 210 13.68 1.16 10.62
C LEU D 210 12.69 2.26 11.08
N ASN D 211 11.43 2.21 10.66
CA ASN D 211 10.45 3.24 11.11
CA ASN D 211 10.44 3.22 11.10
C ASN D 211 10.36 3.20 12.63
N ASP D 212 10.49 2.03 13.25
CA ASP D 212 10.41 1.87 14.70
C ASP D 212 11.49 2.74 15.35
N ALA D 213 12.75 2.56 14.95
CA ALA D 213 13.90 3.28 15.49
C ALA D 213 13.79 4.79 15.26
N ILE D 214 13.32 5.21 14.10
CA ILE D 214 13.20 6.68 13.82
C ILE D 214 12.10 7.27 14.74
N LYS D 215 11.00 6.59 14.92
CA LYS D 215 9.92 7.04 15.83
C LYS D 215 10.42 7.09 17.26
N ARG D 216 11.14 6.08 17.73
CA ARG D 216 11.62 6.09 19.14
C ARG D 216 12.60 7.25 19.35
N GLY D 217 13.49 7.47 18.40
CA GLY D 217 14.55 8.51 18.48
C GLY D 217 13.96 9.92 18.44
N THR D 218 13.06 10.17 17.53
CA THR D 218 12.64 11.54 17.14
C THR D 218 11.15 11.77 17.41
N ASP D 219 10.30 10.74 17.35
CA ASP D 219 8.83 10.88 17.35
C ASP D 219 8.39 11.77 16.17
N HIS D 220 9.14 11.78 15.08
CA HIS D 220 8.79 12.55 13.86
C HIS D 220 7.65 11.87 13.14
N LEU D 221 6.65 12.63 12.73
CA LEU D 221 5.77 12.24 11.62
C LEU D 221 6.65 11.93 10.41
N LEU D 222 6.36 10.78 9.77
CA LEU D 222 7.02 10.41 8.50
C LEU D 222 6.12 10.73 7.32
N SER D 223 4.81 10.50 7.43
CA SER D 223 3.81 10.75 6.36
C SER D 223 4.07 12.14 5.74
N GLY D 224 4.21 12.22 4.43
CA GLY D 224 4.19 13.49 3.67
C GLY D 224 5.57 14.06 3.51
N LYS D 225 6.55 13.50 4.20
CA LYS D 225 7.96 13.97 4.16
C LYS D 225 8.77 13.19 3.13
N GLN D 226 9.89 13.77 2.75
CA GLN D 226 10.77 13.26 1.69
CA GLN D 226 10.79 13.30 1.67
C GLN D 226 11.95 12.47 2.29
N ALA D 227 12.12 11.24 1.81
CA ALA D 227 13.23 10.39 2.22
C ALA D 227 14.11 10.08 0.99
N LEU D 228 15.38 9.83 1.27
CA LEU D 228 16.35 9.25 0.32
C LEU D 228 16.97 8.04 0.96
N VAL D 229 16.75 6.88 0.31
CA VAL D 229 17.37 5.62 0.76
C VAL D 229 18.52 5.33 -0.19
N ILE D 230 19.75 5.25 0.35
CA ILE D 230 20.96 4.92 -0.43
C ILE D 230 21.10 3.40 -0.36
N GLY D 231 20.82 2.78 -1.51
CA GLY D 231 20.90 1.32 -1.68
C GLY D 231 19.53 0.70 -1.79
N TYR D 232 19.44 -0.39 -2.57
CA TYR D 232 18.18 -1.13 -2.77
C TYR D 232 18.50 -2.62 -2.95
N GLY D 233 19.44 -3.09 -2.14
CA GLY D 233 19.64 -4.50 -1.84
C GLY D 233 18.58 -4.98 -0.89
N ASP D 234 18.83 -6.05 -0.16
CA ASP D 234 17.77 -6.57 0.70
C ASP D 234 17.40 -5.54 1.80
N VAL D 235 18.40 -4.97 2.45
CA VAL D 235 18.21 -3.92 3.48
C VAL D 235 17.54 -2.69 2.83
N GLY D 236 18.02 -2.19 1.72
CA GLY D 236 17.40 -1.04 1.02
C GLY D 236 15.97 -1.28 0.71
N LYS D 237 15.66 -2.48 0.19
CA LYS D 237 14.26 -2.82 -0.13
C LYS D 237 13.39 -2.71 1.11
N GLY D 238 13.78 -3.37 2.21
CA GLY D 238 12.96 -3.38 3.42
C GLY D 238 12.87 -1.98 4.01
N SER D 239 13.95 -1.22 3.92
CA SER D 239 14.02 0.14 4.51
C SER D 239 13.06 1.06 3.73
N SER D 240 13.09 0.98 2.42
CA SER D 240 12.23 1.77 1.51
C SER D 240 10.78 1.47 1.79
N GLN D 241 10.44 0.19 2.05
CA GLN D 241 9.05 -0.16 2.36
C GLN D 241 8.69 0.39 3.77
N SER D 242 9.59 0.27 4.72
CA SER D 242 9.39 0.81 6.10
C SER D 242 8.89 2.25 5.99
N LEU D 243 9.52 3.03 5.14
CA LEU D 243 9.24 4.50 5.03
C LEU D 243 8.02 4.74 4.13
N ARG D 244 7.91 4.04 3.00
CA ARG D 244 6.81 4.32 2.05
C ARG D 244 5.49 3.92 2.73
N GLN D 245 5.48 2.83 3.50
CA GLN D 245 4.19 2.35 4.05
C GLN D 245 3.69 3.33 5.12
N GLU D 246 4.56 4.17 5.65
CA GLU D 246 4.18 5.26 6.59
C GLU D 246 3.74 6.54 5.81
N GLY D 247 3.87 6.55 4.51
CA GLY D 247 3.47 7.68 3.65
C GLY D 247 4.57 8.63 3.35
N MET D 248 5.84 8.24 3.53
CA MET D 248 6.96 9.03 3.03
C MET D 248 6.92 9.02 1.51
N ILE D 249 7.45 10.08 0.94
CA ILE D 249 7.83 10.17 -0.49
C ILE D 249 9.27 9.73 -0.55
N VAL D 250 9.51 8.51 -1.02
CA VAL D 250 10.82 7.86 -0.98
C VAL D 250 11.45 7.93 -2.39
N LYS D 251 12.69 8.40 -2.40
CA LYS D 251 13.61 8.29 -3.53
C LYS D 251 14.70 7.31 -3.17
N VAL D 252 15.21 6.61 -4.20
CA VAL D 252 16.20 5.53 -3.99
C VAL D 252 17.43 5.87 -4.82
N ALA D 253 18.61 5.66 -4.25
CA ALA D 253 19.87 5.71 -4.97
C ALA D 253 20.42 4.29 -5.09
N GLU D 254 21.11 4.05 -6.20
CA GLU D 254 21.77 2.73 -6.43
C GLU D 254 22.92 2.88 -7.39
N VAL D 255 23.89 2.01 -7.23
CA VAL D 255 24.96 1.81 -8.24
C VAL D 255 24.64 0.61 -9.13
N ASP D 256 23.75 -0.27 -8.69
CA ASP D 256 23.48 -1.50 -9.45
C ASP D 256 22.20 -1.29 -10.24
N PRO D 257 22.26 -1.29 -11.59
CA PRO D 257 21.09 -0.97 -12.41
C PRO D 257 19.98 -1.97 -12.24
N ILE D 258 20.29 -3.25 -11.91
CA ILE D 258 19.22 -4.25 -11.69
C ILE D 258 18.42 -3.85 -10.46
N CYS D 259 19.11 -3.59 -9.36
CA CYS D 259 18.42 -3.13 -8.13
C CYS D 259 17.66 -1.82 -8.41
N ALA D 260 18.25 -0.89 -9.17
CA ALA D 260 17.55 0.36 -9.54
C ALA D 260 16.30 0.05 -10.32
N MET D 261 16.36 -0.90 -11.26
N MET D 261 16.35 -0.90 -11.26
CA MET D 261 15.20 -1.29 -12.07
CA MET D 261 15.16 -1.28 -12.07
C MET D 261 14.07 -1.74 -11.14
C MET D 261 14.06 -1.71 -11.09
N GLN D 262 14.42 -2.51 -10.09
CA GLN D 262 13.43 -3.02 -9.14
C GLN D 262 12.82 -1.85 -8.36
N ALA D 263 13.62 -0.86 -8.02
CA ALA D 263 13.08 0.28 -7.26
C ALA D 263 12.06 1.03 -8.14
N CYS D 264 12.35 1.24 -9.40
CA CYS D 264 11.45 1.92 -10.33
C CYS D 264 10.13 1.14 -10.39
N MET D 265 10.22 -0.18 -10.67
CA MET D 265 9.02 -1.03 -10.75
C MET D 265 8.25 -1.04 -9.42
N ASP D 266 8.91 -0.92 -8.29
CA ASP D 266 8.27 -0.87 -6.96
C ASP D 266 7.60 0.49 -6.71
N GLY D 267 7.76 1.47 -7.62
CA GLY D 267 7.08 2.77 -7.49
C GLY D 267 7.95 3.84 -6.88
N PHE D 268 9.26 3.71 -6.92
CA PHE D 268 10.17 4.78 -6.42
C PHE D 268 10.84 5.51 -7.59
N GLU D 269 11.13 6.79 -7.37
CA GLU D 269 12.00 7.58 -8.24
C GLU D 269 13.45 7.28 -7.85
N VAL D 270 14.27 6.95 -8.84
CA VAL D 270 15.70 6.62 -8.67
C VAL D 270 16.53 7.85 -9.00
N VAL D 271 17.27 8.31 -8.00
CA VAL D 271 18.05 9.58 -8.08
C VAL D 271 19.45 9.31 -7.58
N SER D 272 20.36 10.21 -7.94
CA SER D 272 21.74 10.21 -7.43
C SER D 272 21.94 11.49 -6.61
N PRO D 273 22.68 11.43 -5.48
CA PRO D 273 23.08 12.67 -4.80
C PRO D 273 23.96 13.55 -5.69
N TYR D 274 24.61 12.94 -6.70
CA TYR D 274 25.57 13.60 -7.61
C TYR D 274 24.90 13.86 -8.97
N LYS D 275 25.24 14.98 -9.57
CA LYS D 275 24.80 15.37 -10.94
C LYS D 275 25.28 14.31 -11.93
N ASN D 276 24.33 13.73 -12.63
CA ASN D 276 24.56 12.61 -13.59
C ASN D 276 25.16 11.41 -12.90
N GLY D 277 25.08 11.32 -11.57
CA GLY D 277 25.63 10.17 -10.84
C GLY D 277 27.12 10.19 -10.68
N ILE D 278 27.79 11.29 -11.03
CA ILE D 278 29.26 11.30 -11.07
C ILE D 278 29.74 12.11 -9.86
N ASN D 279 30.41 11.46 -8.92
CA ASN D 279 31.01 12.22 -7.81
C ASN D 279 32.42 12.65 -8.18
N ASP D 280 32.61 13.93 -8.51
CA ASP D 280 33.93 14.49 -8.89
C ASP D 280 34.70 14.85 -7.60
N GLY D 281 34.15 14.62 -6.41
CA GLY D 281 34.78 14.99 -5.12
C GLY D 281 34.54 16.45 -4.75
N THR D 282 33.96 17.25 -5.66
CA THR D 282 33.77 18.69 -5.44
C THR D 282 32.33 18.94 -5.06
N GLU D 283 32.12 20.04 -4.36
CA GLU D 283 30.75 20.48 -4.01
C GLU D 283 29.92 20.69 -5.28
N ALA D 284 30.56 21.10 -6.39
CA ALA D 284 29.80 21.45 -7.61
C ALA D 284 29.08 20.20 -8.14
N SER D 285 29.57 19.01 -7.84
CA SER D 285 28.93 17.74 -8.33
C SER D 285 27.71 17.35 -7.47
N ILE D 286 27.48 17.98 -6.33
CA ILE D 286 26.31 17.65 -5.48
C ILE D 286 25.05 18.23 -6.11
N ASP D 287 24.01 17.39 -6.19
CA ASP D 287 22.67 17.88 -6.57
C ASP D 287 22.07 18.59 -5.34
N ALA D 288 22.37 19.89 -5.19
CA ALA D 288 21.95 20.67 -4.00
C ALA D 288 20.45 20.81 -3.99
N ALA D 289 19.81 20.90 -5.18
CA ALA D 289 18.36 21.10 -5.28
C ALA D 289 17.68 19.85 -4.67
N LEU D 290 18.15 18.67 -5.08
CA LEU D 290 17.61 17.39 -4.56
C LEU D 290 17.85 17.27 -3.06
N LEU D 291 19.08 17.42 -2.59
CA LEU D 291 19.40 17.16 -1.17
C LEU D 291 18.74 18.25 -0.28
N GLY D 292 18.47 19.42 -0.82
CA GLY D 292 17.83 20.48 0.00
C GLY D 292 16.35 20.24 0.22
N LYS D 293 15.77 19.21 -0.40
CA LYS D 293 14.34 18.85 -0.17
C LYS D 293 14.19 17.58 0.70
N ILE D 294 15.28 16.93 1.06
CA ILE D 294 15.28 15.62 1.78
C ILE D 294 15.20 15.83 3.30
N ASP D 295 14.19 15.21 3.92
CA ASP D 295 13.95 15.23 5.37
C ASP D 295 14.65 14.07 6.08
N LEU D 296 15.02 13.01 5.37
CA LEU D 296 15.55 11.79 5.99
C LEU D 296 16.42 11.08 4.96
N ILE D 297 17.62 10.76 5.36
CA ILE D 297 18.53 9.91 4.57
C ILE D 297 18.85 8.68 5.39
N VAL D 298 18.75 7.53 4.71
CA VAL D 298 19.02 6.21 5.31
C VAL D 298 20.04 5.50 4.41
N THR D 299 21.16 5.07 4.99
CA THR D 299 22.21 4.31 4.25
C THR D 299 22.02 2.81 4.50
N THR D 300 22.09 2.02 3.42
CA THR D 300 21.76 0.56 3.50
C THR D 300 22.80 -0.28 2.74
N THR D 301 23.96 0.24 2.47
CA THR D 301 24.85 -0.25 1.38
C THR D 301 25.89 -1.32 1.79
N GLY D 302 26.42 -1.29 3.00
CA GLY D 302 27.62 -2.07 3.34
C GLY D 302 28.89 -1.49 2.72
N ASN D 303 28.79 -0.28 2.16
CA ASN D 303 29.90 0.40 1.46
C ASN D 303 30.31 1.61 2.30
N VAL D 304 31.30 2.33 1.83
CA VAL D 304 32.00 3.40 2.59
C VAL D 304 31.61 4.76 1.99
N ASN D 305 31.26 5.70 2.87
CA ASN D 305 31.14 7.11 2.48
C ASN D 305 30.09 7.29 1.37
N VAL D 306 28.92 6.69 1.52
CA VAL D 306 27.78 6.83 0.59
C VAL D 306 26.91 8.03 1.03
N CYS D 307 27.11 8.55 2.24
CA CYS D 307 26.52 9.84 2.69
C CYS D 307 27.70 10.72 3.14
N ASP D 308 28.26 11.47 2.18
CA ASP D 308 29.59 12.06 2.32
C ASP D 308 29.46 13.47 2.90
N ALA D 309 30.59 14.12 3.12
CA ALA D 309 30.60 15.45 3.77
C ALA D 309 29.83 16.45 2.93
N ASN D 310 30.04 16.43 1.61
CA ASN D 310 29.38 17.39 0.71
C ASN D 310 27.87 17.15 0.72
N MET D 311 27.44 15.88 0.79
CA MET D 311 25.99 15.60 0.90
C MET D 311 25.46 16.20 2.20
N LEU D 312 26.14 15.92 3.32
CA LEU D 312 25.69 16.40 4.65
C LEU D 312 25.59 17.94 4.65
N LYS D 313 26.52 18.64 3.98
CA LYS D 313 26.45 20.12 3.91
C LYS D 313 25.20 20.59 3.14
N ALA D 314 24.74 19.82 2.14
CA ALA D 314 23.66 20.22 1.22
C ALA D 314 22.28 19.79 1.74
N LEU D 315 22.23 18.92 2.76
CA LEU D 315 20.92 18.40 3.21
C LEU D 315 20.05 19.56 3.72
N LYS D 316 18.75 19.43 3.55
CA LYS D 316 17.75 20.33 4.14
C LYS D 316 18.04 20.48 5.64
N LYS D 317 17.87 21.69 6.17
CA LYS D 317 17.93 21.88 7.64
CA LYS D 317 17.89 21.90 7.64
C LYS D 317 16.98 20.91 8.35
N ARG D 318 17.49 20.31 9.45
CA ARG D 318 16.72 19.50 10.41
C ARG D 318 16.42 18.13 9.79
N ALA D 319 17.10 17.77 8.73
CA ALA D 319 17.05 16.39 8.20
C ALA D 319 17.56 15.42 9.27
N VAL D 320 16.97 14.23 9.24
CA VAL D 320 17.46 13.07 10.00
C VAL D 320 18.42 12.27 9.10
N VAL D 321 19.50 11.80 9.73
CA VAL D 321 20.55 11.05 9.04
C VAL D 321 20.71 9.79 9.85
N CYS D 322 20.66 8.61 9.18
CA CYS D 322 20.92 7.35 9.89
C CYS D 322 21.40 6.27 8.94
N ASN D 323 21.95 5.23 9.56
CA ASN D 323 22.58 4.10 8.87
C ASN D 323 21.99 2.82 9.42
N ILE D 324 21.58 1.92 8.54
CA ILE D 324 21.11 0.58 8.95
C ILE D 324 21.97 -0.53 8.29
N GLY D 325 23.06 -0.14 7.65
N GLY D 325 23.04 -0.14 7.59
CA GLY D 325 24.18 -1.05 7.31
CA GLY D 325 23.92 -1.04 6.80
C GLY D 325 24.98 -1.41 8.55
C GLY D 325 25.10 -1.58 7.63
N HIS D 326 25.87 -2.38 8.42
N HIS D 326 26.26 -0.90 7.63
CA HIS D 326 26.53 -3.05 9.56
CA HIS D 326 27.43 -1.38 8.42
C HIS D 326 27.49 -2.07 10.30
C HIS D 326 28.22 -0.27 9.11
N PHE D 327 28.15 -1.16 9.58
N PHE D 327 28.89 -0.59 10.23
CA PHE D 327 29.23 -0.27 10.11
CA PHE D 327 29.96 0.23 10.84
C PHE D 327 28.94 1.21 9.80
C PHE D 327 29.40 1.59 11.26
N ASP D 328 29.41 2.13 10.67
N ASP D 328 30.28 2.59 11.22
CA ASP D 328 28.99 3.57 10.73
CA ASP D 328 29.89 4.01 11.41
C ASP D 328 29.61 4.46 9.64
C ASP D 328 30.43 4.78 10.22
N ASN D 329 30.74 4.05 9.10
CA ASN D 329 31.44 4.73 7.97
C ASN D 329 30.64 4.83 6.67
N GLU D 330 29.40 4.36 6.60
CA GLU D 330 28.51 4.70 5.45
C GLU D 330 28.28 6.21 5.42
N ILE D 331 28.12 6.80 6.61
CA ILE D 331 27.99 8.26 6.80
C ILE D 331 29.36 8.78 7.23
N ASP D 332 29.74 9.96 6.74
CA ASP D 332 31.02 10.57 7.15
C ASP D 332 30.82 11.26 8.52
N THR D 333 30.68 10.46 9.56
CA THR D 333 30.50 10.98 10.95
C THR D 333 31.82 11.63 11.42
N ALA D 334 32.97 11.19 10.93
CA ALA D 334 34.28 11.77 11.29
C ALA D 334 34.31 13.23 10.88
N PHE D 335 33.82 13.56 9.69
CA PHE D 335 33.72 14.96 9.19
C PHE D 335 32.84 15.76 10.16
N MET D 336 31.73 15.15 10.58
CA MET D 336 30.78 15.90 11.45
C MET D 336 31.40 16.15 12.83
N ARG D 337 32.14 15.20 13.37
CA ARG D 337 32.77 15.38 14.71
C ARG D 337 33.85 16.45 14.61
N LYS D 338 34.55 16.51 13.49
CA LYS D 338 35.69 17.44 13.36
C LYS D 338 35.15 18.87 13.18
N ASN D 339 34.04 19.04 12.48
CA ASN D 339 33.64 20.36 11.91
C ASN D 339 32.43 20.97 12.61
N TRP D 340 31.56 20.14 13.18
CA TRP D 340 30.24 20.58 13.63
C TRP D 340 30.07 20.28 15.14
N ALA D 341 29.12 20.93 15.77
CA ALA D 341 28.92 20.85 17.23
C ALA D 341 27.77 19.91 17.52
N TRP D 342 28.04 18.90 18.33
CA TRP D 342 27.07 17.85 18.73
C TRP D 342 26.36 18.21 20.04
N GLU D 343 25.04 18.21 20.01
CA GLU D 343 24.13 18.40 21.16
C GLU D 343 23.34 17.10 21.34
N GLU D 344 23.59 16.40 22.42
CA GLU D 344 22.83 15.21 22.78
C GLU D 344 21.41 15.60 23.18
N VAL D 345 20.44 15.06 22.46
CA VAL D 345 19.00 15.20 22.81
C VAL D 345 18.73 14.21 23.95
N LYS D 346 19.11 12.96 23.72
CA LYS D 346 18.96 11.81 24.64
C LYS D 346 19.88 10.75 24.06
N PRO D 347 20.12 9.62 24.75
CA PRO D 347 21.07 8.66 24.23
C PRO D 347 20.72 8.28 22.77
N GLN D 348 21.74 8.16 21.97
CA GLN D 348 21.68 7.75 20.56
C GLN D 348 20.86 8.75 19.72
N VAL D 349 20.68 9.99 20.19
CA VAL D 349 20.04 11.05 19.38
C VAL D 349 20.84 12.33 19.55
N HIS D 350 21.49 12.78 18.49
CA HIS D 350 22.32 14.01 18.51
C HIS D 350 21.88 14.99 17.43
N LYS D 351 21.75 16.25 17.82
CA LYS D 351 21.65 17.36 16.87
C LYS D 351 23.07 17.76 16.54
N ILE D 352 23.34 17.91 15.24
CA ILE D 352 24.67 18.23 14.70
C ILE D 352 24.54 19.61 14.07
N HIS D 353 25.01 20.62 14.80
CA HIS D 353 24.86 22.04 14.47
C HIS D 353 25.89 22.38 13.41
N ARG D 354 25.41 22.81 12.23
CA ARG D 354 26.25 23.07 11.03
C ARG D 354 26.80 24.49 11.11
N THR D 355 26.58 25.17 12.21
CA THR D 355 27.15 26.52 12.45
C THR D 355 28.64 26.51 12.79
N GLY D 356 29.24 25.38 13.07
CA GLY D 356 30.69 25.24 13.26
C GLY D 356 31.00 24.54 14.55
N LYS D 357 32.26 24.61 14.98
CA LYS D 357 32.80 23.80 16.13
C LYS D 357 32.54 24.50 17.49
N ASP D 358 32.61 25.85 17.56
CA ASP D 358 32.94 26.57 18.81
C ASP D 358 31.68 27.27 19.36
N GLY D 359 30.76 26.37 19.68
CA GLY D 359 29.59 26.64 20.54
C GLY D 359 28.39 26.49 19.65
N PHE D 360 27.27 26.00 20.17
CA PHE D 360 25.99 26.07 19.45
C PHE D 360 25.03 26.93 20.28
N ASP D 361 24.06 27.48 19.58
CA ASP D 361 22.87 28.13 20.14
C ASP D 361 21.80 27.07 20.30
N ALA D 362 21.28 26.91 21.50
CA ALA D 362 20.20 25.97 21.85
C ALA D 362 19.05 26.08 20.83
N HIS D 363 18.80 27.28 20.29
CA HIS D 363 17.67 27.57 19.40
C HIS D 363 18.08 27.61 17.93
N ASN D 364 19.33 27.28 17.59
CA ASN D 364 19.79 27.28 16.20
C ASN D 364 18.85 26.41 15.34
N ASP D 365 18.52 26.85 14.13
CA ASP D 365 17.63 26.08 13.23
C ASP D 365 18.45 25.24 12.26
N ASP D 366 19.76 25.46 12.20
CA ASP D 366 20.62 24.82 11.17
C ASP D 366 21.36 23.65 11.79
N TYR D 367 20.68 22.51 11.87
CA TYR D 367 21.25 21.29 12.45
C TYR D 367 20.69 20.08 11.68
N LEU D 368 21.39 18.96 11.76
CA LEU D 368 20.86 17.65 11.37
C LEU D 368 20.64 16.83 12.63
N ILE D 369 19.75 15.85 12.57
CA ILE D 369 19.64 14.86 13.65
C ILE D 369 20.31 13.56 13.20
N LEU D 370 21.32 13.15 13.93
CA LEU D 370 22.01 11.87 13.70
C LEU D 370 21.51 10.84 14.74
N LEU D 371 21.10 9.67 14.25
CA LEU D 371 20.69 8.56 15.13
C LEU D 371 21.80 7.52 15.30
N ALA D 372 21.98 7.12 16.55
CA ALA D 372 22.92 6.06 17.01
C ALA D 372 24.34 6.38 16.57
N GLU D 373 24.71 7.66 16.47
CA GLU D 373 26.08 8.04 16.07
C GLU D 373 26.43 7.36 14.75
N GLY D 374 25.45 7.13 13.86
CA GLY D 374 25.80 6.49 12.57
C GLY D 374 25.90 5.00 12.59
N ARG D 375 25.74 4.36 13.74
CA ARG D 375 25.74 2.89 13.92
C ARG D 375 24.36 2.35 13.61
N LEU D 376 24.23 1.04 13.41
CA LEU D 376 22.95 0.37 13.04
C LEU D 376 21.79 0.95 13.82
N VAL D 377 20.88 1.64 13.14
CA VAL D 377 19.89 2.51 13.82
C VAL D 377 18.81 1.62 14.41
N ASN D 378 18.47 0.51 13.74
CA ASN D 378 17.35 -0.30 14.23
C ASN D 378 17.70 -0.86 15.64
N LEU D 379 18.91 -1.36 15.80
CA LEU D 379 19.44 -1.91 17.07
C LEU D 379 19.84 -0.79 18.03
N GLY D 380 20.29 0.35 17.52
CA GLY D 380 20.76 1.43 18.39
C GLY D 380 19.61 2.23 19.02
N ASN D 381 18.58 2.56 18.26
CA ASN D 381 17.46 3.38 18.74
C ASN D 381 16.22 2.57 19.04
N ALA D 382 16.15 1.29 18.68
CA ALA D 382 14.97 0.48 19.05
C ALA D 382 15.51 -0.88 19.50
N THR D 383 14.92 -1.98 19.04
CA THR D 383 15.37 -3.32 19.53
C THR D 383 15.73 -4.24 18.37
N GLY D 384 16.09 -3.66 17.22
CA GLY D 384 16.33 -4.50 16.03
C GLY D 384 15.09 -5.24 15.57
N HIS D 385 15.34 -6.32 14.84
CA HIS D 385 14.29 -7.11 14.22
C HIS D 385 13.53 -7.79 15.32
N PRO D 386 12.26 -8.07 15.05
CA PRO D 386 11.44 -8.80 15.98
C PRO D 386 11.74 -10.30 16.06
N SER D 387 11.41 -10.89 17.21
CA SER D 387 11.64 -12.35 17.47
C SER D 387 11.16 -13.21 16.30
N ARG D 388 9.97 -12.98 15.75
CA ARG D 388 9.41 -13.94 14.75
C ARG D 388 10.18 -13.89 13.42
N ILE D 389 10.88 -12.79 13.11
CA ILE D 389 11.84 -12.71 11.99
C ILE D 389 13.18 -13.33 12.38
N MET D 390 13.77 -13.00 13.54
CA MET D 390 15.09 -13.53 13.94
C MET D 390 15.02 -15.06 14.08
N ASP D 391 13.85 -15.59 14.32
CA ASP D 391 13.56 -17.06 14.30
C ASP D 391 14.26 -17.69 13.09
N GLY D 392 14.03 -17.16 11.90
CA GLY D 392 14.62 -17.76 10.69
C GLY D 392 16.11 -17.70 10.72
N SER D 393 16.65 -16.51 10.97
CA SER D 393 18.10 -16.31 10.99
C SER D 393 18.74 -17.32 11.98
N PHE D 394 18.16 -17.38 13.17
CA PHE D 394 18.78 -18.10 14.31
C PHE D 394 18.54 -19.62 14.18
N ALA D 395 17.47 -20.09 13.61
CA ALA D 395 17.32 -21.52 13.23
C ALA D 395 18.43 -21.90 12.28
N ASN D 396 18.73 -21.07 11.30
CA ASN D 396 19.88 -21.29 10.39
C ASN D 396 21.20 -21.32 11.17
N GLN D 397 21.46 -20.38 12.06
CA GLN D 397 22.70 -20.36 12.91
C GLN D 397 22.83 -21.72 13.61
N VAL D 398 21.78 -22.25 14.20
CA VAL D 398 21.87 -23.48 15.02
C VAL D 398 22.22 -24.63 14.08
N LEU D 399 21.53 -24.70 12.95
CA LEU D 399 21.79 -25.78 11.95
C LEU D 399 23.22 -25.70 11.44
N ALA D 400 23.75 -24.49 11.27
CA ALA D 400 25.11 -24.27 10.74
C ALA D 400 26.13 -24.75 11.77
N GLN D 401 25.90 -24.39 13.03
CA GLN D 401 26.77 -24.77 14.17
C GLN D 401 26.80 -26.28 14.25
N ILE D 402 25.62 -26.90 14.21
CA ILE D 402 25.54 -28.40 14.28
C ILE D 402 26.38 -28.97 13.14
N HIS D 403 26.19 -28.48 11.92
CA HIS D 403 26.82 -29.05 10.71
C HIS D 403 28.35 -28.95 10.81
N LEU D 404 28.88 -27.77 11.10
CA LEU D 404 30.36 -27.60 11.10
C LEU D 404 30.95 -28.32 12.32
N PHE D 405 30.26 -28.32 13.45
CA PHE D 405 30.76 -29.03 14.68
C PHE D 405 30.80 -30.53 14.39
N GLU D 406 29.76 -31.10 13.78
CA GLU D 406 29.72 -32.56 13.43
C GLU D 406 30.85 -32.92 12.44
N GLN D 407 31.28 -32.03 11.55
CA GLN D 407 32.31 -32.30 10.51
C GLN D 407 33.71 -32.32 11.14
N LYS D 408 33.95 -31.65 12.28
CA LYS D 408 35.23 -31.75 13.04
C LYS D 408 36.45 -31.44 12.18
N TYR D 409 36.42 -30.39 11.37
CA TYR D 409 37.54 -29.92 10.53
C TYR D 409 38.88 -29.94 11.28
N ALA D 410 38.95 -29.51 12.54
CA ALA D 410 40.25 -29.27 13.21
C ALA D 410 40.96 -30.61 13.37
N ASP D 411 40.20 -31.71 13.39
CA ASP D 411 40.67 -33.08 13.72
C ASP D 411 41.03 -33.82 12.42
N LEU D 412 40.81 -33.21 11.26
CA LEU D 412 40.96 -33.91 9.95
C LEU D 412 42.44 -33.87 9.57
N PRO D 413 42.95 -34.87 8.82
CA PRO D 413 44.28 -34.79 8.25
C PRO D 413 44.35 -33.69 7.18
N ALA D 414 45.56 -33.16 6.90
CA ALA D 414 45.81 -31.96 6.07
C ALA D 414 45.08 -32.03 4.71
N ALA D 415 45.20 -33.14 3.97
CA ALA D 415 44.62 -33.30 2.60
C ALA D 415 43.09 -33.29 2.66
N GLU D 416 42.51 -33.76 3.77
CA GLU D 416 41.04 -33.76 4.00
C GLU D 416 40.57 -32.32 4.29
N LYS D 417 41.31 -31.62 5.17
CA LYS D 417 41.07 -30.19 5.51
C LYS D 417 41.00 -29.36 4.22
N ALA D 418 41.98 -29.51 3.32
CA ALA D 418 42.11 -28.69 2.08
C ALA D 418 40.84 -28.84 1.24
N LYS D 419 40.20 -30.02 1.27
CA LYS D 419 38.96 -30.31 0.47
C LYS D 419 37.74 -29.69 1.14
N ARG D 420 37.82 -29.33 2.41
CA ARG D 420 36.65 -28.86 3.19
C ARG D 420 36.78 -27.36 3.51
N LEU D 421 37.87 -26.68 3.11
CA LEU D 421 38.11 -25.27 3.46
C LEU D 421 37.39 -24.41 2.42
N SER D 422 36.16 -24.03 2.76
CA SER D 422 35.17 -23.40 1.84
C SER D 422 34.32 -22.42 2.64
N VAL D 423 33.60 -21.54 1.95
CA VAL D 423 32.49 -20.73 2.51
C VAL D 423 31.26 -21.22 1.76
N GLU D 424 30.37 -21.91 2.46
CA GLU D 424 29.19 -22.57 1.89
C GLU D 424 27.92 -22.11 2.56
N VAL D 425 26.82 -22.32 1.87
CA VAL D 425 25.46 -22.08 2.41
C VAL D 425 24.90 -23.44 2.84
N LEU D 426 23.89 -23.40 3.68
CA LEU D 426 23.09 -24.59 4.07
C LEU D 426 22.32 -25.07 2.85
N PRO D 427 22.09 -26.39 2.79
CA PRO D 427 21.28 -26.97 1.72
C PRO D 427 19.85 -26.46 1.72
N LYS D 428 19.32 -26.31 0.52
CA LYS D 428 17.94 -25.80 0.32
C LYS D 428 16.93 -26.58 1.14
N LYS D 429 17.08 -27.91 1.33
CA LYS D 429 16.08 -28.66 2.11
C LYS D 429 15.99 -28.07 3.53
N LEU D 430 17.10 -27.71 4.15
CA LEU D 430 17.07 -27.19 5.55
C LEU D 430 16.46 -25.79 5.52
N ASP D 431 16.74 -24.99 4.49
CA ASP D 431 16.14 -23.62 4.31
C ASP D 431 14.63 -23.78 4.26
N GLU D 432 14.13 -24.76 3.50
CA GLU D 432 12.69 -25.04 3.40
C GLU D 432 12.12 -25.46 4.75
N GLU D 433 12.80 -26.33 5.49
CA GLU D 433 12.27 -26.84 6.76
C GLU D 433 12.21 -25.71 7.81
N VAL D 434 13.16 -24.77 7.78
CA VAL D 434 13.06 -23.53 8.63
C VAL D 434 11.79 -22.78 8.20
N ALA D 435 11.63 -22.49 6.93
CA ALA D 435 10.48 -21.77 6.36
C ALA D 435 9.18 -22.42 6.80
N LEU D 436 9.09 -23.75 6.71
CA LEU D 436 7.83 -24.41 7.07
C LEU D 436 7.48 -24.08 8.52
N GLU D 437 8.42 -24.18 9.45
CA GLU D 437 8.14 -23.85 10.88
C GLU D 437 7.69 -22.39 11.01
N MET D 438 8.31 -21.47 10.24
CA MET D 438 7.89 -20.04 10.29
C MET D 438 6.45 -19.92 9.80
N VAL D 439 6.09 -20.59 8.70
CA VAL D 439 4.74 -20.55 8.11
C VAL D 439 3.75 -21.13 9.11
N LYS D 440 4.06 -22.26 9.74
CA LYS D 440 3.12 -22.83 10.74
C LYS D 440 2.94 -21.88 11.94
N GLY D 441 3.96 -21.11 12.28
CA GLY D 441 3.88 -20.06 13.32
C GLY D 441 2.83 -19.00 12.99
N PHE D 442 2.57 -18.70 11.73
CA PHE D 442 1.49 -17.77 11.30
C PHE D 442 0.14 -18.48 11.21
N GLY D 443 0.09 -19.79 11.45
CA GLY D 443 -1.15 -20.52 11.16
C GLY D 443 -1.28 -20.87 9.67
N GLY D 444 -0.22 -20.69 8.86
CA GLY D 444 -0.24 -20.93 7.42
C GLY D 444 -0.29 -22.43 7.15
N VAL D 445 -1.00 -22.80 6.10
CA VAL D 445 -1.14 -24.24 5.70
C VAL D 445 -0.63 -24.40 4.27
N VAL D 446 0.57 -25.01 4.13
CA VAL D 446 1.14 -25.39 2.83
C VAL D 446 0.32 -26.56 2.29
N THR D 447 0.22 -26.58 0.99
CA THR D 447 -0.41 -27.67 0.24
C THR D 447 0.62 -28.78 0.08
N GLN D 448 0.15 -30.03 0.13
CA GLN D 448 1.02 -31.17 -0.23
C GLN D 448 0.76 -31.51 -1.71
N LEU D 449 1.81 -31.51 -2.50
CA LEU D 449 1.81 -31.98 -3.91
C LEU D 449 1.26 -33.40 -3.88
N THR D 450 0.48 -33.75 -4.87
CA THR D 450 0.18 -35.18 -5.21
C THR D 450 1.43 -35.75 -5.83
N PRO D 451 1.62 -37.09 -5.81
CA PRO D 451 2.71 -37.66 -6.59
C PRO D 451 2.67 -37.31 -8.10
N LYS D 452 1.47 -37.24 -8.67
CA LYS D 452 1.34 -36.83 -10.07
C LYS D 452 1.86 -35.41 -10.23
N GLN D 453 1.54 -34.49 -9.34
CA GLN D 453 2.01 -33.07 -9.51
C GLN D 453 3.51 -32.98 -9.27
N ALA D 454 4.03 -33.73 -8.29
CA ALA D 454 5.48 -33.76 -8.03
C ALA D 454 6.19 -34.24 -9.28
N GLU D 455 5.72 -35.36 -9.87
CA GLU D 455 6.37 -35.88 -11.09
C GLU D 455 6.31 -34.81 -12.19
N TYR D 456 5.17 -34.13 -12.32
CA TYR D 456 4.95 -33.14 -13.42
C TYR D 456 6.05 -32.09 -13.39
N ILE D 457 6.37 -31.57 -12.21
CA ILE D 457 7.40 -30.50 -12.07
C ILE D 457 8.77 -31.06 -11.66
N GLY D 458 8.95 -32.38 -11.57
CA GLY D 458 10.32 -32.92 -11.38
C GLY D 458 10.84 -32.76 -9.97
N VAL D 459 9.98 -32.82 -8.96
CA VAL D 459 10.42 -32.68 -7.55
C VAL D 459 9.84 -33.84 -6.73
N SER D 460 10.35 -33.94 -5.52
CA SER D 460 9.77 -34.73 -4.40
C SER D 460 8.58 -34.00 -3.78
N VAL D 461 7.58 -34.74 -3.34
CA VAL D 461 6.53 -34.21 -2.45
C VAL D 461 7.19 -33.54 -1.23
N GLU D 462 8.38 -34.01 -0.81
CA GLU D 462 9.09 -33.53 0.40
C GLU D 462 9.90 -32.27 0.12
N GLY D 463 10.01 -31.88 -1.14
CA GLY D 463 11.01 -30.93 -1.63
C GLY D 463 12.37 -31.56 -1.65
N PRO D 464 13.42 -30.84 -2.06
CA PRO D 464 13.34 -29.41 -2.36
C PRO D 464 12.50 -29.06 -3.60
N PHE D 465 11.89 -27.86 -3.61
CA PHE D 465 10.84 -27.51 -4.61
C PHE D 465 11.42 -26.72 -5.78
N LYS D 466 12.63 -26.20 -5.61
CA LYS D 466 13.24 -25.25 -6.54
C LYS D 466 14.66 -25.68 -6.84
N PRO D 467 15.15 -25.38 -8.06
CA PRO D 467 16.56 -25.52 -8.38
C PRO D 467 17.43 -24.52 -7.60
N ASP D 468 18.71 -24.83 -7.41
CA ASP D 468 19.69 -23.97 -6.69
C ASP D 468 19.79 -22.59 -7.35
N THR D 469 19.50 -22.48 -8.64
CA THR D 469 19.48 -21.19 -9.39
C THR D 469 18.34 -20.28 -8.91
N TYR D 470 17.32 -20.79 -8.26
CA TYR D 470 16.06 -20.05 -8.02
C TYR D 470 16.28 -18.87 -7.07
N ARG D 471 15.67 -17.72 -7.45
CA ARG D 471 16.01 -16.45 -6.74
C ARG D 471 14.88 -15.97 -5.82
N TYR D 472 13.72 -16.60 -5.84
CA TYR D 472 12.54 -16.23 -5.02
C TYR D 472 12.22 -14.73 -5.21
PA NAD E . 7.79 -20.21 -10.34
O1A NAD E . 8.56 -18.98 -9.98
O2A NAD E . 8.57 -21.54 -10.36
O5B NAD E . 6.47 -20.27 -9.47
C5B NAD E . 5.41 -21.24 -9.53
C4B NAD E . 5.09 -21.55 -8.12
O4B NAD E . 3.98 -22.47 -8.09
C3B NAD E . 6.19 -22.17 -7.26
O3B NAD E . 6.56 -21.29 -6.19
C2B NAD E . 5.55 -23.48 -6.75
O2B NAD E . 5.90 -23.86 -5.46
C1B NAD E . 4.10 -23.19 -6.89
N9A NAD E . 3.22 -24.36 -6.94
C8A NAD E . 3.40 -25.48 -7.72
N7A NAD E . 2.44 -26.39 -7.57
C5A NAD E . 1.58 -25.82 -6.65
C6A NAD E . 0.37 -26.26 -6.07
N6A NAD E . -0.17 -27.49 -6.27
N1A NAD E . -0.26 -25.43 -5.21
C2A NAD E . 0.33 -24.23 -4.91
N3A NAD E . 1.49 -23.74 -5.36
C4A NAD E . 2.05 -24.56 -6.24
O3 NAD E . 7.26 -19.93 -11.81
PN NAD E . 6.78 -18.54 -12.49
O1N NAD E . 7.95 -17.89 -13.15
O2N NAD E . 5.95 -17.84 -11.46
O5D NAD E . 5.85 -19.06 -13.67
C5D NAD E . 4.58 -19.66 -13.37
C4D NAD E . 3.86 -19.95 -14.66
O4D NAD E . 3.50 -18.71 -15.32
C3D NAD E . 4.68 -20.74 -15.67
O3D NAD E . 3.77 -21.60 -16.40
C2D NAD E . 5.29 -19.62 -16.56
O2D NAD E . 5.71 -20.08 -17.88
C1D NAD E . 4.05 -18.71 -16.62
N1N NAD E . 4.30 -17.24 -17.02
C2N NAD E . 3.22 -16.59 -17.51
C3N NAD E . 3.26 -15.21 -17.72
C7N NAD E . 2.14 -14.46 -18.25
O7N NAD E . 2.36 -13.43 -18.94
N7N NAD E . 0.90 -14.96 -18.12
C4N NAD E . 4.45 -14.50 -17.40
C5N NAD E . 5.55 -15.21 -16.92
C6N NAD E . 5.45 -16.59 -16.72
O5' ADN F . 3.90 -17.56 -22.27
C5' ADN F . 4.15 -16.82 -21.04
C4' ADN F . 5.05 -15.65 -21.41
O4' ADN F . 4.24 -14.63 -22.00
C3' ADN F . 5.77 -14.90 -20.31
O3' ADN F . 6.97 -15.63 -20.13
C2' ADN F . 5.95 -13.46 -20.88
O2' ADN F . 7.40 -13.33 -21.12
C1' ADN F . 5.01 -13.46 -22.10
N9 ADN F . 4.08 -12.28 -22.33
C8 ADN F . 3.30 -11.56 -21.44
N7 ADN F . 2.76 -10.45 -21.96
C5 ADN F . 3.26 -10.43 -23.27
C6 ADN F . 3.15 -9.50 -24.34
N6 ADN F . 2.54 -8.32 -24.26
N1 ADN F . 3.75 -9.79 -25.52
C2 ADN F . 4.47 -10.93 -25.60
N3 ADN F . 4.66 -11.86 -24.66
C4 ADN F . 4.04 -11.57 -23.52
C1 BU1 G . -8.68 -15.18 -41.82
C2 BU1 G . -8.46 -16.49 -41.05
C3 BU1 G . -9.21 -16.69 -39.78
C4 BU1 G . -9.96 -18.01 -39.71
O5 BU1 G . -7.99 -15.30 -43.11
O6 BU1 G . -9.38 -19.09 -40.45
C1 PDO H . -4.85 -15.35 -47.22
O1 PDO H . -5.32 -16.33 -46.28
C2 PDO H . -3.48 -14.77 -46.90
C3 PDO H . -2.64 -14.28 -48.08
O3 PDO H . -3.33 -13.40 -49.01
C1 PDO I . -6.06 -23.10 -41.22
O1 PDO I . -6.83 -22.10 -41.92
C2 PDO I . -6.87 -24.38 -41.07
C3 PDO I . -6.33 -25.42 -40.11
O3 PDO I . -6.95 -26.70 -40.31
K K J . 0.37 -4.99 -23.91
HG HG K . 3.48 -19.60 -24.78
HG HG L . 5.14 -19.81 -28.61
HG HG M . -3.44 -19.90 -36.48
HG HG N . 9.05 -32.23 -15.99
HG HG O . 0.55 -17.01 6.71
PA NAD P . -15.14 17.98 -5.07
O1A NAD P . -15.16 16.93 -3.94
O2A NAD P . -15.71 19.39 -4.86
O5B NAD P . -13.63 18.11 -5.51
C5B NAD P . -13.11 19.01 -6.54
C4B NAD P . -11.81 19.51 -6.07
O4B NAD P . -11.20 20.32 -7.11
C3B NAD P . -11.90 20.42 -4.81
O3B NAD P . -11.30 19.92 -3.62
C2B NAD P . -11.30 21.75 -5.28
O2B NAD P . -10.55 22.45 -4.30
C1B NAD P . -10.43 21.27 -6.41
N9A NAD P . -10.00 22.30 -7.37
C8A NAD P . -10.82 23.24 -7.96
N7A NAD P . -10.20 24.05 -8.77
C5A NAD P . -8.88 23.61 -8.74
C6A NAD P . -7.74 24.03 -9.42
N6A NAD P . -7.71 25.12 -10.21
N1A NAD P . -6.59 23.37 -9.17
C2A NAD P . -6.59 22.39 -8.25
N3A NAD P . -7.63 21.87 -7.59
C4A NAD P . -8.75 22.52 -7.87
O3 NAD P . -15.88 17.32 -6.33
PN NAD P . -15.90 15.78 -6.76
O1N NAD P . -14.50 15.32 -6.54
O2N NAD P . -17.10 15.10 -6.17
O5D NAD P . -16.24 15.95 -8.31
C5D NAD P . -15.24 16.46 -9.26
C4D NAD P . -15.78 16.31 -10.64
O4D NAD P . -15.93 14.91 -10.99
C3D NAD P . -17.16 16.91 -10.83
O3D NAD P . -17.22 17.48 -12.13
C2D NAD P . -18.09 15.71 -10.68
O2D NAD P . -19.42 15.88 -11.23
C1D NAD P . -17.26 14.67 -11.42
N1N NAD P . -17.58 13.25 -11.11
C2N NAD P . -17.15 12.40 -12.07
C3N NAD P . -17.21 11.03 -11.86
C7N NAD P . -16.80 10.03 -12.91
O7N NAD P . -17.37 8.88 -12.93
N7N NAD P . -15.95 10.43 -13.91
C4N NAD P . -17.67 10.55 -10.60
C5N NAD P . -18.13 11.46 -9.65
C6N NAD P . -18.08 12.82 -9.91
O5' ADN Q . -21.24 12.31 -14.77
C5' ADN Q . -20.36 11.91 -13.67
C4' ADN Q . -21.07 10.75 -12.98
O4' ADN Q . -20.86 9.54 -13.70
C3' ADN Q . -20.69 10.36 -11.56
O3' ADN Q . -21.39 11.28 -10.74
C2' ADN Q . -21.20 8.88 -11.45
O2' ADN Q . -22.27 8.82 -10.44
C1' ADN Q . -21.46 8.50 -12.94
N9 ADN Q . -20.95 7.19 -13.45
C8 ADN Q . -19.71 6.62 -13.29
N7 ADN Q . -19.63 5.38 -13.75
C5 ADN Q . -20.92 5.11 -14.20
C6 ADN Q . -21.53 3.94 -14.74
N6 ADN Q . -20.93 2.78 -14.88
N1 ADN Q . -22.82 4.01 -15.09
C2 ADN Q . -23.48 5.19 -14.92
N3 ADN Q . -23.05 6.33 -14.37
C4 ADN Q . -21.74 6.23 -14.05
C1 PDO R . -31.86 3.64 -36.13
O1 PDO R . -30.88 3.73 -37.16
C2 PDO R . -33.15 4.40 -36.43
C3 PDO R . -34.20 4.33 -35.33
O3 PDO R . -34.89 3.07 -35.23
C1 PDO S . -27.95 5.11 -35.67
O1 PDO S . -28.30 3.75 -35.94
C2 PDO S . -26.46 5.39 -35.67
C3 PDO S . -26.05 6.78 -35.22
O3 PDO S . -25.82 7.73 -36.25
K K T . -18.88 -0.62 -15.50
HG HG U . -27.03 13.18 -18.25
HG HG V . -23.12 13.63 -17.04
HG HG W . -27.33 10.40 -29.66
HG HG X . 2.78 18.03 1.00
HG HG Y . -21.40 28.66 -10.11
PA NAD Z . -16.23 8.15 15.75
O1A NAD Z . -15.73 8.81 14.51
O2A NAD Z . -17.64 8.45 16.17
O5B NAD Z . -15.99 6.57 15.61
C5B NAD Z . -16.32 5.57 16.60
C4B NAD Z . -16.94 4.45 15.80
O4B NAD Z . -17.23 3.39 16.71
C3B NAD Z . -18.25 4.76 15.05
O3B NAD Z . -18.18 4.71 13.63
C2B NAD Z . -19.25 3.74 15.61
O2B NAD Z . -20.28 3.29 14.72
C1B NAD Z . -18.30 2.67 16.14
N9A NAD Z . -18.90 1.77 17.13
C8A NAD Z . -19.63 2.12 18.24
N7A NAD Z . -19.98 1.10 18.99
C5A NAD Z . -19.46 0.01 18.32
C6A NAD Z . -19.47 -1.36 18.60
N6A NAD Z . -20.07 -1.87 19.66
N1A NAD Z . -18.82 -2.19 17.73
C2A NAD Z . -18.22 -1.67 16.66
N3A NAD Z . -18.15 -0.39 16.31
C4A NAD Z . -18.81 0.41 17.17
O3 NAD Z . -15.15 8.53 16.89
PN NAD Z . -13.58 8.84 16.82
O1N NAD Z . -13.07 7.74 15.90
O2N NAD Z . -13.31 10.28 16.44
O5D NAD Z . -13.14 8.53 18.31
C5D NAD Z . -13.17 7.20 18.90
C4D NAD Z . -12.58 7.34 20.29
O4D NAD Z . -11.16 7.69 20.22
C3D NAD Z . -13.20 8.46 21.16
O3D NAD Z . -13.25 7.96 22.53
C2D NAD Z . -12.22 9.60 21.00
O2D NAD Z . -12.31 10.57 22.05
C1D NAD Z . -10.92 8.85 20.98
N1N NAD Z . -9.79 9.52 20.40
C2N NAD Z . -8.61 9.01 20.81
C3N NAD Z . -7.43 9.47 20.25
C7N NAD Z . -6.06 8.96 20.65
O7N NAD Z . -5.04 9.72 20.45
N7N NAD Z . -5.97 7.78 21.37
C4N NAD Z . -7.50 10.40 19.16
C5N NAD Z . -8.73 10.90 18.78
C6N NAD Z . -9.89 10.43 19.40
O5' ADN AA . -7.85 11.99 24.75
C5' ADN AA . -7.82 11.68 23.31
C4' ADN AA . -7.07 12.78 22.56
O4' ADN AA . -5.67 12.56 22.68
C3' ADN AA . -7.23 12.89 21.06
O3' ADN AA . -8.46 13.56 20.80
C2' ADN AA . -5.93 13.65 20.62
O2' ADN AA . -6.30 15.00 20.17
C1' ADN AA . -5.04 13.53 21.89
N9 ADN AA . -3.60 13.18 21.76
C8 ADN AA . -2.99 12.17 21.04
N7 ADN AA . -1.68 12.26 20.96
C5 ADN AA . -1.40 13.41 21.71
C6 ADN AA . -0.20 14.08 22.02
N6 ADN AA . 0.99 13.71 21.60
N1 ADN AA . -0.27 15.14 22.89
C2 ADN AA . -1.46 15.49 23.38
N3 ADN AA . -2.68 14.99 23.13
C4 ADN AA . -2.58 13.95 22.24
C1 PDO BA . 4.60 11.49 42.61
O1 PDO BA . 4.14 10.63 43.66
C2 PDO BA . 6.03 11.98 42.62
C3 PDO BA . 6.50 12.80 43.81
O3 PDO BA . 7.03 14.07 43.45
C1 PDO CA . 6.31 19.53 44.48
O1 PDO CA . 6.47 18.28 45.15
C2 PDO CA . 6.97 20.68 45.22
C3 PDO CA . 7.94 21.55 44.43
O3 PDO CA . 9.13 21.80 45.18
C1 PDO DA . -18.68 28.43 1.12
O1 PDO DA . -19.41 29.59 1.37
C2 PDO DA . -18.15 28.39 -0.30
C3 PDO DA . -19.20 28.28 -1.41
O3 PDO DA . -19.35 26.96 -1.96
K K EA . 4.57 12.40 20.31
HG HG FA . -8.44 12.64 27.79
HG HG GA . -7.93 15.97 30.28
HG HG HA . -1.22 13.27 39.35
HG HG IA . -16.75 -6.54 3.43
HG HG JA . -24.68 9.98 26.04
PA NAD KA . 23.10 -6.09 -0.57
O1A NAD KA . 24.38 -6.41 -1.24
O2A NAD KA . 21.85 -6.90 -0.82
O5B NAD KA . 22.68 -4.54 -0.87
C5B NAD KA . 23.65 -3.48 -0.75
C4B NAD KA . 23.27 -2.57 -1.87
O4B NAD KA . 24.03 -1.36 -1.77
C3B NAD KA . 23.59 -3.17 -3.27
O3B NAD KA . 22.47 -3.44 -4.11
C2B NAD KA . 24.60 -2.18 -3.87
O2B NAD KA . 24.44 -2.02 -5.26
C1B NAD KA . 24.22 -0.90 -3.10
N9A NAD KA . 25.26 0.13 -3.09
C8A NAD KA . 26.59 -0.02 -2.85
N7A NAD KA . 27.26 1.10 -2.89
C5A NAD KA . 26.31 2.05 -3.20
C6A NAD KA . 26.38 3.44 -3.37
N6A NAD KA . 27.52 4.13 -3.31
N1A NAD KA . 25.25 4.11 -3.61
C2A NAD KA . 24.09 3.42 -3.68
N3A NAD KA . 23.89 2.09 -3.57
C4A NAD KA . 25.06 1.46 -3.31
O3 NAD KA . 23.39 -6.14 1.01
PN NAD KA . 22.32 -6.23 2.20
O1N NAD KA . 22.03 -7.64 2.56
O2N NAD KA . 21.17 -5.35 1.78
O5D NAD KA . 23.11 -5.62 3.39
C5D NAD KA . 23.48 -4.23 3.44
C4D NAD KA . 24.15 -3.95 4.76
O4D NAD KA . 23.18 -4.18 5.81
C3D NAD KA . 25.35 -4.84 5.10
O3D NAD KA . 26.31 -4.06 5.82
C2D NAD KA . 24.72 -5.90 6.01
O2D NAD KA . 25.64 -6.58 6.86
C1D NAD KA . 23.72 -5.05 6.79
N1N NAD KA . 22.57 -5.73 7.48
C2N NAD KA . 22.04 -5.00 8.48
C3N NAD KA . 20.86 -5.39 9.09
C7N NAD KA . 20.28 -4.67 10.28
O7N NAD KA . 19.56 -5.36 11.14
N7N NAD KA . 20.70 -3.36 10.52
C4N NAD KA . 20.19 -6.52 8.57
C5N NAD KA . 20.77 -7.25 7.53
C6N NAD KA . 21.97 -6.84 7.02
O5' ADN LA . 24.91 -6.88 12.20
C5' ADN LA . 23.75 -6.88 11.36
C4' ADN LA . 22.87 -8.07 11.71
O4' ADN LA . 22.02 -7.74 12.82
C3' ADN LA . 21.87 -8.52 10.66
O3' ADN LA . 22.53 -9.40 9.73
C2' ADN LA . 20.73 -9.17 11.49
O2' ADN LA . 20.65 -10.58 11.22
C1' ADN LA . 21.12 -8.80 12.93
N9 ADN LA . 20.03 -8.37 13.82
C8 ADN LA . 18.97 -7.54 13.55
N7 ADN LA . 18.08 -7.46 14.52
C5 ADN LA . 18.59 -8.32 15.50
C6 ADN LA . 18.11 -8.72 16.76
N6 ADN LA . 16.92 -8.36 17.25
N1 ADN LA . 18.87 -9.57 17.47
C2 ADN LA . 20.04 -9.98 16.97
N3 ADN LA . 20.61 -9.70 15.79
C4 ADN LA . 19.81 -8.87 15.08
C1 BU1 MA . 29.37 -2.08 35.53
C2 BU1 MA . 29.08 -2.24 34.05
C3 BU1 MA . 29.15 -0.93 33.26
C4 BU1 MA . 30.28 -0.85 32.24
O5 BU1 MA . 29.54 -3.35 36.18
O6 BU1 MA . 31.31 0.08 32.58
K K NA . 13.54 -7.01 18.90
HG HG OA . 27.68 -6.92 13.75
HG HG PA . 29.38 -9.43 16.44
HG HG QA . 31.53 -3.95 26.55
HG HG RA . 12.64 5.46 -11.66
HG HG SA . 36.45 -6.31 -0.63
CL CL TA . -1.57 -38.66 -7.66
#